data_6QLF
#
_entry.id   6QLF
#
_cell.length_a   1.00
_cell.length_b   1.00
_cell.length_c   1.00
_cell.angle_alpha   90.00
_cell.angle_beta   90.00
_cell.angle_gamma   90.00
#
_symmetry.space_group_name_H-M   'P 1'
#
loop_
_entity.id
_entity.type
_entity.pdbx_description
1 polymer 'Inner kinetochore subunit IML3'
2 polymer 'Inner kinetochore subunit CHL4'
3 polymer 'Inner kinetochore subunit MCM21'
4 polymer 'Inner kinetochore subunit CTF19'
5 polymer 'Inner kinetochore subunit OKP1'
6 polymer 'Inner kinetochore subunit AME1'
7 polymer 'Inner kinetochore subunit NKP1'
8 polymer 'Inner kinetochore subunit NKP2'
#
loop_
_entity_poly.entity_id
_entity_poly.type
_entity_poly.pdbx_seq_one_letter_code
_entity_poly.pdbx_strand_id
1 'polypeptide(L)'
;MPYTWKFLGISKQLSLENGIAKLNQLLNLEVDLDIQTIRVPSDPDGGTAADEYIRYEMRLDISNLDEGTYSKFIFLGNSK
MEVPMFLCYCGTDNRNEVVLQWLKAEYGVIMWPIKFEQKTMIKLADASIVHVTKENIEQITWFSSKLYFEPETQDKNLRQ
FSIEIPRESCEGLALGYGNTMHPYNDAIVPYIYNETGMAVERLPLTSVILAGHTKIMRESIVTSTRSLRNRVLAVVLQSI
QFTSE
;
L
2 'polypeptide(L)'
;MSNELRLEDNYVPTSDTLVVFKQLMKLPVTVLYDLTLSWFAKFGGSFDGDIYLLTETLDLLIEKGVRRNVIVNRILYVYW
PDGLNVFQLAEIDCHLMISKPEKFKWLPSKALRGDGKPYVVKLQPAKFIENLQTDLAKIYHCHVYMFKHPSLPVLITRIQ
LFDSNNLFLSTPNIGSINKESLYNKLDKFQGKPLISRRPYYVAFPLNSPIIFHSVDKDIYARLVLQSISRTISERETIIF
KPVQKIPVKSIHNIMTLLGPSRFAESMGPWECYASANFERSPLHDYKKHQGLTGKKVMVREFDDSFLNDDENFYGKEEPE
IRRLRLEKNMIKFKGSANGVMDQKYNDLKEFNEHVHNIRNGKKNEDSGEPVYISRYSSLVPIEKVGFTLKNEINSRIITI
KLKFNGNDIFGGLHELCDKNLINIDKVPGWLAGENGSFSGTIMNGDFQREQVAKGGLLENLYFQ
;
N
3 'polypeptide(L)'
;MSRIDDLQQDIESLLSEINSLEESREKLKAKIKDKRKNEESANPIVQEFEDLFDQFPQLNNFLFNEHPELEETDDKDISR
AQADIPATPIPYEPKKRAKLENEEILPEQEWVLKTQPMVQHQMFDPGVADLLDTDILTSPSKRKRKLKIDDISTSDRSEL
EDYIVLENVYRMFGITFFPLVDPIDLKIKDASGEIFVDREMLGIRLEVFSERTSQFEKPHYVLLKKRIKSNSWFLFKHTI
PSFIDVQGIFDDTNGGLVISHDDAYLFAKRVFLQLVEVQKRRQIFKDLEAKKIIHDLDLDLESSMVSFFVKDIKVELFVK
QNEIVSCSILDDIHDFSQNNKSKWEIALLGSLDDLELKLNHSFATIFK
;
O
4 'polypeptide(L)'
;MDFTSDTTNSHDTSNSHLSLEDAVGTHHAGEADVNIDGDEKQQLSLLDDDQVRALKLQEEKDALLTRRNTLLQEIQTYQN
ILMKENNSKTKNGDILQNDITQDFLNLISISSSNPNSAISDRKRVERINGLTNLQKELVTKYDTLPLLNMNLRLSYLRDH
TYPHLQVSVQSRDRVHNDGIEVLVVNYKFCRNTMNPFEIQFKMFYKFEDSTLLKWEILRISTNVRLKAKQLLATRNFQKC
LLSLYEFDKIKSKKTGIFQNLINLLKRKTRCYLMNNSDSLIVERVIREGRLTTIKLQINFIITMPGERGKPRNCFLPMSK
ISIALWKGGERFNQIDLDEICYGLIKEYGVKTGLKEICNVCLFPDMYAR
;
P
5 'polypeptide(L)'
;MAADRDNFLQNIENDSINNGQAMDLSPNRSSSESDSSILMNVNDIKTLRLDVAPEAKSTQSKKSLFYENSDDAEEGEIEE
RTNKEEGQYHHKGSKQLRFEVGKESTGKLQSHLSDGSATSGEGNVRPWEFRKVIQAEYRERLPRNYELKHWKKPSKIMIG
SILRLLETNTVSALDSVFEKYEKEMNQMTHGDNNEVKRIYSKKERLLEIILTKIKKKLRQAKFPSRISERDLDIEYIYSK
RQFIQNRYSQELQNNERLEAILSREQNLLEETRKLCMNLKTNNKKRLTEKLIQKDLHPVLNKAMEYTYGLESTNGFMHPD
GPVTFRNDSHELNLMLNDPIKSTADVRLDKEEVLSLLPSLKEYTKKSKELKETMGQMISDSHEEEIKEVFVPHHESHQDK
TEEDIH
;
Q
6 'polypeptide(L)'
;MDRDTKLAFRLRGSHSRRTDDIDDDVIVFKTPNAVYREENSPIQSPVQPILSSPKLANSFEFPITTNNVNAQDRHEHGYQ
PLDAEDYPMIDSENKSLISESPQNVRNDEDLTTRYNFDDIPIRQLSSSITSVTTIDVLSSLFINLFENDLIPQALKDFNK
SDDDQFRKLLYKLDLRLFQTISDQMTRDLKDILDINVSNNELCYQLKQVLARKEDLNQQIISVRNEIQELKAGKDWHDLQ
NEQAKLNDKVKLNKRLNDLTSTLLGKYEGDRKIMSQDSEDDSIRDDSNILDIAHFVDLMDPYNGLLKKINKINENLSNEL
;
U
7 'polypeptide(L)'
;MTDTYNSISNFIENELTALLSSDDYLMDDLAGELPNEVCRLLKAQVIEKRKDAMSRGKQDLLSKEIYDNESELRASQSQQ
IMELVGDIPKYSLGSELRNRVEGEPQSTSIERLIEDVLKLPQMEVADEEEVEVENDLKVLSEYSNLRKDLILKCQALQIG
ESKLSDILSQTNSINSLTTSIKEASEDDDISEYFATYNGKLVVALEEMKLLLEEAVKTFGNSPEKREKIKKILSELKK
;
Y
8 'polypeptide(L)'
;MNSEQLLHNYVSDSLLTTLISFQEFKQQLQSYTSDEQQLQHWYELLQARDARVTSELEARIKQFFITLRSRLLRFLESEQ
LSHSLSLETLIDALYKINDLLQQRLQILDDAIQEKTSELAEFENMVRSPSAGDNAIPGLLQIIQSYINLLEEN
;
Z
#
# COMPACT_ATOMS: atom_id res chain seq x y z
N PRO A 2 4.10 7.03 -50.21
CA PRO A 2 2.71 6.59 -50.06
C PRO A 2 2.03 6.35 -51.40
N TYR A 3 2.66 5.55 -52.25
CA TYR A 3 2.14 5.23 -53.58
C TYR A 3 1.48 3.85 -53.51
N THR A 4 0.16 3.84 -53.24
CA THR A 4 -0.55 2.59 -53.04
C THR A 4 -0.76 1.87 -54.35
N TRP A 5 0.02 0.82 -54.58
CA TRP A 5 -0.10 0.00 -55.78
C TRP A 5 -1.36 -0.82 -55.72
N LYS A 6 -1.88 -1.22 -56.87
CA LYS A 6 -3.06 -2.05 -56.98
C LYS A 6 -2.86 -3.04 -58.12
N PHE A 7 -3.14 -4.31 -57.85
CA PHE A 7 -2.71 -5.40 -58.72
C PHE A 7 -3.91 -5.99 -59.43
N LEU A 8 -3.70 -6.39 -60.69
CA LEU A 8 -4.72 -7.08 -61.47
C LEU A 8 -4.06 -8.24 -62.21
N GLY A 9 -4.86 -9.03 -62.90
CA GLY A 9 -4.32 -10.13 -63.67
C GLY A 9 -4.64 -10.00 -65.14
N ILE A 10 -3.89 -10.73 -65.96
CA ILE A 10 -3.99 -10.64 -67.41
C ILE A 10 -3.95 -12.06 -67.98
N SER A 11 -4.91 -12.39 -68.84
CA SER A 11 -5.09 -13.78 -69.26
C SER A 11 -4.21 -14.15 -70.44
N LYS A 12 -3.75 -13.18 -71.22
CA LYS A 12 -3.00 -13.45 -72.43
C LYS A 12 -1.78 -12.53 -72.53
N GLN A 13 -0.63 -13.12 -72.87
CA GLN A 13 0.63 -12.39 -72.99
C GLN A 13 0.52 -11.39 -74.14
N LEU A 14 0.49 -10.11 -73.81
CA LEU A 14 0.24 -9.05 -74.77
C LEU A 14 1.46 -8.16 -74.92
N SER A 15 1.91 -8.02 -76.16
CA SER A 15 2.96 -7.08 -76.53
C SER A 15 2.32 -5.73 -76.76
N LEU A 16 2.97 -4.66 -76.30
CA LEU A 16 2.42 -3.32 -76.46
C LEU A 16 3.18 -2.50 -77.51
N GLU A 17 3.83 -3.16 -78.46
CA GLU A 17 4.35 -2.44 -79.62
C GLU A 17 3.21 -1.91 -80.49
N ASN A 18 2.12 -2.66 -80.57
CA ASN A 18 0.91 -2.22 -81.25
C ASN A 18 -0.09 -1.74 -80.20
N GLY A 19 -1.06 -0.95 -80.64
CA GLY A 19 -2.07 -0.43 -79.75
C GLY A 19 -1.67 0.81 -78.97
N ILE A 20 -0.36 1.04 -78.78
CA ILE A 20 0.07 2.22 -78.02
C ILE A 20 -0.16 3.49 -78.84
N ALA A 21 -0.23 3.37 -80.18
CA ALA A 21 -0.65 4.49 -81.00
C ALA A 21 -2.13 4.78 -80.80
N LYS A 22 -2.94 3.75 -80.56
CA LYS A 22 -4.34 3.98 -80.25
C LYS A 22 -4.50 4.60 -78.86
N LEU A 23 -3.60 4.27 -77.93
CA LEU A 23 -3.64 4.91 -76.61
C LEU A 23 -3.23 6.38 -76.71
N ASN A 24 -2.23 6.69 -77.55
CA ASN A 24 -1.87 8.08 -77.76
C ASN A 24 -2.94 8.83 -78.54
N GLN A 25 -3.73 8.12 -79.35
CA GLN A 25 -4.87 8.74 -80.01
C GLN A 25 -6.00 9.03 -79.01
N LEU A 26 -6.22 8.10 -78.08
CA LEU A 26 -7.35 8.24 -77.15
C LEU A 26 -7.06 9.24 -76.03
N LEU A 27 -5.81 9.33 -75.57
CA LEU A 27 -5.49 10.19 -74.44
C LEU A 27 -4.73 11.45 -74.81
N ASN A 28 -4.36 11.62 -76.09
CA ASN A 28 -3.64 12.78 -76.67
C ASN A 28 -2.38 13.18 -75.88
N LEU A 29 -1.76 12.21 -75.22
CA LEU A 29 -0.48 12.40 -74.54
C LEU A 29 0.57 11.56 -75.24
N GLU A 30 1.78 11.54 -74.68
CA GLU A 30 2.88 10.75 -75.20
C GLU A 30 3.33 9.78 -74.12
N VAL A 31 2.69 8.62 -74.06
CA VAL A 31 3.08 7.59 -73.12
C VAL A 31 4.32 6.89 -73.65
N ASP A 32 5.11 6.33 -72.73
CA ASP A 32 6.41 5.78 -73.06
C ASP A 32 6.50 4.33 -72.59
N LEU A 33 7.37 3.58 -73.24
CA LEU A 33 7.63 2.19 -72.87
C LEU A 33 9.13 1.98 -72.76
N ASP A 34 9.51 0.90 -72.10
CA ASP A 34 10.87 0.38 -72.15
C ASP A 34 10.81 -1.14 -72.16
N ILE A 35 11.57 -1.76 -73.05
CA ILE A 35 11.50 -3.20 -73.21
C ILE A 35 12.68 -3.81 -72.46
N GLN A 36 12.46 -4.19 -71.22
CA GLN A 36 13.50 -4.82 -70.42
C GLN A 36 13.28 -6.33 -70.38
N THR A 37 14.37 -7.08 -70.42
CA THR A 37 14.30 -8.53 -70.20
C THR A 37 15.07 -8.81 -68.92
N ILE A 38 14.39 -8.67 -67.80
CA ILE A 38 15.01 -8.85 -66.49
C ILE A 38 15.12 -10.33 -66.20
N ARG A 39 15.94 -10.66 -65.20
CA ARG A 39 16.23 -12.05 -64.85
C ARG A 39 16.29 -12.16 -63.33
N VAL A 40 15.30 -12.84 -62.74
CA VAL A 40 15.25 -13.01 -61.26
C VAL A 40 16.22 -14.11 -60.83
N PRO A 41 16.63 -14.17 -59.55
CA PRO A 41 17.58 -15.19 -59.05
C PRO A 41 18.82 -15.36 -59.96
N SER A 42 19.66 -14.33 -60.02
CA SER A 42 20.86 -14.36 -60.84
C SER A 42 21.90 -15.36 -60.33
N ASP A 43 21.64 -15.98 -59.18
CA ASP A 43 22.50 -17.05 -58.68
C ASP A 43 22.39 -18.26 -59.60
N PRO A 44 23.50 -18.96 -59.86
CA PRO A 44 23.51 -20.01 -60.88
C PRO A 44 22.78 -21.30 -60.51
N ASP A 45 22.11 -21.36 -59.36
CA ASP A 45 21.33 -22.54 -59.00
C ASP A 45 19.87 -22.35 -59.40
N GLY A 46 19.66 -22.12 -60.70
CA GLY A 46 18.31 -22.03 -61.23
C GLY A 46 18.10 -22.90 -62.46
N GLY A 47 19.20 -23.28 -63.11
CA GLY A 47 19.15 -24.09 -64.30
C GLY A 47 18.79 -23.37 -65.59
N THR A 48 18.35 -22.11 -65.50
CA THR A 48 17.83 -21.29 -66.60
C THR A 48 16.72 -22.05 -67.35
N ALA A 49 15.65 -22.31 -66.60
CA ALA A 49 14.44 -22.95 -67.13
C ALA A 49 13.27 -22.04 -66.77
N ALA A 50 12.80 -21.27 -67.76
CA ALA A 50 11.76 -20.25 -67.61
C ALA A 50 12.11 -19.26 -66.50
N ASP A 51 13.27 -18.63 -66.64
CA ASP A 51 13.79 -17.71 -65.63
C ASP A 51 13.73 -16.25 -66.06
N GLU A 52 13.58 -15.97 -67.34
CA GLU A 52 13.57 -14.61 -67.84
C GLU A 52 12.16 -14.07 -67.89
N TYR A 53 12.01 -12.81 -67.46
CA TYR A 53 10.73 -12.13 -67.47
C TYR A 53 10.84 -10.92 -68.38
N ILE A 54 9.70 -10.37 -68.78
CA ILE A 54 9.63 -9.22 -69.67
C ILE A 54 8.80 -8.16 -68.97
N ARG A 55 9.37 -6.97 -68.80
CA ARG A 55 8.75 -5.93 -67.99
C ARG A 55 8.47 -4.69 -68.83
N TYR A 56 7.20 -4.27 -68.84
CA TYR A 56 6.77 -3.11 -69.61
C TYR A 56 6.38 -2.00 -68.63
N GLU A 57 7.35 -1.17 -68.25
CA GLU A 57 7.03 0.01 -67.47
C GLU A 57 6.40 1.07 -68.36
N MET A 58 5.15 1.43 -68.08
CA MET A 58 4.40 2.32 -68.95
C MET A 58 4.00 3.56 -68.15
N ARG A 59 4.76 4.63 -68.27
CA ARG A 59 4.50 5.84 -67.53
C ARG A 59 3.56 6.75 -68.33
N LEU A 60 2.67 7.45 -67.62
CA LEU A 60 1.93 8.56 -68.20
C LEU A 60 2.78 9.79 -68.04
N ASP A 61 3.34 10.29 -69.15
CA ASP A 61 4.37 11.33 -69.12
C ASP A 61 3.75 12.68 -68.75
N ILE A 62 3.38 12.81 -67.48
CA ILE A 62 2.97 14.07 -66.88
C ILE A 62 4.11 14.49 -65.98
N SER A 63 4.31 15.79 -65.78
CA SER A 63 5.40 16.27 -64.94
C SER A 63 5.13 15.96 -63.48
N ASN A 64 6.16 16.16 -62.65
CA ASN A 64 6.14 15.79 -61.24
C ASN A 64 5.71 16.94 -60.34
N LEU A 65 4.82 17.81 -60.83
CA LEU A 65 4.28 18.88 -60.01
C LEU A 65 3.35 18.34 -58.93
N ASP A 66 2.72 17.19 -59.20
CA ASP A 66 1.90 16.50 -58.22
C ASP A 66 2.28 15.02 -58.25
N GLU A 67 1.92 14.29 -57.20
CA GLU A 67 2.28 12.88 -57.11
C GLU A 67 1.13 11.96 -57.48
N GLY A 68 -0.11 12.33 -57.17
CA GLY A 68 -1.25 11.53 -57.56
C GLY A 68 -1.53 11.57 -59.05
N THR A 69 -1.05 12.61 -59.73
CA THR A 69 -1.21 12.70 -61.17
C THR A 69 -0.17 11.89 -61.93
N TYR A 70 0.86 11.37 -61.26
CA TYR A 70 1.89 10.58 -61.90
C TYR A 70 1.66 9.12 -61.50
N SER A 71 1.22 8.31 -62.46
CA SER A 71 0.75 6.96 -62.18
C SER A 71 1.43 6.00 -63.15
N LYS A 72 2.40 5.23 -62.65
CA LYS A 72 3.04 4.21 -63.47
C LYS A 72 2.08 3.05 -63.72
N PHE A 73 2.41 2.26 -64.74
CA PHE A 73 1.70 1.02 -65.05
C PHE A 73 2.74 -0.05 -65.32
N ILE A 74 3.20 -0.71 -64.28
CA ILE A 74 4.26 -1.70 -64.44
C ILE A 74 3.65 -3.04 -64.79
N PHE A 75 3.91 -3.50 -66.01
CA PHE A 75 3.57 -4.84 -66.42
C PHE A 75 4.71 -5.77 -66.09
N LEU A 76 4.45 -7.07 -66.14
CA LEU A 76 5.49 -8.10 -66.11
C LEU A 76 4.86 -9.36 -66.67
N GLY A 77 5.66 -10.13 -67.40
CA GLY A 77 5.11 -11.29 -68.07
C GLY A 77 6.16 -12.34 -68.35
N ASN A 78 5.66 -13.55 -68.62
CA ASN A 78 6.49 -14.67 -69.02
C ASN A 78 5.63 -15.60 -69.86
N SER A 79 6.13 -15.98 -71.03
CA SER A 79 5.36 -16.76 -71.99
C SER A 79 5.47 -18.26 -71.77
N LYS A 80 5.86 -18.71 -70.57
CA LYS A 80 5.97 -20.12 -70.27
C LYS A 80 5.01 -20.60 -69.18
N MET A 81 4.39 -19.69 -68.43
CA MET A 81 3.55 -20.07 -67.31
C MET A 81 2.11 -20.28 -67.75
N GLU A 82 1.22 -20.42 -66.76
CA GLU A 82 -0.19 -20.63 -67.04
C GLU A 82 -0.91 -19.30 -67.17
N VAL A 83 -0.87 -18.47 -66.14
CA VAL A 83 -1.28 -17.07 -66.23
C VAL A 83 -0.07 -16.26 -66.66
N PRO A 84 -0.05 -15.70 -67.86
CA PRO A 84 1.21 -15.23 -68.44
C PRO A 84 1.65 -13.86 -67.94
N MET A 85 0.72 -12.97 -67.60
CA MET A 85 1.08 -11.61 -67.26
C MET A 85 0.29 -11.13 -66.05
N PHE A 86 0.65 -9.94 -65.59
CA PHE A 86 -0.14 -9.17 -64.64
C PHE A 86 0.25 -7.72 -64.79
N LEU A 87 -0.53 -6.83 -64.19
CA LEU A 87 -0.25 -5.41 -64.23
C LEU A 87 -0.51 -4.80 -62.86
N CYS A 88 0.31 -3.82 -62.49
CA CYS A 88 0.15 -3.12 -61.23
C CYS A 88 0.33 -1.64 -61.48
N TYR A 89 -0.51 -0.82 -60.85
CA TYR A 89 -0.48 0.62 -61.09
C TYR A 89 -0.69 1.38 -59.79
N CYS A 90 0.05 2.47 -59.64
CA CYS A 90 -0.07 3.36 -58.50
C CYS A 90 -0.93 4.55 -58.87
N GLY A 91 -0.99 5.54 -57.98
CA GLY A 91 -1.67 6.78 -58.25
C GLY A 91 -3.18 6.67 -58.19
N THR A 92 -3.84 7.81 -58.40
CA THR A 92 -5.28 7.92 -58.37
C THR A 92 -5.78 8.83 -59.49
N ASP A 93 -5.01 8.89 -60.57
CA ASP A 93 -5.38 9.66 -61.75
C ASP A 93 -6.57 9.00 -62.44
N ASN A 94 -7.38 9.81 -63.11
CA ASN A 94 -8.60 9.31 -63.72
C ASN A 94 -8.37 8.76 -65.13
N ARG A 95 -7.12 8.75 -65.60
CA ARG A 95 -6.82 8.09 -66.87
C ARG A 95 -6.58 6.61 -66.70
N ASN A 96 -6.56 6.12 -65.46
CA ASN A 96 -6.31 4.71 -65.19
C ASN A 96 -7.46 3.85 -65.70
N GLU A 97 -8.69 4.31 -65.49
CA GLU A 97 -9.85 3.61 -66.04
C GLU A 97 -9.84 3.67 -67.57
N VAL A 98 -9.29 4.74 -68.14
CA VAL A 98 -9.23 4.88 -69.59
C VAL A 98 -8.26 3.87 -70.18
N VAL A 99 -7.08 3.72 -69.57
CA VAL A 99 -6.11 2.79 -70.14
C VAL A 99 -6.50 1.34 -69.83
N LEU A 100 -7.20 1.08 -68.71
CA LEU A 100 -7.74 -0.25 -68.47
C LEU A 100 -8.85 -0.59 -69.47
N GLN A 101 -9.69 0.39 -69.81
CA GLN A 101 -10.73 0.19 -70.81
C GLN A 101 -10.13 -0.06 -72.19
N TRP A 102 -9.04 0.66 -72.51
CA TRP A 102 -8.35 0.42 -73.78
C TRP A 102 -7.74 -0.98 -73.82
N LEU A 103 -7.11 -1.40 -72.72
CA LEU A 103 -6.48 -2.71 -72.68
C LEU A 103 -7.50 -3.84 -72.74
N LYS A 104 -8.71 -3.61 -72.23
CA LYS A 104 -9.77 -4.59 -72.39
C LYS A 104 -10.31 -4.59 -73.82
N ALA A 105 -10.58 -3.40 -74.37
CA ALA A 105 -11.33 -3.32 -75.62
C ALA A 105 -10.43 -3.43 -76.85
N GLU A 106 -9.12 -3.51 -76.67
CA GLU A 106 -8.25 -3.64 -77.84
C GLU A 106 -7.64 -5.03 -77.91
N TYR A 107 -7.36 -5.64 -76.77
CA TYR A 107 -6.70 -6.95 -76.76
C TYR A 107 -7.65 -8.09 -76.41
N GLY A 108 -8.73 -7.82 -75.70
CA GLY A 108 -9.67 -8.85 -75.33
C GLY A 108 -9.12 -9.79 -74.28
N VAL A 109 -8.77 -9.24 -73.11
CA VAL A 109 -8.19 -10.00 -72.02
C VAL A 109 -9.10 -9.90 -70.81
N ILE A 110 -8.97 -10.87 -69.91
CA ILE A 110 -9.82 -11.00 -68.74
C ILE A 110 -9.02 -10.51 -67.53
N MET A 111 -9.53 -9.49 -66.86
CA MET A 111 -8.85 -8.90 -65.71
C MET A 111 -9.60 -9.27 -64.44
N TRP A 112 -8.85 -9.61 -63.41
CA TRP A 112 -9.40 -9.83 -62.07
C TRP A 112 -8.47 -9.21 -61.04
N PRO A 113 -9.01 -8.61 -59.98
CA PRO A 113 -8.14 -8.12 -58.91
C PRO A 113 -7.49 -9.27 -58.16
N ILE A 114 -6.27 -9.02 -57.67
CA ILE A 114 -5.46 -10.04 -57.04
C ILE A 114 -5.48 -9.81 -55.54
N LYS A 115 -5.87 -10.84 -54.80
CA LYS A 115 -5.86 -10.84 -53.34
C LYS A 115 -4.78 -11.82 -52.87
N PHE A 116 -3.97 -11.37 -51.91
CA PHE A 116 -2.83 -12.15 -51.45
C PHE A 116 -3.22 -13.06 -50.29
N GLU A 117 -2.58 -14.22 -50.23
CA GLU A 117 -2.71 -15.14 -49.10
C GLU A 117 -1.79 -14.68 -47.98
N GLN A 118 -1.59 -15.54 -46.97
CA GLN A 118 -0.67 -15.19 -45.90
C GLN A 118 0.77 -15.53 -46.25
N LYS A 119 1.00 -16.70 -46.84
CA LYS A 119 2.35 -17.08 -47.23
C LYS A 119 2.84 -16.25 -48.41
N THR A 120 1.92 -15.72 -49.22
CA THR A 120 2.32 -14.81 -50.29
C THR A 120 2.77 -13.47 -49.72
N MET A 121 2.11 -13.00 -48.65
CA MET A 121 2.58 -11.79 -47.98
C MET A 121 3.93 -12.01 -47.29
N ILE A 122 4.15 -13.22 -46.76
CA ILE A 122 5.44 -13.55 -46.17
C ILE A 122 6.52 -13.58 -47.24
N LYS A 123 6.22 -14.15 -48.42
CA LYS A 123 7.19 -14.16 -49.50
C LYS A 123 7.35 -12.80 -50.16
N LEU A 124 6.39 -11.89 -49.97
CA LEU A 124 6.53 -10.54 -50.50
C LEU A 124 7.38 -9.68 -49.59
N ALA A 125 7.23 -9.83 -48.28
CA ALA A 125 8.16 -9.17 -47.36
C ALA A 125 9.52 -9.84 -47.36
N ASP A 126 9.59 -11.08 -47.84
CA ASP A 126 10.86 -11.77 -47.96
C ASP A 126 11.70 -11.20 -49.09
N ALA A 127 11.04 -10.69 -50.14
CA ALA A 127 11.72 -10.24 -51.34
C ALA A 127 11.73 -8.73 -51.49
N SER A 128 11.08 -8.00 -50.58
CA SER A 128 11.09 -6.54 -50.63
C SER A 128 12.25 -5.93 -49.86
N ILE A 129 13.19 -6.75 -49.40
CA ILE A 129 14.39 -6.25 -48.73
C ILE A 129 15.67 -6.64 -49.46
N VAL A 130 15.62 -7.55 -50.42
CA VAL A 130 16.81 -7.96 -51.15
C VAL A 130 17.16 -6.86 -52.14
N HIS A 131 18.14 -6.03 -51.79
CA HIS A 131 18.60 -4.95 -52.64
C HIS A 131 19.41 -5.52 -53.81
N VAL A 132 19.46 -4.78 -54.90
CA VAL A 132 20.18 -5.21 -56.09
C VAL A 132 21.51 -4.46 -56.16
N THR A 133 22.53 -5.14 -56.68
CA THR A 133 23.86 -4.57 -56.91
C THR A 133 24.24 -4.76 -58.37
N LYS A 134 25.18 -3.93 -58.82
CA LYS A 134 25.69 -3.99 -60.18
C LYS A 134 26.79 -5.03 -60.36
N GLU A 135 27.27 -5.63 -59.27
CA GLU A 135 28.36 -6.60 -59.31
C GLU A 135 27.80 -8.02 -59.22
N ASN A 136 26.63 -8.21 -59.83
CA ASN A 136 25.81 -9.43 -59.93
C ASN A 136 25.74 -10.28 -58.66
N ILE A 137 25.70 -9.63 -57.50
CA ILE A 137 25.63 -10.29 -56.21
C ILE A 137 24.51 -9.61 -55.42
N GLU A 138 23.88 -10.37 -54.53
CA GLU A 138 22.71 -9.89 -53.81
C GLU A 138 23.11 -9.48 -52.40
N GLN A 139 22.67 -8.29 -51.99
CA GLN A 139 22.83 -7.81 -50.63
C GLN A 139 21.46 -7.61 -49.99
N ILE A 140 21.46 -7.59 -48.66
CA ILE A 140 20.22 -7.51 -47.88
C ILE A 140 20.30 -6.28 -46.97
N THR A 141 19.27 -5.45 -47.01
CA THR A 141 19.08 -4.44 -45.98
C THR A 141 18.05 -4.95 -44.98
N TRP A 142 18.14 -4.47 -43.74
CA TRP A 142 17.28 -4.98 -42.68
C TRP A 142 16.33 -3.88 -42.23
N PHE A 143 15.09 -4.26 -41.95
CA PHE A 143 14.06 -3.33 -41.55
C PHE A 143 13.29 -3.89 -40.36
N SER A 144 12.74 -3.00 -39.55
CA SER A 144 12.02 -3.40 -38.35
C SER A 144 10.58 -3.71 -38.72
N SER A 145 10.31 -5.00 -38.94
CA SER A 145 9.00 -5.42 -39.43
C SER A 145 7.96 -5.35 -38.31
N LYS A 146 6.70 -5.46 -38.72
CA LYS A 146 5.58 -5.48 -37.77
C LYS A 146 4.45 -6.25 -38.42
N LEU A 147 4.31 -7.52 -38.06
CA LEU A 147 3.22 -8.32 -38.60
C LEU A 147 1.93 -7.99 -37.86
N TYR A 148 0.98 -7.39 -38.58
CA TYR A 148 -0.24 -6.91 -37.96
C TYR A 148 -1.35 -7.91 -38.24
N PHE A 149 -1.98 -8.41 -37.18
CA PHE A 149 -3.08 -9.36 -37.29
C PHE A 149 -4.38 -8.70 -36.86
N GLU A 150 -5.49 -9.32 -37.26
CA GLU A 150 -6.82 -8.83 -36.93
C GLU A 150 -7.84 -9.97 -37.05
N PRO A 151 -8.02 -10.77 -36.00
CA PRO A 151 -8.90 -11.93 -36.12
C PRO A 151 -10.35 -11.58 -35.83
N GLU A 152 -11.23 -12.54 -36.13
CA GLU A 152 -12.66 -12.43 -35.89
C GLU A 152 -13.02 -13.51 -34.86
N THR A 153 -13.00 -13.12 -33.59
CA THR A 153 -13.32 -14.01 -32.48
C THR A 153 -14.74 -13.75 -32.00
N GLN A 154 -15.21 -14.59 -31.08
CA GLN A 154 -16.52 -14.39 -30.48
C GLN A 154 -16.53 -13.16 -29.62
N ASP A 155 -17.63 -12.39 -29.72
CA ASP A 155 -17.94 -11.22 -28.88
C ASP A 155 -16.92 -10.08 -29.09
N LYS A 156 -16.13 -10.17 -30.16
CA LYS A 156 -14.91 -9.38 -30.38
C LYS A 156 -14.02 -9.40 -29.14
N ASN A 157 -13.69 -10.60 -28.69
CA ASN A 157 -12.80 -10.80 -27.55
C ASN A 157 -11.40 -10.26 -27.86
N LEU A 158 -10.76 -10.82 -28.88
CA LEU A 158 -9.45 -10.37 -29.34
C LEU A 158 -9.67 -9.64 -30.66
N ARG A 159 -9.42 -8.33 -30.67
CA ARG A 159 -9.72 -7.52 -31.84
C ARG A 159 -8.56 -7.49 -32.83
N GLN A 160 -7.39 -7.05 -32.38
CA GLN A 160 -6.22 -6.98 -33.25
C GLN A 160 -4.95 -7.04 -32.42
N PHE A 161 -3.97 -7.80 -32.88
CA PHE A 161 -2.69 -7.92 -32.21
C PHE A 161 -1.58 -7.90 -33.23
N SER A 162 -0.36 -7.60 -32.78
CA SER A 162 0.70 -7.25 -33.73
C SER A 162 2.06 -7.59 -33.14
N ILE A 163 2.68 -8.66 -33.66
CA ILE A 163 4.09 -8.93 -33.39
C ILE A 163 4.95 -7.85 -34.04
N GLU A 164 6.03 -7.45 -33.37
CA GLU A 164 6.92 -6.44 -33.90
C GLU A 164 8.35 -6.85 -33.59
N ILE A 165 9.20 -6.86 -34.61
CA ILE A 165 10.58 -7.31 -34.50
C ILE A 165 11.49 -6.18 -34.94
N PRO A 166 12.39 -5.67 -34.07
CA PRO A 166 13.30 -4.59 -34.48
C PRO A 166 14.38 -5.03 -35.46
N ARG A 167 15.23 -4.10 -35.89
CA ARG A 167 16.16 -4.37 -36.98
C ARG A 167 17.31 -5.28 -36.53
N GLU A 168 17.91 -4.98 -35.37
CA GLU A 168 19.09 -5.70 -34.93
C GLU A 168 18.75 -7.13 -34.54
N SER A 169 17.58 -7.35 -33.95
CA SER A 169 17.15 -8.70 -33.63
C SER A 169 16.78 -9.48 -34.88
N CYS A 170 16.24 -8.80 -35.90
CA CYS A 170 15.99 -9.41 -37.20
C CYS A 170 17.28 -9.90 -37.84
N GLU A 171 18.31 -9.03 -37.85
CA GLU A 171 19.61 -9.39 -38.39
C GLU A 171 20.25 -10.51 -37.60
N GLY A 172 20.10 -10.49 -36.27
CA GLY A 172 20.65 -11.55 -35.44
C GLY A 172 19.98 -12.90 -35.66
N LEU A 173 18.66 -12.88 -35.88
CA LEU A 173 17.95 -14.12 -36.19
C LEU A 173 18.37 -14.68 -37.54
N ALA A 174 18.50 -13.82 -38.55
CA ALA A 174 18.86 -14.30 -39.88
C ALA A 174 20.31 -14.76 -39.93
N LEU A 175 21.19 -14.15 -39.14
CA LEU A 175 22.57 -14.64 -39.07
C LEU A 175 22.67 -15.91 -38.23
N GLY A 176 21.80 -16.06 -37.23
CA GLY A 176 21.80 -17.28 -36.44
C GLY A 176 21.24 -18.47 -37.17
N TYR A 177 20.36 -18.23 -38.15
CA TYR A 177 19.89 -19.35 -38.96
C TYR A 177 20.98 -19.87 -39.88
N GLY A 178 21.67 -18.97 -40.58
CA GLY A 178 22.73 -19.35 -41.49
C GLY A 178 22.72 -18.46 -42.70
N ASN A 179 23.53 -18.84 -43.69
CA ASN A 179 23.63 -18.09 -44.94
C ASN A 179 22.41 -18.39 -45.80
N THR A 180 21.51 -17.43 -45.91
CA THR A 180 20.32 -17.61 -46.74
C THR A 180 19.91 -16.27 -47.33
N MET A 181 19.05 -16.35 -48.35
CA MET A 181 18.44 -15.17 -48.95
C MET A 181 16.95 -15.08 -48.64
N HIS A 182 16.46 -15.94 -47.75
CA HIS A 182 15.06 -15.91 -47.31
C HIS A 182 15.03 -15.84 -45.78
N PRO A 183 15.17 -14.65 -45.21
CA PRO A 183 15.10 -14.53 -43.75
C PRO A 183 13.72 -14.78 -43.18
N TYR A 184 12.67 -14.16 -43.74
CA TYR A 184 11.35 -14.19 -43.13
C TYR A 184 10.64 -15.52 -43.25
N ASN A 185 11.14 -16.44 -44.06
CA ASN A 185 10.51 -17.75 -44.22
C ASN A 185 11.32 -18.88 -43.62
N ASP A 186 12.59 -18.67 -43.29
CA ASP A 186 13.41 -19.72 -42.70
C ASP A 186 13.99 -19.35 -41.35
N ALA A 187 13.97 -18.08 -40.95
CA ALA A 187 14.49 -17.67 -39.66
C ALA A 187 13.45 -17.09 -38.73
N ILE A 188 12.68 -16.11 -39.20
CA ILE A 188 11.80 -15.33 -38.33
C ILE A 188 10.55 -16.09 -37.96
N VAL A 189 9.83 -16.62 -38.95
CA VAL A 189 8.54 -17.28 -38.74
C VAL A 189 8.71 -18.62 -37.99
N PRO A 190 9.72 -19.47 -38.26
CA PRO A 190 9.94 -20.59 -37.33
C PRO A 190 10.36 -20.16 -35.94
N TYR A 191 11.01 -18.99 -35.77
CA TYR A 191 11.33 -18.52 -34.43
C TYR A 191 10.07 -18.10 -33.68
N ILE A 192 9.16 -17.41 -34.36
CA ILE A 192 7.92 -16.98 -33.73
C ILE A 192 7.05 -18.19 -33.38
N TYR A 193 7.03 -19.19 -34.27
CA TYR A 193 6.31 -20.43 -33.96
C TYR A 193 6.96 -21.21 -32.82
N ASN A 194 8.29 -21.16 -32.71
CA ASN A 194 8.93 -21.91 -31.64
C ASN A 194 8.79 -21.22 -30.28
N GLU A 195 8.73 -19.89 -30.25
CA GLU A 195 8.70 -19.17 -28.99
C GLU A 195 7.31 -18.76 -28.54
N THR A 196 6.31 -18.77 -29.42
CA THR A 196 5.00 -18.27 -29.04
C THR A 196 3.93 -19.30 -29.39
N GLY A 197 4.27 -20.24 -30.27
CA GLY A 197 3.33 -21.23 -30.73
C GLY A 197 2.41 -20.76 -31.82
N MET A 198 2.43 -19.48 -32.17
CA MET A 198 1.50 -18.90 -33.13
C MET A 198 1.99 -19.19 -34.55
N ALA A 199 1.27 -20.04 -35.27
CA ALA A 199 1.57 -20.29 -36.68
C ALA A 199 1.14 -19.08 -37.49
N VAL A 200 2.11 -18.39 -38.09
CA VAL A 200 1.82 -17.13 -38.75
C VAL A 200 1.19 -17.36 -40.12
N GLU A 201 1.46 -18.50 -40.76
CA GLU A 201 0.88 -18.77 -42.06
C GLU A 201 -0.55 -19.30 -41.96
N ARG A 202 -1.12 -19.41 -40.76
CA ARG A 202 -2.53 -19.74 -40.58
C ARG A 202 -3.31 -18.63 -39.91
N LEU A 203 -2.64 -17.77 -39.16
CA LEU A 203 -3.32 -16.67 -38.49
C LEU A 203 -3.74 -15.62 -39.52
N PRO A 204 -4.82 -14.88 -39.25
CA PRO A 204 -5.31 -13.89 -40.22
C PRO A 204 -4.42 -12.66 -40.29
N LEU A 205 -3.35 -12.74 -41.08
CA LEU A 205 -2.50 -11.59 -41.37
C LEU A 205 -3.28 -10.49 -42.06
N THR A 206 -3.05 -9.26 -41.64
CA THR A 206 -3.64 -8.10 -42.28
C THR A 206 -2.61 -7.31 -43.08
N SER A 207 -1.50 -6.89 -42.46
CA SER A 207 -0.58 -5.99 -43.14
C SER A 207 0.82 -6.15 -42.55
N VAL A 208 1.70 -6.82 -43.29
CA VAL A 208 3.12 -6.86 -42.94
C VAL A 208 3.73 -5.50 -43.23
N ILE A 209 4.29 -4.84 -42.21
CA ILE A 209 4.77 -3.48 -42.34
C ILE A 209 6.26 -3.46 -42.08
N LEU A 210 7.06 -3.44 -43.14
CA LEU A 210 8.46 -3.07 -43.03
C LEU A 210 8.54 -1.57 -42.80
N ALA A 211 9.15 -1.17 -41.69
CA ALA A 211 9.07 0.22 -41.24
C ALA A 211 9.89 1.12 -42.16
N GLY A 212 9.23 2.12 -42.74
CA GLY A 212 9.87 3.04 -43.65
C GLY A 212 9.86 2.58 -45.09
N HIS A 213 10.06 1.29 -45.33
CA HIS A 213 10.23 0.79 -46.70
C HIS A 213 8.90 0.60 -47.40
N THR A 214 8.09 -0.34 -46.93
CA THR A 214 6.83 -0.69 -47.58
C THR A 214 5.71 -0.75 -46.56
N LYS A 215 4.53 -1.16 -47.05
CA LYS A 215 3.46 -1.67 -46.19
C LYS A 215 2.64 -2.61 -47.07
N ILE A 216 2.93 -3.90 -46.97
CA ILE A 216 2.14 -4.88 -47.71
C ILE A 216 0.76 -4.99 -47.08
N MET A 217 -0.25 -5.30 -47.89
CA MET A 217 -1.58 -5.57 -47.39
C MET A 217 -2.09 -6.82 -48.08
N ARG A 218 -3.36 -7.17 -47.83
CA ARG A 218 -3.93 -8.34 -48.46
C ARG A 218 -4.37 -8.09 -49.90
N GLU A 219 -4.66 -6.83 -50.24
CA GLU A 219 -5.05 -6.47 -51.60
C GLU A 219 -4.10 -5.52 -52.29
N SER A 220 -3.44 -4.63 -51.55
CA SER A 220 -2.61 -3.58 -52.13
C SER A 220 -1.22 -3.65 -51.54
N ILE A 221 -0.34 -2.77 -52.03
CA ILE A 221 1.02 -2.59 -51.50
C ILE A 221 1.28 -1.10 -51.46
N VAL A 222 1.65 -0.58 -50.30
CA VAL A 222 2.10 0.80 -50.19
C VAL A 222 3.62 0.79 -50.18
N THR A 223 4.24 1.69 -50.95
CA THR A 223 5.68 1.71 -51.07
C THR A 223 6.21 3.14 -50.88
N SER A 224 7.39 3.28 -50.27
CA SER A 224 8.03 4.58 -50.07
C SER A 224 8.49 5.21 -51.38
N THR A 225 9.30 4.50 -52.16
CA THR A 225 9.64 4.97 -53.50
C THR A 225 8.49 4.69 -54.46
N ARG A 226 8.59 5.22 -55.67
CA ARG A 226 7.55 5.09 -56.67
C ARG A 226 7.82 3.97 -57.67
N SER A 227 8.49 2.90 -57.24
CA SER A 227 8.75 1.77 -58.11
C SER A 227 8.82 0.50 -57.25
N LEU A 228 8.70 -0.65 -57.91
CA LEU A 228 8.78 -1.93 -57.26
C LEU A 228 9.96 -2.72 -57.80
N ARG A 229 10.50 -3.62 -56.98
CA ARG A 229 11.68 -4.37 -57.36
C ARG A 229 11.32 -5.48 -58.33
N ASN A 230 12.34 -6.21 -58.78
CA ASN A 230 12.09 -7.33 -59.68
C ASN A 230 11.66 -8.56 -58.92
N ARG A 231 12.16 -8.75 -57.70
CA ARG A 231 11.83 -9.94 -56.93
C ARG A 231 10.41 -9.86 -56.37
N VAL A 232 9.93 -8.65 -56.05
CA VAL A 232 8.56 -8.48 -55.57
C VAL A 232 7.56 -8.84 -56.66
N LEU A 233 7.79 -8.33 -57.88
CA LEU A 233 6.89 -8.66 -58.98
C LEU A 233 7.05 -10.10 -59.43
N ALA A 234 8.25 -10.68 -59.28
CA ALA A 234 8.42 -12.10 -59.57
C ALA A 234 7.64 -12.97 -58.60
N VAL A 235 7.64 -12.60 -57.31
CA VAL A 235 6.88 -13.33 -56.31
C VAL A 235 5.38 -13.18 -56.56
N VAL A 236 4.95 -11.99 -56.97
CA VAL A 236 3.53 -11.74 -57.25
C VAL A 236 3.07 -12.58 -58.45
N LEU A 237 3.86 -12.60 -59.53
CA LEU A 237 3.49 -13.42 -60.68
C LEU A 237 3.59 -14.91 -60.38
N GLN A 238 4.54 -15.32 -59.52
CA GLN A 238 4.65 -16.73 -59.17
C GLN A 238 3.53 -17.17 -58.25
N SER A 239 2.89 -16.24 -57.53
CA SER A 239 1.88 -16.63 -56.56
C SER A 239 0.53 -16.92 -57.19
N ILE A 240 0.18 -16.24 -58.28
CA ILE A 240 -1.17 -16.30 -58.81
C ILE A 240 -1.33 -17.39 -59.85
N GLN A 241 -0.35 -18.30 -59.93
CA GLN A 241 -0.45 -19.40 -60.88
C GLN A 241 -1.48 -20.43 -60.42
N PHE A 242 -1.75 -21.39 -61.28
CA PHE A 242 -2.80 -22.36 -61.03
C PHE A 242 -2.23 -23.72 -60.64
N LEU B 5 -13.95 26.48 5.22
CA LEU B 5 -14.35 26.36 3.82
C LEU B 5 -14.53 24.90 3.41
N ARG B 6 -14.62 24.02 4.39
CA ARG B 6 -15.10 22.66 4.12
C ARG B 6 -16.62 22.67 4.08
N LEU B 7 -17.18 21.89 3.18
CA LEU B 7 -18.60 21.95 2.89
C LEU B 7 -19.36 20.91 3.71
N GLU B 8 -20.49 21.32 4.27
CA GLU B 8 -21.37 20.39 4.98
C GLU B 8 -22.38 19.80 4.01
N ASP B 9 -23.21 18.88 4.51
CA ASP B 9 -24.13 18.15 3.64
C ASP B 9 -25.35 18.97 3.27
N ASN B 10 -25.68 20.01 4.04
CA ASN B 10 -26.86 20.82 3.75
C ASN B 10 -26.59 21.90 2.71
N TYR B 11 -25.35 22.08 2.30
CA TYR B 11 -25.03 23.06 1.27
C TYR B 11 -25.54 22.60 -0.09
N VAL B 12 -26.16 23.51 -0.82
CA VAL B 12 -26.73 23.22 -2.13
C VAL B 12 -25.84 23.84 -3.20
N PRO B 13 -25.15 23.05 -4.01
CA PRO B 13 -24.33 23.62 -5.07
C PRO B 13 -25.18 23.98 -6.28
N THR B 14 -24.59 24.63 -7.28
CA THR B 14 -25.30 24.99 -8.50
C THR B 14 -25.07 23.88 -9.53
N SER B 15 -26.16 23.49 -10.18
CA SER B 15 -26.19 22.41 -11.18
C SER B 15 -27.49 22.48 -11.95
N ASP B 16 -27.42 22.05 -13.21
CA ASP B 16 -28.63 21.95 -14.03
C ASP B 16 -29.47 20.77 -13.59
N THR B 17 -30.76 20.84 -13.90
CA THR B 17 -31.70 19.84 -13.39
C THR B 17 -31.86 18.67 -14.36
N LEU B 18 -31.55 18.88 -15.64
CA LEU B 18 -31.73 17.80 -16.61
C LEU B 18 -30.66 16.72 -16.45
N VAL B 19 -29.47 17.07 -15.97
CA VAL B 19 -28.47 16.04 -15.74
C VAL B 19 -28.80 15.22 -14.48
N VAL B 20 -29.42 15.84 -13.47
CA VAL B 20 -29.90 15.09 -12.32
C VAL B 20 -31.09 14.23 -12.70
N PHE B 21 -31.89 14.70 -13.66
CA PHE B 21 -32.99 13.89 -14.19
C PHE B 21 -32.47 12.66 -14.92
N LYS B 22 -31.45 12.84 -15.77
CA LYS B 22 -30.88 11.71 -16.49
C LYS B 22 -30.13 10.77 -15.54
N GLN B 23 -29.60 11.29 -14.44
CA GLN B 23 -29.02 10.42 -13.42
C GLN B 23 -30.10 9.60 -12.72
N LEU B 24 -31.23 10.24 -12.37
CA LEU B 24 -32.28 9.56 -11.64
C LEU B 24 -33.10 8.61 -12.50
N MET B 25 -33.07 8.77 -13.83
CA MET B 25 -33.75 7.81 -14.70
C MET B 25 -33.01 6.49 -14.85
N LYS B 26 -31.84 6.34 -14.24
CA LYS B 26 -31.08 5.10 -14.31
C LYS B 26 -31.19 4.27 -13.03
N LEU B 27 -32.23 4.49 -12.23
CA LEU B 27 -32.41 3.77 -10.98
C LEU B 27 -33.80 3.15 -10.93
N PRO B 28 -33.94 2.00 -10.25
CA PRO B 28 -35.29 1.45 -9.99
C PRO B 28 -36.09 2.27 -8.99
N VAL B 29 -37.35 1.90 -8.80
CA VAL B 29 -38.24 2.67 -7.95
C VAL B 29 -37.96 2.47 -6.46
N THR B 30 -37.59 1.24 -6.05
CA THR B 30 -37.39 0.92 -4.64
C THR B 30 -36.20 1.66 -4.03
N VAL B 31 -35.10 1.82 -4.77
CA VAL B 31 -33.98 2.59 -4.24
C VAL B 31 -34.31 4.07 -4.24
N LEU B 32 -35.18 4.52 -5.15
CA LEU B 32 -35.62 5.92 -5.12
C LEU B 32 -36.49 6.19 -3.90
N TYR B 33 -37.34 5.24 -3.53
CA TYR B 33 -38.17 5.39 -2.34
C TYR B 33 -37.32 5.34 -1.07
N ASP B 34 -36.30 4.47 -1.05
CA ASP B 34 -35.39 4.41 0.09
C ASP B 34 -34.55 5.69 0.21
N LEU B 35 -34.10 6.23 -0.93
CA LEU B 35 -33.40 7.51 -0.92
C LEU B 35 -34.31 8.65 -0.47
N THR B 36 -35.59 8.59 -0.84
CA THR B 36 -36.56 9.60 -0.41
C THR B 36 -36.71 9.60 1.10
N LEU B 37 -36.94 8.42 1.70
CA LEU B 37 -37.09 8.37 3.16
C LEU B 37 -35.79 8.69 3.87
N SER B 38 -34.64 8.33 3.28
CA SER B 38 -33.36 8.59 3.92
C SER B 38 -33.03 10.08 3.92
N TRP B 39 -33.27 10.76 2.81
CA TRP B 39 -32.99 12.20 2.77
C TRP B 39 -34.02 12.98 3.56
N PHE B 40 -35.26 12.47 3.66
CA PHE B 40 -36.24 13.19 4.47
C PHE B 40 -36.04 12.98 5.96
N ALA B 41 -35.55 11.81 6.38
CA ALA B 41 -35.20 11.63 7.78
C ALA B 41 -33.91 12.35 8.12
N LYS B 42 -33.01 12.51 7.13
CA LYS B 42 -31.76 13.20 7.37
C LYS B 42 -31.94 14.71 7.28
N PHE B 43 -32.38 15.21 6.12
CA PHE B 43 -32.58 16.64 5.92
C PHE B 43 -34.04 17.05 6.03
N GLY B 44 -34.91 16.47 5.21
CA GLY B 44 -36.30 16.87 5.17
C GLY B 44 -36.50 18.14 4.36
N GLY B 45 -37.76 18.58 4.33
CA GLY B 45 -38.12 19.80 3.64
C GLY B 45 -39.34 19.67 2.76
N SER B 46 -40.32 20.54 2.99
CA SER B 46 -41.64 20.57 2.34
C SER B 46 -42.35 19.22 2.28
N ILE B 51 -43.47 14.32 9.06
CA ILE B 51 -42.55 13.32 9.58
C ILE B 51 -42.67 12.04 8.78
N TYR B 52 -43.70 11.23 9.10
CA TYR B 52 -43.92 9.99 8.37
C TYR B 52 -45.28 9.95 7.70
N LEU B 53 -46.12 10.97 7.91
CA LEU B 53 -47.42 11.02 7.27
C LEU B 53 -47.30 11.40 5.80
N LEU B 54 -46.37 12.30 5.47
CA LEU B 54 -46.06 12.65 4.09
C LEU B 54 -45.48 11.48 3.31
N THR B 55 -44.69 10.62 3.96
CA THR B 55 -44.11 9.46 3.29
C THR B 55 -45.12 8.38 2.97
N GLU B 56 -46.30 8.41 3.61
CA GLU B 56 -47.31 7.38 3.38
C GLU B 56 -47.97 7.52 2.02
N THR B 57 -47.88 8.68 1.38
CA THR B 57 -48.37 8.85 0.02
C THR B 57 -47.55 8.08 -1.01
N LEU B 58 -46.22 8.07 -0.85
CA LEU B 58 -45.32 7.33 -1.74
C LEU B 58 -45.45 5.82 -1.61
N ASP B 59 -45.99 5.32 -0.51
CA ASP B 59 -46.13 3.88 -0.34
C ASP B 59 -47.19 3.29 -1.25
N LEU B 60 -48.18 4.09 -1.64
CA LEU B 60 -49.20 3.65 -2.58
C LEU B 60 -48.71 3.67 -4.03
N LEU B 61 -47.80 4.58 -4.36
CA LEU B 61 -47.33 4.71 -5.74
C LEU B 61 -46.48 3.52 -6.16
N ILE B 62 -45.64 3.01 -5.25
CA ILE B 62 -44.90 1.79 -5.55
C ILE B 62 -45.84 0.58 -5.50
N GLU B 63 -46.88 0.62 -4.67
CA GLU B 63 -47.82 -0.49 -4.60
C GLU B 63 -48.77 -0.52 -5.80
N LYS B 64 -48.91 0.61 -6.50
CA LYS B 64 -49.79 0.66 -7.65
C LYS B 64 -49.09 0.29 -8.96
N GLY B 65 -47.80 0.57 -9.07
CA GLY B 65 -47.09 0.33 -10.32
C GLY B 65 -47.06 1.54 -11.22
N VAL B 66 -46.57 2.68 -10.69
CA VAL B 66 -46.57 3.94 -11.42
C VAL B 66 -45.22 4.14 -12.10
N ARG B 67 -45.17 5.10 -13.02
CA ARG B 67 -43.98 5.31 -13.83
C ARG B 67 -42.87 5.96 -13.01
N ARG B 68 -41.64 5.86 -13.54
CA ARG B 68 -40.49 6.42 -12.84
C ARG B 68 -40.35 7.92 -13.05
N ASN B 69 -40.92 8.46 -14.13
CA ASN B 69 -40.87 9.91 -14.34
C ASN B 69 -41.69 10.64 -13.29
N VAL B 70 -42.77 10.02 -12.81
CA VAL B 70 -43.59 10.64 -11.77
C VAL B 70 -42.85 10.64 -10.44
N ILE B 71 -42.10 9.57 -10.14
CA ILE B 71 -41.43 9.54 -8.85
C ILE B 71 -40.15 10.39 -8.87
N VAL B 72 -39.49 10.54 -10.03
CA VAL B 72 -38.38 11.47 -10.05
C VAL B 72 -38.88 12.92 -10.11
N ASN B 73 -40.11 13.14 -10.61
CA ASN B 73 -40.76 14.45 -10.47
C ASN B 73 -41.04 14.75 -9.00
N ARG B 74 -41.52 13.75 -8.26
CA ARG B 74 -41.81 13.90 -6.85
C ARG B 74 -40.55 14.16 -6.02
N ILE B 75 -39.43 13.52 -6.39
CA ILE B 75 -38.21 13.71 -5.60
C ILE B 75 -37.40 14.91 -6.08
N LEU B 76 -37.62 15.39 -7.30
CA LEU B 76 -36.92 16.58 -7.77
C LEU B 76 -37.67 17.87 -7.48
N TYR B 77 -38.98 17.82 -7.26
CA TYR B 77 -39.75 19.04 -7.05
C TYR B 77 -40.52 19.04 -5.74
N VAL B 78 -39.99 18.39 -4.71
CA VAL B 78 -40.24 18.78 -3.32
C VAL B 78 -38.97 19.22 -2.61
N TYR B 79 -37.80 18.95 -3.18
CA TYR B 79 -36.53 19.49 -2.70
C TYR B 79 -36.08 20.69 -3.51
N TRP B 80 -36.99 21.28 -4.28
CA TRP B 80 -36.65 22.38 -5.18
C TRP B 80 -36.40 23.67 -4.40
N GLY B 83 -30.17 21.04 -8.59
CA GLY B 83 -29.61 20.10 -7.63
C GLY B 83 -30.41 20.02 -6.34
N LEU B 84 -30.11 19.03 -5.52
CA LEU B 84 -30.81 18.85 -4.23
C LEU B 84 -29.93 19.41 -3.11
N ASN B 85 -28.77 18.80 -2.92
CA ASN B 85 -27.63 19.31 -2.16
C ASN B 85 -26.42 18.48 -2.58
N VAL B 86 -25.32 18.60 -1.85
CA VAL B 86 -24.13 17.85 -2.22
C VAL B 86 -24.22 16.39 -1.76
N PHE B 87 -24.91 16.13 -0.65
CA PHE B 87 -24.99 14.78 -0.10
C PHE B 87 -25.90 13.89 -0.94
N GLN B 88 -27.05 14.41 -1.37
CA GLN B 88 -27.95 13.61 -2.18
C GLN B 88 -27.39 13.36 -3.57
N LEU B 89 -26.63 14.34 -4.10
CA LEU B 89 -25.95 14.14 -5.37
C LEU B 89 -24.87 13.06 -5.27
N ALA B 90 -24.13 13.08 -4.15
CA ALA B 90 -23.12 12.05 -3.90
C ALA B 90 -23.76 10.67 -3.77
N GLU B 91 -24.91 10.59 -3.10
CA GLU B 91 -25.58 9.31 -2.93
C GLU B 91 -26.17 8.80 -4.23
N ILE B 92 -26.68 9.70 -5.07
CA ILE B 92 -27.20 9.32 -6.38
C ILE B 92 -26.08 8.75 -7.25
N ASP B 93 -24.93 9.45 -7.28
CA ASP B 93 -23.84 9.00 -8.14
C ASP B 93 -23.21 7.72 -7.61
N CYS B 94 -23.18 7.54 -6.29
CA CYS B 94 -22.65 6.31 -5.72
C CYS B 94 -23.59 5.13 -5.98
N HIS B 95 -24.90 5.38 -5.97
CA HIS B 95 -25.84 4.30 -6.29
C HIS B 95 -25.80 3.95 -7.78
N LEU B 96 -25.53 4.93 -8.65
CA LEU B 96 -25.27 4.61 -10.05
C LEU B 96 -23.98 3.83 -10.22
N MET B 97 -22.98 4.08 -9.36
CA MET B 97 -21.77 3.26 -9.40
C MET B 97 -22.05 1.82 -8.99
N ILE B 98 -22.86 1.62 -7.95
CA ILE B 98 -23.21 0.26 -7.52
C ILE B 98 -24.05 -0.45 -8.58
N SER B 99 -24.95 0.28 -9.23
CA SER B 99 -25.93 -0.34 -10.12
C SER B 99 -25.29 -0.82 -11.42
N LYS B 100 -24.58 0.06 -12.12
CA LYS B 100 -23.93 -0.26 -13.39
C LYS B 100 -22.43 -0.11 -13.24
N PRO B 101 -21.74 -1.15 -12.79
CA PRO B 101 -20.31 -1.01 -12.48
C PRO B 101 -19.38 -1.23 -13.65
N GLU B 102 -19.88 -1.70 -14.79
CA GLU B 102 -19.01 -2.03 -15.92
C GLU B 102 -18.70 -0.84 -16.81
N LYS B 103 -19.02 0.38 -16.38
CA LYS B 103 -18.74 1.55 -17.20
C LYS B 103 -17.75 2.51 -16.55
N PHE B 104 -17.30 2.22 -15.34
CA PHE B 104 -16.24 3.01 -14.72
C PHE B 104 -14.87 2.47 -15.14
N LYS B 105 -13.82 2.97 -14.52
CA LYS B 105 -12.46 2.60 -14.92
C LYS B 105 -11.52 2.86 -13.76
N TRP B 106 -10.94 1.80 -13.21
CA TRP B 106 -10.09 1.88 -12.03
C TRP B 106 -8.63 1.65 -12.40
N LEU B 107 -7.75 2.11 -11.53
CA LEU B 107 -6.32 2.13 -11.81
C LEU B 107 -5.55 1.95 -10.51
N PRO B 108 -4.82 0.84 -10.34
CA PRO B 108 -4.27 0.49 -9.04
C PRO B 108 -3.01 1.26 -8.68
N SER B 109 -2.70 1.24 -7.39
CA SER B 109 -1.51 1.90 -6.85
C SER B 109 -1.16 1.31 -5.50
N LYS B 110 0.02 0.68 -5.40
CA LYS B 110 0.49 0.09 -4.16
C LYS B 110 0.88 1.18 -3.16
N ALA B 111 0.89 0.82 -1.88
CA ALA B 111 1.20 1.74 -0.79
C ALA B 111 2.43 1.25 -0.04
N LEU B 112 3.62 1.64 -0.51
CA LEU B 112 4.84 1.26 0.18
C LEU B 112 5.07 2.16 1.38
N ARG B 113 6.15 1.88 2.11
CA ARG B 113 6.59 2.70 3.23
C ARG B 113 8.05 2.41 3.49
N GLY B 114 8.74 3.40 4.04
CA GLY B 114 10.03 3.23 4.70
C GLY B 114 11.13 2.55 3.92
N ASP B 115 11.41 1.30 4.31
CA ASP B 115 12.40 0.48 3.61
C ASP B 115 11.95 0.14 2.20
N GLY B 116 10.66 -0.13 2.01
CA GLY B 116 10.17 -0.59 0.74
C GLY B 116 9.16 -1.71 0.90
N LYS B 117 8.94 -2.12 2.14
CA LYS B 117 7.95 -3.15 2.42
C LYS B 117 6.54 -2.56 2.33
N PRO B 118 5.59 -3.29 1.78
CA PRO B 118 4.23 -2.75 1.64
C PRO B 118 3.54 -2.62 2.99
N TYR B 119 2.50 -1.79 3.01
CA TYR B 119 1.83 -1.40 4.24
C TYR B 119 0.35 -1.67 4.09
N VAL B 120 -0.17 -2.59 4.92
CA VAL B 120 -1.61 -2.82 4.97
C VAL B 120 -2.29 -1.61 5.58
N VAL B 121 -3.41 -1.20 5.00
CA VAL B 121 -3.96 0.12 5.32
C VAL B 121 -4.67 0.12 6.68
N LYS B 122 -5.72 -0.69 6.83
CA LYS B 122 -6.50 -0.85 8.07
C LYS B 122 -7.04 0.49 8.59
N LEU B 123 -7.88 1.12 7.79
CA LEU B 123 -8.41 2.44 8.10
C LEU B 123 -9.80 2.33 8.72
N GLN B 124 -10.16 3.36 9.50
CA GLN B 124 -11.48 3.46 10.09
C GLN B 124 -12.31 4.45 9.30
N PRO B 125 -13.52 4.10 8.85
CA PRO B 125 -14.24 4.97 7.92
C PRO B 125 -14.87 6.19 8.57
N ALA B 126 -14.68 6.41 9.87
CA ALA B 126 -15.22 7.62 10.51
C ALA B 126 -14.13 8.66 10.73
N LYS B 127 -13.04 8.26 11.37
CA LYS B 127 -11.96 9.20 11.69
C LYS B 127 -11.10 9.54 10.48
N PHE B 128 -11.14 8.74 9.43
CA PHE B 128 -10.35 9.05 8.23
C PHE B 128 -10.98 10.17 7.42
N ILE B 129 -12.30 10.24 7.40
CA ILE B 129 -13.00 11.22 6.56
C ILE B 129 -12.81 12.62 7.11
N GLU B 130 -12.78 12.77 8.44
CA GLU B 130 -12.55 14.07 9.05
C GLU B 130 -11.14 14.57 8.75
N ASN B 131 -10.13 13.70 8.83
CA ASN B 131 -8.76 14.10 8.57
C ASN B 131 -8.54 14.40 7.09
N LEU B 132 -9.16 13.62 6.20
CA LEU B 132 -9.02 13.87 4.77
C LEU B 132 -9.71 15.15 4.35
N GLN B 133 -10.92 15.40 4.88
CA GLN B 133 -11.64 16.63 4.59
C GLN B 133 -10.92 17.85 5.17
N THR B 134 -10.31 17.71 6.35
CA THR B 134 -9.55 18.80 6.94
C THR B 134 -8.29 19.11 6.13
N ASP B 135 -7.56 18.08 5.69
CA ASP B 135 -6.35 18.34 4.92
C ASP B 135 -6.65 18.83 3.51
N LEU B 136 -7.82 18.47 2.97
CA LEU B 136 -8.18 18.95 1.65
C LEU B 136 -8.85 20.32 1.69
N ALA B 137 -9.43 20.70 2.83
CA ALA B 137 -10.10 21.99 2.93
C ALA B 137 -9.12 23.15 2.96
N LYS B 138 -7.85 22.91 3.29
CA LYS B 138 -6.88 23.98 3.33
C LYS B 138 -6.48 24.48 1.94
N ILE B 139 -6.88 23.79 0.86
CA ILE B 139 -6.53 24.17 -0.50
C ILE B 139 -7.78 24.51 -1.32
N TYR B 140 -8.71 23.57 -1.41
CA TYR B 140 -9.92 23.76 -2.21
C TYR B 140 -11.17 23.61 -1.36
N HIS B 141 -12.32 23.62 -2.03
CA HIS B 141 -13.61 23.36 -1.40
C HIS B 141 -13.96 21.90 -1.66
N CYS B 142 -13.73 21.05 -0.67
CA CYS B 142 -13.86 19.61 -0.85
C CYS B 142 -15.11 19.08 -0.18
N HIS B 143 -15.55 17.92 -0.65
CA HIS B 143 -16.58 17.15 0.04
C HIS B 143 -16.28 15.67 -0.16
N VAL B 144 -16.27 14.92 0.93
CA VAL B 144 -15.84 13.51 0.93
C VAL B 144 -16.98 12.66 1.48
N TYR B 145 -17.43 11.69 0.70
CA TYR B 145 -18.52 10.81 1.09
C TYR B 145 -18.10 9.37 0.90
N MET B 146 -17.97 8.64 2.01
CA MET B 146 -17.48 7.26 2.00
C MET B 146 -18.64 6.30 2.25
N PHE B 147 -18.66 5.22 1.49
CA PHE B 147 -19.62 4.14 1.74
C PHE B 147 -18.90 2.82 1.60
N LYS B 148 -19.62 1.75 1.93
CA LYS B 148 -19.12 0.39 1.78
C LYS B 148 -19.93 -0.33 0.72
N HIS B 149 -19.26 -1.05 -0.16
CA HIS B 149 -19.93 -1.83 -1.18
C HIS B 149 -20.73 -2.96 -0.54
N PRO B 150 -21.97 -3.20 -0.99
CA PRO B 150 -22.77 -4.27 -0.38
C PRO B 150 -22.28 -5.67 -0.74
N SER B 151 -21.73 -5.86 -1.94
CA SER B 151 -21.33 -7.19 -2.40
C SER B 151 -19.86 -7.49 -2.09
N LEU B 152 -18.99 -6.50 -2.25
CA LEU B 152 -17.57 -6.70 -2.06
C LEU B 152 -17.10 -6.08 -0.75
N PRO B 153 -15.97 -6.53 -0.20
CA PRO B 153 -15.40 -5.88 0.99
C PRO B 153 -14.44 -4.73 0.65
N VAL B 154 -14.92 -3.74 -0.07
CA VAL B 154 -14.18 -2.52 -0.32
C VAL B 154 -14.88 -1.37 0.37
N LEU B 155 -14.22 -0.20 0.36
CA LEU B 155 -14.75 1.01 0.98
C LEU B 155 -14.55 2.15 0.00
N ILE B 156 -15.52 2.38 -0.88
CA ILE B 156 -15.36 3.32 -1.98
C ILE B 156 -15.57 4.74 -1.47
N THR B 157 -14.49 5.50 -1.38
CA THR B 157 -14.55 6.92 -1.08
C THR B 157 -14.92 7.68 -2.35
N ARG B 158 -15.61 8.81 -2.18
CA ARG B 158 -15.93 9.69 -3.30
C ARG B 158 -15.58 11.11 -2.90
N ILE B 159 -14.61 11.70 -3.60
CA ILE B 159 -14.13 13.05 -3.31
C ILE B 159 -14.54 13.93 -4.48
N GLN B 160 -15.22 15.03 -4.19
CA GLN B 160 -15.67 15.97 -5.19
C GLN B 160 -15.19 17.37 -4.81
N LEU B 161 -14.46 18.01 -5.71
CA LEU B 161 -13.90 19.32 -5.48
C LEU B 161 -14.69 20.38 -6.22
N PHE B 162 -15.00 21.47 -5.54
CA PHE B 162 -15.77 22.57 -6.10
C PHE B 162 -14.85 23.75 -6.36
N ASP B 163 -15.26 24.61 -7.29
CA ASP B 163 -14.52 25.81 -7.61
C ASP B 163 -15.51 26.96 -7.74
N SER B 164 -14.97 28.18 -7.74
CA SER B 164 -15.78 29.40 -7.71
C SER B 164 -15.60 30.16 -9.02
N ASN B 165 -16.47 29.87 -9.99
CA ASN B 165 -16.67 30.66 -11.22
C ASN B 165 -15.40 30.99 -12.03
N PRO B 193 -22.79 30.84 -7.00
CA PRO B 193 -22.44 29.77 -6.07
C PRO B 193 -21.11 29.10 -6.43
N LEU B 194 -21.05 27.78 -6.31
CA LEU B 194 -19.82 27.01 -6.53
C LEU B 194 -20.07 26.00 -7.63
N ILE B 195 -19.26 26.06 -8.70
CA ILE B 195 -19.37 25.07 -9.75
C ILE B 195 -18.74 23.75 -9.30
N SER B 196 -19.08 22.68 -10.00
CA SER B 196 -18.65 21.34 -9.63
C SER B 196 -17.71 20.77 -10.67
N ARG B 197 -16.64 20.13 -10.21
CA ARG B 197 -15.68 19.46 -11.07
C ARG B 197 -16.06 17.99 -11.21
N ARG B 198 -15.20 17.23 -11.85
CA ARG B 198 -15.42 15.80 -12.00
C ARG B 198 -15.10 15.11 -10.68
N PRO B 199 -15.97 14.24 -10.18
CA PRO B 199 -15.69 13.56 -8.91
C PRO B 199 -14.59 12.53 -9.06
N TYR B 200 -13.85 12.33 -7.97
CA TYR B 200 -12.68 11.46 -7.96
C TYR B 200 -12.90 10.37 -6.92
N TYR B 201 -13.06 9.14 -7.38
CA TYR B 201 -13.30 8.00 -6.50
C TYR B 201 -12.00 7.31 -6.14
N VAL B 202 -11.92 6.82 -4.91
CA VAL B 202 -10.79 6.02 -4.44
C VAL B 202 -11.38 4.85 -3.67
N ALA B 203 -11.06 3.64 -4.08
CA ALA B 203 -11.65 2.44 -3.51
C ALA B 203 -10.62 1.69 -2.69
N PHE B 204 -10.70 1.82 -1.38
CA PHE B 204 -9.83 1.08 -0.48
C PHE B 204 -10.36 -0.32 -0.29
N PRO B 205 -9.56 -1.37 -0.49
CA PRO B 205 -9.95 -2.69 0.00
C PRO B 205 -9.76 -2.80 1.50
N LEU B 206 -10.10 -3.95 2.08
CA LEU B 206 -10.09 -4.01 3.54
C LEU B 206 -8.69 -4.25 4.10
N ASN B 207 -7.95 -5.20 3.55
CA ASN B 207 -6.64 -5.55 4.10
C ASN B 207 -5.59 -5.70 3.00
N SER B 208 -5.53 -4.72 2.10
CA SER B 208 -4.48 -4.80 1.10
C SER B 208 -3.70 -3.50 1.01
N PRO B 209 -2.41 -3.57 0.66
CA PRO B 209 -1.64 -2.36 0.36
C PRO B 209 -1.97 -1.75 -1.00
N ILE B 210 -2.76 -2.41 -1.83
CA ILE B 210 -3.08 -1.92 -3.17
C ILE B 210 -4.38 -1.14 -3.11
N ILE B 211 -4.31 0.14 -3.43
CA ILE B 211 -5.45 1.05 -3.40
C ILE B 211 -5.78 1.42 -4.83
N PHE B 212 -7.03 1.17 -5.24
CA PHE B 212 -7.49 1.54 -6.56
C PHE B 212 -8.01 2.97 -6.51
N HIS B 213 -8.01 3.63 -7.67
CA HIS B 213 -8.56 4.98 -7.76
C HIS B 213 -9.01 5.23 -9.19
N SER B 214 -9.70 6.35 -9.38
CA SER B 214 -10.20 6.70 -10.69
C SER B 214 -9.07 7.25 -11.55
N VAL B 215 -9.15 6.95 -12.84
CA VAL B 215 -8.09 7.36 -13.77
C VAL B 215 -8.25 8.84 -14.13
N ASP B 216 -7.28 9.64 -13.70
CA ASP B 216 -7.27 11.07 -13.97
C ASP B 216 -5.83 11.55 -13.88
N LYS B 217 -5.47 12.49 -14.76
CA LYS B 217 -4.10 12.96 -14.85
C LYS B 217 -4.01 14.47 -14.66
N ASP B 218 -5.03 15.06 -14.04
CA ASP B 218 -5.04 16.50 -13.80
C ASP B 218 -4.21 16.82 -12.56
N ILE B 219 -4.30 18.06 -12.08
CA ILE B 219 -3.65 18.40 -10.83
C ILE B 219 -4.52 18.02 -9.65
N TYR B 220 -5.82 17.80 -9.87
CA TYR B 220 -6.73 17.46 -8.80
C TYR B 220 -6.59 16.00 -8.39
N ALA B 221 -6.28 15.13 -9.35
CA ALA B 221 -5.96 13.74 -9.03
C ALA B 221 -4.71 13.65 -8.17
N ARG B 222 -3.68 14.42 -8.51
CA ARG B 222 -2.45 14.42 -7.73
C ARG B 222 -2.68 15.00 -6.35
N LEU B 223 -3.50 16.05 -6.24
CA LEU B 223 -3.80 16.64 -4.94
C LEU B 223 -4.57 15.68 -4.03
N VAL B 224 -5.60 15.02 -4.57
CA VAL B 224 -6.42 14.13 -3.75
C VAL B 224 -5.64 12.89 -3.36
N LEU B 225 -4.85 12.32 -4.29
CA LEU B 225 -4.07 11.13 -3.97
C LEU B 225 -2.95 11.44 -2.98
N GLN B 226 -2.33 12.62 -3.09
CA GLN B 226 -1.29 12.99 -2.15
C GLN B 226 -1.87 13.29 -0.77
N SER B 227 -3.06 13.88 -0.70
CA SER B 227 -3.69 14.11 0.59
C SER B 227 -4.15 12.80 1.24
N ILE B 228 -4.59 11.83 0.44
CA ILE B 228 -4.95 10.52 0.97
C ILE B 228 -3.72 9.81 1.50
N SER B 229 -2.61 9.85 0.76
CA SER B 229 -1.37 9.26 1.24
C SER B 229 -0.75 10.03 2.41
N ARG B 230 -1.16 11.28 2.64
CA ARG B 230 -0.72 12.01 3.81
C ARG B 230 -1.54 11.72 5.06
N THR B 231 -2.86 11.49 4.91
CA THR B 231 -3.71 11.33 6.09
C THR B 231 -4.19 9.92 6.34
N ILE B 232 -3.67 8.92 5.61
CA ILE B 232 -3.98 7.53 5.95
C ILE B 232 -2.98 6.94 6.93
N SER B 233 -1.84 7.60 7.11
CA SER B 233 -0.72 6.99 7.83
C SER B 233 -0.87 7.13 9.34
N GLU B 234 -0.76 8.37 9.83
CA GLU B 234 -0.79 8.82 11.22
C GLU B 234 0.37 8.34 12.08
N ARG B 235 1.23 7.45 11.58
CA ARG B 235 2.37 7.01 12.36
C ARG B 235 3.68 7.20 11.60
N GLU B 236 3.73 6.74 10.34
CA GLU B 236 4.96 6.85 9.56
C GLU B 236 4.58 6.98 8.09
N THR B 237 5.44 7.64 7.32
CA THR B 237 5.06 8.18 6.02
C THR B 237 4.83 7.08 4.99
N ILE B 238 3.86 7.32 4.09
CA ILE B 238 3.43 6.38 3.08
C ILE B 238 3.58 7.03 1.71
N ILE B 239 4.08 6.29 0.74
CA ILE B 239 4.09 6.75 -0.64
C ILE B 239 3.24 5.80 -1.48
N PHE B 240 2.55 6.37 -2.46
CA PHE B 240 1.67 5.62 -3.36
C PHE B 240 2.39 5.47 -4.69
N LYS B 241 3.11 4.38 -4.86
CA LYS B 241 3.67 4.22 -6.19
C LYS B 241 2.69 3.47 -7.07
N PRO B 242 2.55 3.83 -8.35
CA PRO B 242 1.61 3.13 -9.22
C PRO B 242 2.17 1.79 -9.66
N VAL B 243 1.30 0.77 -9.69
CA VAL B 243 1.72 -0.57 -10.04
C VAL B 243 1.32 -0.95 -11.47
N GLN B 244 0.45 -0.18 -12.10
CA GLN B 244 0.00 -0.48 -13.45
C GLN B 244 -0.37 0.80 -14.17
N LYS B 245 -0.24 0.78 -15.49
CA LYS B 245 -0.53 1.94 -16.32
C LYS B 245 -1.83 1.84 -17.09
N ILE B 246 -2.25 0.65 -17.49
CA ILE B 246 -3.46 0.44 -18.27
C ILE B 246 -4.61 0.19 -17.31
N PRO B 247 -5.68 1.00 -17.34
CA PRO B 247 -6.75 0.83 -16.37
C PRO B 247 -7.65 -0.36 -16.66
N VAL B 248 -8.16 -0.96 -15.60
CA VAL B 248 -9.04 -2.13 -15.68
C VAL B 248 -10.48 -1.65 -15.50
N LYS B 249 -11.41 -2.36 -16.13
CA LYS B 249 -12.76 -1.83 -16.36
C LYS B 249 -13.64 -1.79 -15.12
N SER B 250 -14.00 -2.95 -14.59
CA SER B 250 -15.01 -2.99 -13.52
C SER B 250 -14.34 -2.85 -12.17
N ILE B 251 -15.11 -3.02 -11.09
CA ILE B 251 -14.53 -3.12 -9.76
C ILE B 251 -14.54 -4.54 -9.23
N HIS B 252 -15.33 -5.44 -9.81
CA HIS B 252 -15.16 -6.86 -9.47
C HIS B 252 -13.90 -7.42 -10.11
N ASN B 253 -13.55 -6.94 -11.31
CA ASN B 253 -12.38 -7.44 -12.02
C ASN B 253 -11.10 -7.02 -11.32
N ILE B 254 -10.98 -5.74 -10.97
CA ILE B 254 -9.77 -5.26 -10.32
C ILE B 254 -9.65 -5.79 -8.90
N MET B 255 -10.77 -6.11 -8.25
CA MET B 255 -10.72 -6.76 -6.95
C MET B 255 -10.30 -8.22 -7.05
N THR B 256 -10.70 -8.90 -8.13
CA THR B 256 -10.23 -10.26 -8.35
C THR B 256 -8.74 -10.29 -8.68
N LEU B 257 -8.29 -9.30 -9.46
CA LEU B 257 -6.89 -9.27 -9.89
C LEU B 257 -5.96 -8.88 -8.75
N LEU B 258 -6.24 -7.77 -8.08
CA LEU B 258 -5.25 -7.17 -7.18
C LEU B 258 -5.71 -7.01 -5.74
N GLY B 259 -6.97 -7.26 -5.42
CA GLY B 259 -7.41 -7.18 -4.05
C GLY B 259 -6.99 -8.41 -3.26
N PRO B 260 -7.44 -8.47 -2.00
CA PRO B 260 -7.08 -9.64 -1.18
C PRO B 260 -7.90 -10.86 -1.58
N SER B 261 -7.27 -11.77 -2.32
CA SER B 261 -7.97 -12.93 -2.86
C SER B 261 -6.94 -13.97 -3.22
N ARG B 262 -7.44 -15.19 -3.45
CA ARG B 262 -6.56 -16.27 -3.87
C ARG B 262 -6.11 -16.11 -5.32
N PHE B 263 -6.86 -15.38 -6.14
CA PHE B 263 -6.55 -15.20 -7.54
C PHE B 263 -5.61 -14.04 -7.80
N ALA B 264 -4.95 -13.52 -6.77
CA ALA B 264 -4.11 -12.35 -6.95
C ALA B 264 -2.81 -12.67 -7.67
N GLU B 265 -2.38 -13.94 -7.65
CA GLU B 265 -1.09 -14.27 -8.22
C GLU B 265 -1.18 -15.40 -9.24
N SER B 266 -2.18 -16.29 -9.11
CA SER B 266 -2.22 -17.46 -9.98
C SER B 266 -2.77 -17.13 -11.36
N MET B 267 -4.06 -16.80 -11.45
CA MET B 267 -4.68 -16.03 -12.53
C MET B 267 -4.68 -16.67 -13.92
N GLY B 268 -4.01 -17.80 -14.12
CA GLY B 268 -3.86 -18.34 -15.45
C GLY B 268 -4.17 -19.82 -15.56
N PRO B 269 -3.20 -20.60 -16.04
CA PRO B 269 -3.31 -22.07 -15.90
C PRO B 269 -3.14 -22.55 -14.48
N TRP B 270 -2.65 -21.70 -13.57
CA TRP B 270 -2.51 -22.00 -12.16
C TRP B 270 -3.78 -21.69 -11.38
N GLU B 271 -4.90 -21.49 -12.05
CA GLU B 271 -6.16 -21.16 -11.41
C GLU B 271 -6.80 -22.38 -10.73
N CYS B 272 -6.27 -23.57 -10.97
CA CYS B 272 -6.71 -24.74 -10.21
C CYS B 272 -6.17 -24.74 -8.79
N TYR B 273 -5.13 -23.97 -8.51
CA TYR B 273 -4.61 -23.84 -7.15
C TYR B 273 -5.32 -22.74 -6.38
N ALA B 274 -5.88 -21.76 -7.07
CA ALA B 274 -6.60 -20.67 -6.41
C ALA B 274 -8.06 -21.00 -6.16
N SER B 275 -8.50 -22.23 -6.45
CA SER B 275 -9.84 -22.66 -6.10
C SER B 275 -9.89 -24.06 -5.52
N ALA B 276 -8.77 -24.78 -5.47
CA ALA B 276 -8.63 -26.11 -4.84
C ALA B 276 -9.61 -27.13 -5.43
N ASN B 277 -9.56 -27.25 -6.76
CA ASN B 277 -10.45 -28.16 -7.46
C ASN B 277 -10.03 -29.62 -7.31
N PHE B 278 -8.77 -29.89 -6.99
CA PHE B 278 -8.18 -31.20 -7.20
C PHE B 278 -7.92 -31.98 -5.92
N GLU B 279 -7.90 -31.33 -4.76
CA GLU B 279 -7.57 -31.99 -3.50
C GLU B 279 -8.67 -31.74 -2.48
N ARG B 280 -8.98 -32.77 -1.71
CA ARG B 280 -9.91 -32.67 -0.60
C ARG B 280 -9.12 -32.56 0.70
N SER B 281 -9.82 -32.57 1.82
CA SER B 281 -9.17 -32.54 3.13
C SER B 281 -8.46 -33.87 3.39
N PRO B 282 -7.48 -33.89 4.29
CA PRO B 282 -6.86 -35.17 4.66
C PRO B 282 -7.79 -36.12 5.40
N LEU B 283 -8.87 -35.61 6.00
CA LEU B 283 -9.84 -36.44 6.67
C LEU B 283 -10.89 -37.02 5.73
N HIS B 284 -10.83 -36.68 4.44
CA HIS B 284 -11.85 -37.08 3.48
C HIS B 284 -11.67 -38.56 3.14
N ASP B 285 -12.62 -39.10 2.36
CA ASP B 285 -12.54 -40.48 1.90
C ASP B 285 -11.34 -40.67 0.98
N TYR B 286 -10.74 -41.86 1.06
CA TYR B 286 -9.62 -42.21 0.19
C TYR B 286 -10.04 -43.11 -0.96
N LYS B 287 -11.30 -43.54 -1.00
CA LYS B 287 -11.78 -44.25 -2.18
C LYS B 287 -11.98 -43.31 -3.35
N LYS B 288 -12.49 -42.10 -3.10
CA LYS B 288 -12.68 -41.07 -4.12
C LYS B 288 -11.48 -40.14 -4.11
N HIS B 289 -10.29 -40.71 -4.29
CA HIS B 289 -9.07 -39.95 -4.43
C HIS B 289 -8.70 -39.84 -5.91
N GLN B 290 -8.02 -38.75 -6.26
CA GLN B 290 -7.54 -38.57 -7.62
C GLN B 290 -6.50 -39.62 -7.99
N GLY B 291 -5.68 -40.05 -7.03
CA GLY B 291 -4.69 -41.07 -7.29
C GLY B 291 -5.20 -42.49 -7.19
N LEU B 292 -6.51 -42.69 -7.02
CA LEU B 292 -7.07 -44.04 -7.00
C LEU B 292 -8.04 -44.27 -8.15
N THR B 293 -8.88 -43.29 -8.47
CA THR B 293 -9.70 -43.37 -9.66
C THR B 293 -8.92 -43.11 -10.94
N GLY B 294 -8.05 -42.12 -10.94
CA GLY B 294 -7.27 -41.79 -12.11
C GLY B 294 -8.03 -40.89 -13.06
N LYS B 295 -7.26 -40.14 -13.87
CA LYS B 295 -7.85 -39.22 -14.82
C LYS B 295 -7.52 -39.70 -16.23
N LYS B 296 -8.30 -39.21 -17.19
CA LYS B 296 -8.14 -39.56 -18.59
C LYS B 296 -7.32 -38.48 -19.28
N VAL B 297 -6.16 -38.87 -19.83
CA VAL B 297 -5.23 -37.93 -20.42
C VAL B 297 -4.86 -38.39 -21.83
N MET B 298 -4.53 -37.42 -22.67
CA MET B 298 -4.14 -37.66 -24.05
C MET B 298 -2.61 -37.63 -24.14
N VAL B 299 -2.04 -38.60 -24.84
CA VAL B 299 -0.60 -38.68 -25.03
C VAL B 299 -0.14 -37.50 -25.87
N ARG B 300 0.77 -36.69 -25.32
CA ARG B 300 1.27 -35.53 -26.02
C ARG B 300 2.24 -35.94 -27.12
N GLU B 301 2.38 -35.06 -28.10
CA GLU B 301 3.34 -35.24 -29.19
C GLU B 301 4.47 -34.24 -29.02
N PHE B 302 5.70 -34.73 -28.99
CA PHE B 302 6.88 -33.89 -28.85
C PHE B 302 7.66 -33.72 -30.13
N ASP B 303 7.29 -34.43 -31.20
CA ASP B 303 7.84 -34.15 -32.52
C ASP B 303 7.02 -33.07 -33.19
N ASP B 304 7.69 -32.23 -33.98
CA ASP B 304 7.03 -31.11 -34.64
C ASP B 304 6.17 -31.59 -35.80
N SER B 305 4.99 -32.12 -35.49
CA SER B 305 4.05 -32.63 -36.48
C SER B 305 2.76 -31.83 -36.46
N PHE B 306 2.85 -30.57 -36.04
CA PHE B 306 1.71 -29.69 -36.01
C PHE B 306 1.51 -28.92 -37.31
N LEU B 307 2.59 -28.54 -37.97
CA LEU B 307 2.53 -27.71 -39.16
C LEU B 307 2.18 -28.47 -40.43
N ASN B 308 1.83 -29.75 -40.33
CA ASN B 308 1.46 -30.57 -41.48
C ASN B 308 0.06 -31.14 -41.23
N ASP B 309 -0.97 -30.38 -41.59
CA ASP B 309 -2.34 -30.80 -41.37
C ASP B 309 -3.30 -30.15 -42.36
N GLU B 317 -13.25 -35.60 -36.12
CA GLU B 317 -12.59 -36.89 -36.32
C GLU B 317 -12.27 -37.55 -34.99
N GLU B 318 -12.91 -38.70 -34.73
CA GLU B 318 -12.84 -39.47 -33.48
C GLU B 318 -13.18 -38.57 -32.29
N PRO B 319 -14.47 -38.27 -32.06
CA PRO B 319 -14.85 -37.17 -31.15
C PRO B 319 -14.42 -37.34 -29.69
N GLU B 320 -13.94 -38.51 -29.27
CA GLU B 320 -13.24 -38.60 -27.99
C GLU B 320 -11.96 -37.77 -28.02
N ILE B 321 -11.22 -37.84 -29.12
CA ILE B 321 -10.00 -37.04 -29.26
C ILE B 321 -10.34 -35.56 -29.40
N ARG B 322 -11.47 -35.23 -30.02
CA ARG B 322 -11.89 -33.84 -30.12
C ARG B 322 -12.28 -33.29 -28.76
N ARG B 323 -13.00 -34.09 -27.96
CA ARG B 323 -13.38 -33.65 -26.62
C ARG B 323 -12.15 -33.51 -25.72
N LEU B 324 -11.18 -34.41 -25.86
CA LEU B 324 -9.97 -34.29 -25.05
C LEU B 324 -9.09 -33.14 -25.51
N ARG B 325 -9.11 -32.80 -26.81
CA ARG B 325 -8.35 -31.63 -27.26
C ARG B 325 -8.98 -30.33 -26.78
N LEU B 326 -10.31 -30.27 -26.77
CA LEU B 326 -10.99 -29.09 -26.25
C LEU B 326 -10.79 -28.98 -24.74
N GLU B 327 -10.77 -30.12 -24.04
CA GLU B 327 -10.47 -30.11 -22.61
C GLU B 327 -9.03 -29.73 -22.34
N LYS B 328 -8.11 -30.07 -23.25
CA LYS B 328 -6.71 -29.69 -23.09
C LYS B 328 -6.52 -28.19 -23.28
N ASN B 329 -7.23 -27.60 -24.24
CA ASN B 329 -7.21 -26.15 -24.39
C ASN B 329 -7.83 -25.45 -23.19
N MET B 330 -8.91 -26.03 -22.65
CA MET B 330 -9.56 -25.45 -21.47
C MET B 330 -8.67 -25.57 -20.24
N ILE B 331 -7.91 -26.65 -20.14
CA ILE B 331 -6.96 -26.83 -19.04
C ILE B 331 -5.82 -25.83 -19.15
N LYS B 332 -5.31 -25.61 -20.37
CA LYS B 332 -4.18 -24.70 -20.54
C LYS B 332 -4.58 -23.24 -20.32
N PHE B 333 -5.73 -22.81 -20.80
CA PHE B 333 -6.05 -21.40 -20.73
C PHE B 333 -6.88 -21.02 -19.51
N LYS B 334 -7.30 -21.99 -18.72
CA LYS B 334 -8.19 -21.79 -17.58
C LYS B 334 -7.87 -22.82 -16.51
N GLY B 335 -8.86 -23.18 -15.70
CA GLY B 335 -8.59 -24.13 -14.63
C GLY B 335 -8.71 -25.52 -15.17
N SER B 336 -9.82 -26.23 -14.93
CA SER B 336 -9.98 -27.56 -15.47
C SER B 336 -11.26 -27.76 -16.30
N ALA B 337 -12.21 -26.83 -16.24
CA ALA B 337 -13.44 -26.95 -17.02
C ALA B 337 -14.02 -25.58 -17.34
N SER B 374 -19.89 -16.48 -23.32
CA SER B 374 -19.68 -17.66 -22.49
C SER B 374 -18.81 -18.68 -23.22
N ARG B 375 -18.26 -19.63 -22.42
CA ARG B 375 -17.43 -20.78 -22.78
C ARG B 375 -16.01 -20.38 -23.20
N TYR B 376 -15.77 -19.08 -23.37
CA TYR B 376 -14.46 -18.55 -23.68
C TYR B 376 -14.09 -17.36 -22.81
N SER B 377 -15.05 -16.67 -22.23
CA SER B 377 -14.80 -15.50 -21.41
C SER B 377 -14.09 -15.91 -20.13
N SER B 378 -12.93 -15.33 -19.87
CA SER B 378 -12.09 -15.73 -18.76
C SER B 378 -12.68 -15.20 -17.45
N LEU B 379 -11.97 -15.48 -16.35
CA LEU B 379 -12.43 -15.06 -15.03
C LEU B 379 -12.38 -13.53 -14.90
N VAL B 380 -11.38 -12.90 -15.52
CA VAL B 380 -11.30 -11.45 -15.58
C VAL B 380 -11.03 -11.06 -17.03
N PRO B 381 -11.92 -10.31 -17.68
CA PRO B 381 -11.63 -9.82 -19.03
C PRO B 381 -10.58 -8.71 -19.00
N ILE B 382 -9.56 -8.87 -19.84
CA ILE B 382 -8.41 -7.97 -19.88
C ILE B 382 -8.35 -7.33 -21.26
N GLU B 383 -8.19 -6.00 -21.29
CA GLU B 383 -8.39 -5.26 -22.53
C GLU B 383 -7.09 -5.04 -23.30
N LYS B 384 -6.03 -4.57 -22.63
CA LYS B 384 -4.79 -4.23 -23.30
C LYS B 384 -3.59 -4.85 -22.59
N VAL B 385 -2.76 -5.54 -23.36
CA VAL B 385 -1.59 -6.30 -22.86
C VAL B 385 -0.52 -6.26 -23.93
N GLY B 386 0.72 -5.92 -23.56
CA GLY B 386 1.81 -6.05 -24.50
C GLY B 386 3.12 -6.51 -23.88
N PHE B 387 3.67 -7.61 -24.36
CA PHE B 387 4.87 -8.19 -23.78
C PHE B 387 6.11 -7.73 -24.53
N THR B 388 7.28 -8.20 -24.08
CA THR B 388 8.56 -7.96 -24.76
C THR B 388 9.43 -9.17 -24.47
N LEU B 389 9.44 -10.14 -25.37
CA LEU B 389 10.16 -11.39 -25.15
C LEU B 389 11.62 -11.19 -25.53
N LYS B 390 12.52 -11.32 -24.56
CA LYS B 390 13.95 -11.10 -24.76
C LYS B 390 14.67 -12.43 -24.58
N ASN B 391 14.89 -13.14 -25.69
CA ASN B 391 15.63 -14.38 -25.63
C ASN B 391 17.12 -14.10 -25.80
N GLU B 392 17.91 -15.17 -25.93
CA GLU B 392 19.35 -15.04 -26.08
C GLU B 392 19.88 -16.25 -26.84
N ILE B 393 20.16 -16.07 -28.13
CA ILE B 393 20.72 -17.10 -28.98
C ILE B 393 22.10 -16.65 -29.42
N ASN B 394 23.06 -17.59 -29.38
CA ASN B 394 24.48 -17.50 -29.80
C ASN B 394 25.13 -16.12 -29.58
N SER B 395 24.97 -15.65 -28.35
CA SER B 395 25.45 -14.34 -27.87
C SER B 395 24.85 -13.18 -28.66
N ARG B 396 23.53 -13.22 -28.85
CA ARG B 396 22.77 -12.09 -29.38
C ARG B 396 21.59 -11.85 -28.46
N ILE B 397 20.98 -10.68 -28.56
CA ILE B 397 19.79 -10.34 -27.77
C ILE B 397 18.64 -10.10 -28.74
N ILE B 398 17.76 -11.08 -28.88
CA ILE B 398 16.69 -11.05 -29.87
C ILE B 398 15.37 -10.68 -29.22
N THR B 399 14.95 -9.44 -29.38
CA THR B 399 13.70 -8.97 -28.81
C THR B 399 12.59 -9.06 -29.84
N ILE B 400 11.43 -9.55 -29.41
CA ILE B 400 10.19 -9.37 -30.16
C ILE B 400 9.21 -8.70 -29.20
N LYS B 401 8.25 -7.97 -29.75
CA LYS B 401 7.34 -7.14 -28.95
C LYS B 401 5.91 -7.45 -29.34
N LEU B 402 5.32 -8.46 -28.72
CA LEU B 402 3.91 -8.76 -28.92
C LEU B 402 3.06 -7.69 -28.25
N LYS B 403 1.89 -7.42 -28.83
CA LYS B 403 1.05 -6.34 -28.34
C LYS B 403 -0.40 -6.64 -28.71
N PHE B 404 -1.17 -7.10 -27.74
CA PHE B 404 -2.53 -7.56 -27.94
C PHE B 404 -3.52 -6.45 -27.61
N ASN B 405 -4.76 -6.63 -28.07
CA ASN B 405 -5.82 -5.66 -27.86
C ASN B 405 -7.16 -6.33 -28.11
N GLY B 406 -8.18 -5.88 -27.38
CA GLY B 406 -9.52 -6.38 -27.57
C GLY B 406 -10.37 -6.16 -26.33
N ASN B 407 -11.43 -6.96 -26.23
CA ASN B 407 -12.32 -6.92 -25.08
C ASN B 407 -11.96 -7.99 -24.04
N ASP B 408 -11.43 -9.11 -24.49
CA ASP B 408 -11.00 -10.20 -23.62
C ASP B 408 -9.89 -10.91 -24.39
N ILE B 409 -8.64 -10.63 -24.02
CA ILE B 409 -7.51 -11.07 -24.84
C ILE B 409 -7.33 -12.57 -24.76
N PHE B 410 -7.28 -13.12 -23.56
CA PHE B 410 -6.94 -14.51 -23.39
C PHE B 410 -8.08 -15.45 -23.76
N GLY B 411 -9.32 -14.96 -23.71
CA GLY B 411 -10.41 -15.71 -24.32
C GLY B 411 -10.31 -15.77 -25.83
N GLY B 412 -9.84 -14.68 -26.45
CA GLY B 412 -9.62 -14.70 -27.89
C GLY B 412 -8.48 -15.62 -28.28
N LEU B 413 -7.41 -15.63 -27.50
CA LEU B 413 -6.32 -16.57 -27.74
C LEU B 413 -6.75 -18.01 -27.50
N HIS B 414 -7.67 -18.23 -26.55
CA HIS B 414 -8.26 -19.54 -26.36
C HIS B 414 -9.07 -19.96 -27.58
N GLU B 415 -9.81 -19.02 -28.17
CA GLU B 415 -10.58 -19.34 -29.37
C GLU B 415 -9.68 -19.64 -30.55
N LEU B 416 -8.58 -18.89 -30.70
CA LEU B 416 -7.63 -19.17 -31.78
C LEU B 416 -6.94 -20.50 -31.57
N CYS B 417 -6.66 -20.86 -30.33
CA CYS B 417 -6.13 -22.19 -30.04
C CYS B 417 -7.17 -23.27 -30.26
N ASP B 418 -8.46 -22.92 -30.21
CA ASP B 418 -9.53 -23.88 -30.38
C ASP B 418 -9.87 -24.14 -31.85
N LYS B 419 -9.58 -23.19 -32.73
CA LYS B 419 -9.70 -23.40 -34.16
C LYS B 419 -8.45 -24.03 -34.77
N ASN B 420 -7.54 -24.53 -33.92
CA ASN B 420 -6.31 -25.21 -34.31
C ASN B 420 -5.39 -24.29 -35.14
N LEU B 421 -5.42 -23.00 -34.79
CA LEU B 421 -4.57 -21.99 -35.41
C LEU B 421 -3.27 -21.76 -34.67
N ILE B 422 -3.19 -22.14 -33.41
CA ILE B 422 -2.02 -21.94 -32.56
C ILE B 422 -1.73 -23.26 -31.86
N ASN B 423 -0.48 -23.71 -31.90
CA ASN B 423 -0.08 -24.93 -31.20
C ASN B 423 -0.20 -24.71 -29.70
N ILE B 424 -0.87 -25.65 -29.02
CA ILE B 424 -1.08 -25.51 -27.58
C ILE B 424 0.08 -26.09 -26.77
N ASP B 425 0.89 -26.96 -27.37
CA ASP B 425 2.06 -27.47 -26.67
C ASP B 425 3.20 -26.48 -26.66
N LYS B 426 3.11 -25.40 -27.43
CA LYS B 426 4.16 -24.40 -27.50
C LYS B 426 3.74 -23.04 -26.99
N VAL B 427 2.49 -22.87 -26.57
CA VAL B 427 2.05 -21.64 -25.92
C VAL B 427 2.75 -21.57 -24.57
N PRO B 428 3.50 -20.53 -24.29
CA PRO B 428 4.21 -20.45 -23.01
C PRO B 428 3.29 -20.04 -21.87
N GLY B 429 3.85 -19.84 -20.69
CA GLY B 429 3.03 -19.53 -19.54
C GLY B 429 2.45 -18.14 -19.58
N TRP B 430 3.24 -17.15 -19.98
CA TRP B 430 2.81 -15.77 -19.94
C TRP B 430 1.76 -15.45 -21.00
N LEU B 431 1.67 -16.26 -22.05
CA LEU B 431 0.65 -16.08 -23.07
C LEU B 431 -0.66 -16.79 -22.73
N ALA B 432 -0.59 -17.86 -21.93
CA ALA B 432 -1.79 -18.61 -21.59
C ALA B 432 -2.71 -17.80 -20.67
N GLY B 433 -2.16 -16.89 -19.89
CA GLY B 433 -3.00 -16.03 -19.09
C GLY B 433 -2.47 -15.73 -17.71
N GLU B 434 -1.38 -16.38 -17.32
CA GLU B 434 -0.80 -16.14 -16.01
C GLU B 434 -0.19 -14.75 -15.94
N ASN B 435 0.06 -14.30 -14.72
CA ASN B 435 0.28 -12.89 -14.33
C ASN B 435 -0.61 -11.94 -15.12
N GLY B 436 -1.92 -12.16 -14.96
CA GLY B 436 -2.91 -11.51 -15.79
C GLY B 436 -2.98 -10.01 -15.54
N SER B 437 -3.33 -9.30 -16.62
CA SER B 437 -3.41 -7.83 -16.71
C SER B 437 -2.08 -7.15 -16.41
N PHE B 438 -0.97 -7.85 -16.59
CA PHE B 438 0.34 -7.26 -16.46
C PHE B 438 1.08 -7.41 -17.78
N SER B 439 2.13 -6.62 -17.93
CA SER B 439 2.84 -6.55 -19.20
C SER B 439 4.27 -6.10 -18.94
N GLY B 440 5.23 -6.87 -19.44
CA GLY B 440 6.61 -6.52 -19.17
C GLY B 440 7.57 -7.48 -19.84
N THR B 441 8.85 -7.20 -19.64
CA THR B 441 9.93 -7.90 -20.31
C THR B 441 10.06 -9.33 -19.77
N ILE B 442 10.47 -10.24 -20.64
CA ILE B 442 10.67 -11.65 -20.27
C ILE B 442 12.11 -11.99 -20.59
N MET B 443 12.98 -11.86 -19.60
CA MET B 443 14.38 -12.27 -19.70
C MET B 443 14.56 -13.58 -18.95
N ASN B 444 15.34 -14.49 -19.54
CA ASN B 444 15.68 -15.81 -19.02
C ASN B 444 14.47 -16.69 -18.75
N GLY B 445 13.35 -16.45 -19.42
CA GLY B 445 12.13 -17.16 -19.14
C GLY B 445 11.37 -16.70 -17.91
N ASP B 446 11.79 -15.61 -17.28
CA ASP B 446 11.19 -15.11 -16.06
C ASP B 446 10.51 -13.78 -16.33
N PHE B 447 9.20 -13.72 -16.11
CA PHE B 447 8.44 -12.50 -16.30
C PHE B 447 8.83 -11.47 -15.25
N GLN B 448 8.88 -10.21 -15.67
CA GLN B 448 9.12 -9.10 -14.76
C GLN B 448 8.40 -7.86 -15.29
N ARG B 449 7.36 -7.44 -14.58
CA ARG B 449 6.41 -6.48 -15.10
C ARG B 449 7.02 -5.08 -15.19
N GLU B 450 6.43 -4.26 -16.04
CA GLU B 450 6.96 -2.94 -16.32
C GLU B 450 6.65 -1.97 -15.19
N GLN B 451 7.56 -1.02 -14.99
CA GLN B 451 7.41 -0.01 -13.96
C GLN B 451 6.60 1.19 -14.45
N SER C 153 -5.05 -56.47 -10.72
CA SER C 153 -4.63 -55.46 -9.75
C SER C 153 -5.61 -55.38 -8.59
N THR C 154 -5.43 -56.26 -7.60
CA THR C 154 -6.24 -56.22 -6.38
C THR C 154 -5.38 -56.14 -5.13
N SER C 155 -4.08 -56.44 -5.23
CA SER C 155 -3.17 -56.14 -4.13
C SER C 155 -2.46 -54.81 -4.35
N ASP C 156 -2.33 -54.40 -5.62
CA ASP C 156 -1.82 -53.07 -5.92
C ASP C 156 -2.81 -51.99 -5.48
N ARG C 157 -4.11 -52.30 -5.46
CA ARG C 157 -5.08 -51.38 -4.88
C ARG C 157 -4.88 -51.22 -3.39
N SER C 158 -4.53 -52.32 -2.69
CA SER C 158 -4.25 -52.22 -1.26
C SER C 158 -2.95 -51.46 -1.00
N GLU C 159 -1.94 -51.66 -1.85
CA GLU C 159 -0.70 -50.89 -1.72
C GLU C 159 -0.93 -49.41 -1.97
N LEU C 160 -1.76 -49.09 -2.97
CA LEU C 160 -2.10 -47.69 -3.24
C LEU C 160 -2.94 -47.10 -2.12
N GLU C 161 -3.80 -47.91 -1.49
CA GLU C 161 -4.59 -47.44 -0.35
C GLU C 161 -3.69 -47.13 0.84
N ASP C 162 -2.69 -47.98 1.09
CA ASP C 162 -1.71 -47.72 2.14
C ASP C 162 -0.92 -46.46 1.86
N TYR C 163 -0.52 -46.25 0.60
CA TYR C 163 0.23 -45.06 0.24
C TYR C 163 -0.62 -43.79 0.37
N ILE C 164 -1.91 -43.87 0.03
CA ILE C 164 -2.79 -42.72 0.12
C ILE C 164 -3.07 -42.36 1.58
N VAL C 165 -3.27 -43.36 2.44
CA VAL C 165 -3.53 -43.05 3.84
C VAL C 165 -2.25 -42.59 4.54
N LEU C 166 -1.08 -43.03 4.08
CA LEU C 166 0.17 -42.49 4.62
C LEU C 166 0.39 -41.06 4.16
N GLU C 167 0.00 -40.74 2.93
CA GLU C 167 0.03 -39.35 2.46
C GLU C 167 -0.91 -38.47 3.27
N ASN C 168 -2.08 -38.99 3.64
CA ASN C 168 -3.02 -38.19 4.43
C ASN C 168 -2.50 -37.96 5.85
N VAL C 169 -1.86 -38.98 6.43
CA VAL C 169 -1.25 -38.82 7.76
C VAL C 169 -0.13 -37.78 7.72
N TYR C 170 0.68 -37.80 6.65
CA TYR C 170 1.72 -36.78 6.50
C TYR C 170 1.13 -35.39 6.22
N ARG C 171 0.00 -35.33 5.53
CA ARG C 171 -0.65 -34.04 5.26
C ARG C 171 -1.30 -33.45 6.49
N MET C 172 -1.58 -34.28 7.50
CA MET C 172 -2.11 -33.78 8.75
C MET C 172 -1.13 -32.89 9.52
N PHE C 173 0.17 -32.92 9.18
CA PHE C 173 1.14 -32.09 9.88
C PHE C 173 0.97 -30.62 9.54
N GLY C 174 0.41 -30.30 8.39
CA GLY C 174 0.14 -28.92 8.03
C GLY C 174 1.01 -28.38 6.91
N ILE C 175 2.31 -28.69 6.93
CA ILE C 175 3.26 -28.21 5.94
C ILE C 175 3.80 -29.41 5.19
N THR C 176 3.54 -29.44 3.88
CA THR C 176 3.92 -30.58 3.05
C THR C 176 4.48 -30.09 1.73
N PHE C 177 5.42 -30.86 1.18
CA PHE C 177 6.00 -30.60 -0.14
C PHE C 177 5.42 -31.61 -1.13
N PHE C 178 5.08 -31.13 -2.32
CA PHE C 178 4.51 -32.00 -3.33
C PHE C 178 5.19 -31.74 -4.67
N PRO C 179 5.37 -32.77 -5.50
CA PRO C 179 6.12 -32.59 -6.74
C PRO C 179 5.33 -31.85 -7.81
N LEU C 180 6.08 -31.12 -8.63
CA LEU C 180 5.51 -30.36 -9.74
C LEU C 180 6.41 -30.45 -10.95
N VAL C 181 5.78 -30.43 -12.12
CA VAL C 181 6.45 -30.11 -13.38
C VAL C 181 5.61 -29.07 -14.10
N ASP C 182 6.27 -28.18 -14.79
CA ASP C 182 5.58 -27.20 -15.62
C ASP C 182 5.45 -27.78 -17.02
N PRO C 183 4.26 -27.83 -17.60
CA PRO C 183 4.10 -28.42 -18.94
C PRO C 183 4.73 -27.65 -20.08
N ILE C 184 5.21 -26.42 -19.85
CA ILE C 184 5.88 -25.67 -20.91
C ILE C 184 7.29 -26.19 -21.12
N ASP C 185 8.03 -26.37 -20.03
CA ASP C 185 9.46 -26.69 -20.12
C ASP C 185 9.74 -28.18 -19.95
N LEU C 186 8.85 -29.04 -20.42
CA LEU C 186 9.17 -30.45 -20.61
C LEU C 186 9.80 -30.57 -21.99
N LYS C 187 11.04 -31.03 -22.03
CA LYS C 187 11.78 -31.14 -23.28
C LYS C 187 12.25 -32.56 -23.51
N ILE C 188 12.33 -32.94 -24.77
CA ILE C 188 12.76 -34.28 -25.17
C ILE C 188 14.24 -34.21 -25.49
N LYS C 189 14.91 -35.35 -25.38
CA LYS C 189 16.35 -35.43 -25.62
C LYS C 189 16.69 -35.78 -27.06
N ASP C 190 15.81 -36.53 -27.74
CA ASP C 190 15.86 -36.97 -29.13
C ASP C 190 16.97 -37.98 -29.43
N ALA C 191 17.81 -38.33 -28.45
CA ALA C 191 18.78 -39.38 -28.64
C ALA C 191 18.36 -40.70 -28.00
N SER C 192 17.43 -40.64 -27.04
CA SER C 192 16.90 -41.84 -26.40
C SER C 192 15.38 -41.83 -26.27
N GLY C 193 14.72 -40.71 -26.53
CA GLY C 193 13.28 -40.64 -26.40
C GLY C 193 12.77 -40.36 -25.00
N GLU C 194 13.65 -40.32 -24.00
CA GLU C 194 13.28 -40.05 -22.63
C GLU C 194 13.03 -38.56 -22.45
N ILE C 195 12.07 -38.25 -21.57
CA ILE C 195 11.66 -36.88 -21.30
C ILE C 195 12.24 -36.45 -19.97
N PHE C 196 12.96 -35.33 -19.98
CA PHE C 196 13.49 -34.74 -18.77
C PHE C 196 12.85 -33.37 -18.58
N VAL C 197 12.70 -32.96 -17.33
CA VAL C 197 12.16 -31.65 -17.02
C VAL C 197 13.30 -30.64 -16.95
N ASP C 198 13.11 -29.48 -17.59
CA ASP C 198 14.19 -28.53 -17.71
C ASP C 198 14.40 -27.76 -16.41
N ARG C 199 13.39 -27.03 -15.98
CA ARG C 199 13.44 -26.25 -14.74
C ARG C 199 12.62 -26.97 -13.69
N GLU C 200 13.27 -27.36 -12.59
CA GLU C 200 12.58 -28.06 -11.52
C GLU C 200 11.65 -27.11 -10.78
N MET C 201 10.50 -27.62 -10.38
CA MET C 201 9.57 -26.90 -9.53
C MET C 201 9.36 -27.67 -8.23
N LEU C 202 8.96 -26.94 -7.19
CA LEU C 202 8.62 -27.52 -5.90
C LEU C 202 7.52 -26.67 -5.29
N GLY C 203 6.41 -27.30 -4.97
CA GLY C 203 5.26 -26.61 -4.40
C GLY C 203 5.13 -26.95 -2.92
N ILE C 204 4.63 -25.99 -2.15
CA ILE C 204 4.40 -26.17 -0.73
C ILE C 204 2.90 -26.11 -0.49
N ARG C 205 2.41 -26.99 0.39
CA ARG C 205 0.98 -27.07 0.69
C ARG C 205 0.81 -26.76 2.17
N LEU C 206 0.22 -25.60 2.46
CA LEU C 206 0.02 -25.15 3.84
C LEU C 206 -1.46 -25.23 4.17
N GLU C 207 -1.82 -26.15 5.06
CA GLU C 207 -3.23 -26.46 5.27
C GLU C 207 -3.50 -26.43 6.78
N VAL C 208 -4.07 -25.32 7.25
CA VAL C 208 -4.28 -25.09 8.67
C VAL C 208 -5.54 -25.82 9.14
N PHE C 209 -5.42 -26.53 10.26
CA PHE C 209 -6.52 -27.31 10.82
C PHE C 209 -7.34 -26.43 11.76
N SER C 210 -8.60 -26.20 11.41
CA SER C 210 -9.49 -25.44 12.27
C SER C 210 -9.89 -26.27 13.48
N GLU C 211 -10.38 -25.59 14.51
CA GLU C 211 -10.65 -26.25 15.78
C GLU C 211 -12.11 -26.05 16.18
N ARG C 212 -12.69 -24.89 15.86
CA ARG C 212 -14.08 -24.63 16.18
C ARG C 212 -15.01 -25.51 15.35
N THR C 213 -14.63 -25.81 14.11
CA THR C 213 -15.40 -26.70 13.26
C THR C 213 -14.77 -28.07 13.10
N SER C 214 -13.56 -28.27 13.64
CA SER C 214 -12.88 -29.56 13.74
C SER C 214 -12.62 -30.20 12.38
N GLN C 215 -12.38 -29.39 11.35
CA GLN C 215 -12.04 -29.89 10.04
C GLN C 215 -11.00 -28.97 9.41
N PHE C 216 -10.25 -29.52 8.46
CA PHE C 216 -9.20 -28.76 7.79
C PHE C 216 -9.80 -27.67 6.92
N GLU C 217 -9.07 -26.58 6.78
CA GLU C 217 -9.54 -25.44 6.02
C GLU C 217 -9.18 -25.59 4.55
N LYS C 218 -9.43 -24.54 3.77
CA LYS C 218 -8.99 -24.54 2.38
C LYS C 218 -7.47 -24.42 2.34
N PRO C 219 -6.78 -25.27 1.60
CA PRO C 219 -5.31 -25.23 1.62
C PRO C 219 -4.78 -24.03 0.85
N HIS C 220 -3.61 -23.58 1.28
CA HIS C 220 -2.89 -22.50 0.62
C HIS C 220 -1.63 -23.07 -0.02
N TYR C 221 -1.44 -22.79 -1.30
CA TYR C 221 -0.33 -23.34 -2.06
C TYR C 221 0.69 -22.27 -2.35
N VAL C 222 1.96 -22.63 -2.26
CA VAL C 222 3.08 -21.78 -2.63
C VAL C 222 4.00 -22.61 -3.51
N LEU C 223 4.26 -22.13 -4.72
CA LEU C 223 5.00 -22.89 -5.71
C LEU C 223 6.30 -22.16 -6.03
N LEU C 224 7.43 -22.84 -5.87
CA LEU C 224 8.73 -22.28 -6.18
C LEU C 224 9.25 -22.89 -7.46
N LYS C 225 9.92 -22.07 -8.27
CA LYS C 225 10.57 -22.53 -9.49
C LYS C 225 12.06 -22.27 -9.39
N LYS C 226 12.85 -23.14 -9.99
CA LYS C 226 14.30 -23.02 -9.92
C LYS C 226 14.78 -22.06 -10.99
N ARG C 227 15.65 -21.13 -10.60
CA ARG C 227 16.17 -20.16 -11.55
C ARG C 227 17.19 -20.82 -12.48
N ILE C 228 17.13 -20.43 -13.76
CA ILE C 228 17.87 -21.14 -14.79
C ILE C 228 19.36 -20.82 -14.80
N LYS C 229 19.78 -19.75 -14.12
CA LYS C 229 21.19 -19.35 -14.14
C LYS C 229 21.77 -19.09 -12.76
N SER C 230 21.09 -19.51 -11.69
CA SER C 230 21.57 -19.24 -10.34
C SER C 230 21.53 -20.43 -9.40
N ASN C 231 20.73 -21.46 -9.67
CA ASN C 231 20.44 -22.59 -8.77
C ASN C 231 19.95 -22.11 -7.41
N SER C 232 18.81 -21.43 -7.44
CA SER C 232 18.12 -20.98 -6.23
C SER C 232 16.66 -20.78 -6.60
N TRP C 233 15.76 -21.11 -5.68
CA TRP C 233 14.34 -20.97 -5.98
C TRP C 233 13.92 -19.52 -5.95
N PHE C 234 12.82 -19.22 -6.63
CA PHE C 234 12.18 -17.92 -6.55
C PHE C 234 10.68 -18.13 -6.51
N LEU C 235 9.98 -17.18 -5.90
CA LEU C 235 8.55 -17.33 -5.61
C LEU C 235 7.77 -17.19 -6.90
N PHE C 236 7.40 -18.32 -7.50
CA PHE C 236 6.69 -18.28 -8.76
C PHE C 236 5.23 -17.88 -8.57
N LYS C 237 4.46 -18.73 -7.90
CA LYS C 237 3.05 -18.52 -7.67
C LYS C 237 2.71 -18.82 -6.23
N HIS C 238 1.72 -18.12 -5.69
CA HIS C 238 1.27 -18.37 -4.34
C HIS C 238 -0.19 -17.95 -4.22
N THR C 239 -0.96 -18.71 -3.46
CA THR C 239 -2.36 -18.39 -3.18
C THR C 239 -2.55 -17.87 -1.78
N ILE C 240 -1.54 -17.20 -1.24
CA ILE C 240 -1.62 -16.59 0.09
C ILE C 240 -2.07 -15.15 -0.10
N PRO C 241 -3.11 -14.69 0.61
CA PRO C 241 -3.68 -13.36 0.32
C PRO C 241 -2.74 -12.22 0.68
N SER C 242 -3.16 -11.03 0.29
CA SER C 242 -2.25 -9.90 0.15
C SER C 242 -1.89 -9.23 1.47
N PHE C 243 -2.55 -9.56 2.58
CA PHE C 243 -2.15 -8.97 3.86
C PHE C 243 -1.00 -9.71 4.51
N ILE C 244 -0.51 -10.78 3.90
CA ILE C 244 0.71 -11.47 4.32
C ILE C 244 1.75 -11.22 3.25
N ASP C 245 2.86 -10.59 3.63
CA ASP C 245 3.90 -10.22 2.67
C ASP C 245 4.74 -11.45 2.39
N VAL C 246 4.36 -12.21 1.36
CA VAL C 246 5.01 -13.48 1.10
C VAL C 246 6.35 -13.27 0.41
N GLN C 247 6.44 -12.30 -0.50
CA GLN C 247 7.71 -12.00 -1.15
C GLN C 247 8.69 -11.37 -0.17
N GLY C 248 8.19 -10.61 0.81
CA GLY C 248 9.06 -10.08 1.85
C GLY C 248 9.64 -11.16 2.74
N ILE C 249 8.83 -12.17 3.07
CA ILE C 249 9.32 -13.32 3.84
C ILE C 249 10.31 -14.14 3.01
N PHE C 250 10.05 -14.28 1.72
CA PHE C 250 10.95 -15.06 0.87
C PHE C 250 12.26 -14.33 0.60
N ASP C 251 12.26 -13.00 0.62
CA ASP C 251 13.52 -12.27 0.56
C ASP C 251 14.20 -12.19 1.92
N ASP C 252 13.44 -12.34 3.00
CA ASP C 252 14.03 -12.30 4.33
C ASP C 252 14.71 -13.62 4.70
N THR C 253 14.19 -14.74 4.20
CA THR C 253 14.80 -16.02 4.55
C THR C 253 16.13 -16.21 3.84
N ASN C 254 17.17 -16.51 4.64
CA ASN C 254 18.54 -16.80 4.20
C ASN C 254 19.16 -15.66 3.40
N GLY C 255 18.70 -14.42 3.60
CA GLY C 255 19.18 -13.30 2.84
C GLY C 255 18.45 -13.04 1.54
N GLY C 256 17.80 -14.04 0.96
CA GLY C 256 17.11 -13.88 -0.29
C GLY C 256 17.32 -15.07 -1.21
N LEU C 257 18.34 -15.86 -0.92
CA LEU C 257 18.68 -17.03 -1.72
C LEU C 257 18.32 -18.30 -0.95
N VAL C 258 17.37 -19.05 -1.47
CA VAL C 258 16.93 -20.31 -0.89
C VAL C 258 17.47 -21.42 -1.77
N ILE C 259 18.30 -22.30 -1.19
CA ILE C 259 18.93 -23.39 -1.92
C ILE C 259 18.38 -24.74 -1.49
N SER C 260 18.56 -25.10 -0.22
CA SER C 260 18.21 -26.44 0.24
C SER C 260 16.73 -26.49 0.64
N HIS C 261 16.28 -27.70 0.96
CA HIS C 261 14.86 -27.89 1.23
C HIS C 261 14.46 -27.37 2.61
N ASP C 262 15.37 -27.40 3.59
CA ASP C 262 15.03 -26.84 4.90
C ASP C 262 15.04 -25.32 4.87
N ASP C 263 15.79 -24.72 3.95
CA ASP C 263 15.73 -23.28 3.75
C ASP C 263 14.38 -22.85 3.20
N ALA C 264 13.72 -23.73 2.43
CA ALA C 264 12.35 -23.48 2.02
C ALA C 264 11.36 -23.87 3.11
N TYR C 265 11.73 -24.82 3.97
CA TYR C 265 10.86 -25.21 5.07
C TYR C 265 10.73 -24.10 6.10
N LEU C 266 11.79 -23.31 6.28
CA LEU C 266 11.71 -22.17 7.20
C LEU C 266 10.75 -21.10 6.66
N PHE C 267 10.81 -20.86 5.34
CA PHE C 267 9.86 -19.96 4.68
C PHE C 267 8.42 -20.45 4.82
N ALA C 268 8.22 -21.75 4.60
CA ALA C 268 6.90 -22.35 4.78
C ALA C 268 6.42 -22.25 6.21
N LYS C 269 7.33 -22.41 7.17
CA LYS C 269 6.95 -22.30 8.58
C LYS C 269 6.55 -20.87 8.94
N ARG C 270 7.23 -19.87 8.38
CA ARG C 270 6.88 -18.49 8.68
C ARG C 270 5.52 -18.11 8.12
N VAL C 271 5.24 -18.47 6.86
CA VAL C 271 3.92 -18.13 6.31
C VAL C 271 2.83 -18.99 6.95
N PHE C 272 3.19 -20.19 7.42
CA PHE C 272 2.22 -21.02 8.11
C PHE C 272 1.88 -20.47 9.49
N LEU C 273 2.86 -19.91 10.22
CA LEU C 273 2.57 -19.30 11.50
C LEU C 273 1.71 -18.06 11.33
N GLN C 274 1.89 -17.32 10.23
CA GLN C 274 1.01 -16.18 9.99
C GLN C 274 -0.42 -16.62 9.68
N LEU C 275 -0.58 -17.67 8.87
CA LEU C 275 -1.92 -18.20 8.58
C LEU C 275 -2.59 -18.74 9.83
N VAL C 276 -1.84 -19.42 10.69
CA VAL C 276 -2.39 -19.97 11.93
C VAL C 276 -2.80 -18.86 12.88
N GLU C 277 -2.02 -17.76 12.98
CA GLU C 277 -2.40 -16.71 13.91
C GLU C 277 -3.61 -15.93 13.40
N VAL C 278 -3.78 -15.84 12.07
CA VAL C 278 -5.00 -15.24 11.52
C VAL C 278 -6.22 -16.11 11.82
N GLN C 279 -6.07 -17.43 11.64
CA GLN C 279 -7.15 -18.37 11.94
C GLN C 279 -7.53 -18.35 13.42
N LYS C 280 -6.52 -18.26 14.30
CA LYS C 280 -6.79 -18.25 15.73
C LYS C 280 -7.48 -16.96 16.17
N ARG C 281 -7.05 -15.82 15.62
CA ARG C 281 -7.69 -14.55 15.95
C ARG C 281 -9.12 -14.48 15.44
N ARG C 282 -9.42 -15.17 14.32
CA ARG C 282 -10.82 -15.24 13.89
C ARG C 282 -11.63 -16.18 14.78
N GLN C 283 -11.04 -17.33 15.13
CA GLN C 283 -11.77 -18.38 15.84
C GLN C 283 -12.10 -17.96 17.27
N ILE C 284 -11.24 -17.18 17.91
CA ILE C 284 -11.50 -16.74 19.29
C ILE C 284 -12.70 -15.80 19.34
N PHE C 285 -12.78 -14.86 18.40
CA PHE C 285 -13.92 -13.96 18.37
C PHE C 285 -15.20 -14.64 17.90
N LYS C 286 -15.08 -15.64 17.02
CA LYS C 286 -16.28 -16.39 16.63
C LYS C 286 -16.80 -17.24 17.78
N ASP C 287 -15.90 -17.79 18.61
CA ASP C 287 -16.33 -18.55 19.77
C ASP C 287 -16.84 -17.64 20.88
N LEU C 288 -16.40 -16.37 20.89
CA LEU C 288 -17.03 -15.40 21.79
C LEU C 288 -18.44 -15.07 21.34
N GLU C 289 -18.64 -14.90 20.03
CA GLU C 289 -19.96 -14.66 19.47
C GLU C 289 -20.91 -15.83 19.67
N ALA C 290 -20.38 -17.06 19.67
CA ALA C 290 -21.24 -18.23 19.83
C ALA C 290 -21.78 -18.34 21.25
N LYS C 291 -21.03 -17.87 22.24
CA LYS C 291 -21.45 -17.97 23.64
C LYS C 291 -22.25 -16.77 24.11
N LYS C 292 -22.64 -15.87 23.20
CA LYS C 292 -23.50 -14.71 23.45
C LYS C 292 -22.91 -13.74 24.48
N ILE C 293 -21.60 -13.75 24.65
CA ILE C 293 -20.96 -12.74 25.51
C ILE C 293 -20.78 -11.44 24.72
N ILE C 294 -20.60 -11.53 23.42
CA ILE C 294 -20.55 -10.37 22.54
C ILE C 294 -21.68 -10.50 21.53
N HIS C 295 -22.15 -9.37 21.04
CA HIS C 295 -23.27 -9.33 20.11
C HIS C 295 -22.73 -9.35 18.68
N ASP C 296 -23.56 -8.99 17.70
CA ASP C 296 -23.21 -9.08 16.29
C ASP C 296 -22.06 -8.14 15.95
N LEU C 297 -21.00 -8.72 15.37
CA LEU C 297 -19.73 -8.06 15.15
C LEU C 297 -19.36 -8.11 13.68
N ASP C 298 -18.48 -7.18 13.29
CA ASP C 298 -17.86 -7.21 11.97
C ASP C 298 -16.38 -7.55 12.12
N LEU C 299 -15.87 -8.27 11.14
CA LEU C 299 -14.48 -8.70 11.14
C LEU C 299 -13.79 -8.19 9.89
N ASP C 300 -12.47 -8.09 9.97
CA ASP C 300 -11.65 -7.88 8.78
C ASP C 300 -11.39 -9.23 8.12
N LEU C 301 -10.62 -9.23 7.04
CA LEU C 301 -10.27 -10.51 6.41
C LEU C 301 -9.26 -11.27 7.24
N GLU C 302 -8.42 -10.56 7.99
CA GLU C 302 -7.48 -11.19 8.90
C GLU C 302 -7.90 -11.07 10.35
N SER C 303 -9.05 -10.43 10.60
CA SER C 303 -9.61 -10.21 11.95
C SER C 303 -8.62 -9.49 12.86
N SER C 304 -8.02 -8.42 12.35
CA SER C 304 -7.10 -7.59 13.12
C SER C 304 -7.75 -6.29 13.57
N MET C 305 -9.02 -6.09 13.24
CA MET C 305 -9.73 -4.87 13.62
C MET C 305 -11.20 -5.25 13.76
N VAL C 306 -11.65 -5.42 15.01
CA VAL C 306 -13.00 -5.89 15.28
C VAL C 306 -13.78 -4.77 15.95
N SER C 307 -15.10 -4.83 15.81
CA SER C 307 -15.99 -3.90 16.49
C SER C 307 -17.24 -4.70 16.90
N PHE C 308 -17.21 -5.22 18.11
CA PHE C 308 -18.34 -5.97 18.64
C PHE C 308 -19.10 -5.10 19.64
N PHE C 309 -20.26 -5.60 20.05
CA PHE C 309 -21.06 -4.95 21.07
C PHE C 309 -20.98 -5.73 22.37
N VAL C 310 -21.37 -5.04 23.44
CA VAL C 310 -21.58 -5.61 24.76
C VAL C 310 -23.07 -5.32 24.95
N LYS C 311 -23.62 -5.54 26.15
CA LYS C 311 -25.04 -5.32 26.40
C LYS C 311 -25.51 -3.91 26.04
N ASP C 312 -24.66 -2.89 26.25
CA ASP C 312 -24.97 -1.56 25.79
C ASP C 312 -23.80 -0.97 25.01
N ILE C 313 -22.58 -1.27 25.44
CA ILE C 313 -21.38 -0.55 25.03
C ILE C 313 -20.84 -1.16 23.74
N LYS C 314 -20.33 -0.31 22.85
CA LYS C 314 -19.64 -0.76 21.64
C LYS C 314 -18.14 -0.66 21.86
N VAL C 315 -17.43 -1.76 21.59
CA VAL C 315 -15.99 -1.86 21.83
C VAL C 315 -15.28 -2.08 20.51
N GLU C 316 -14.23 -1.31 20.27
CA GLU C 316 -13.40 -1.42 19.07
C GLU C 316 -11.99 -1.84 19.46
N LEU C 317 -11.50 -2.93 18.88
CA LEU C 317 -10.15 -3.42 19.14
C LEU C 317 -9.33 -3.41 17.87
N PHE C 318 -8.07 -2.99 18.00
CA PHE C 318 -7.05 -3.21 16.97
C PHE C 318 -6.07 -4.22 17.57
N VAL C 319 -6.22 -5.47 17.18
CA VAL C 319 -5.52 -6.58 17.82
C VAL C 319 -4.36 -7.03 16.95
N LYS C 320 -3.19 -7.15 17.56
CA LYS C 320 -1.97 -7.64 16.92
C LYS C 320 -1.91 -9.16 17.06
N GLN C 321 -0.72 -9.75 16.89
CA GLN C 321 -0.59 -11.20 16.84
C GLN C 321 -0.84 -11.85 18.20
N ASN C 322 -2.14 -12.13 18.45
CA ASN C 322 -2.67 -12.75 19.66
C ASN C 322 -2.32 -11.92 20.90
N GLU C 323 -2.49 -10.61 20.78
CA GLU C 323 -2.50 -9.68 21.90
C GLU C 323 -3.19 -8.40 21.43
N ILE C 324 -3.95 -7.80 22.33
CA ILE C 324 -4.63 -6.53 22.04
C ILE C 324 -3.66 -5.39 22.31
N VAL C 325 -3.46 -4.53 21.33
CA VAL C 325 -2.54 -3.42 21.47
C VAL C 325 -3.26 -2.08 21.53
N SER C 326 -4.54 -2.01 21.14
CA SER C 326 -5.29 -0.77 21.17
C SER C 326 -6.76 -1.05 21.41
N CYS C 327 -7.28 -0.51 22.51
CA CYS C 327 -8.68 -0.64 22.86
C CYS C 327 -9.39 0.69 22.63
N SER C 328 -10.69 0.61 22.36
CA SER C 328 -11.48 1.81 22.09
C SER C 328 -12.89 1.56 22.59
N ILE C 329 -13.35 2.39 23.52
CA ILE C 329 -14.69 2.30 24.08
C ILE C 329 -15.38 3.64 23.83
N LEU C 330 -16.53 3.60 23.16
CA LEU C 330 -17.30 4.80 22.87
C LEU C 330 -18.78 4.49 23.07
N ASP C 331 -19.52 5.51 23.48
CA ASP C 331 -20.96 5.35 23.73
C ASP C 331 -21.73 6.60 23.31
N ASN C 339 -12.98 9.68 31.81
CA ASN C 339 -12.22 9.31 33.01
C ASN C 339 -12.52 7.86 33.34
N ASN C 340 -13.82 7.52 33.43
CA ASN C 340 -14.23 6.16 33.67
C ASN C 340 -14.01 5.24 32.48
N LYS C 341 -13.89 5.80 31.27
CA LYS C 341 -13.74 4.98 30.08
C LYS C 341 -12.31 4.49 29.92
N SER C 342 -11.34 5.28 30.42
CA SER C 342 -9.93 4.92 30.25
C SER C 342 -9.54 3.70 31.07
N LYS C 343 -10.11 3.55 32.27
CA LYS C 343 -9.81 2.40 33.11
C LYS C 343 -10.35 1.11 32.49
N TRP C 344 -11.55 1.17 31.93
CA TRP C 344 -12.10 0.03 31.22
C TRP C 344 -11.42 -0.22 29.88
N GLU C 345 -10.81 0.81 29.27
CA GLU C 345 -10.05 0.61 28.05
C GLU C 345 -8.73 -0.10 28.29
N ILE C 346 -7.95 0.35 29.29
CA ILE C 346 -6.71 -0.32 29.63
C ILE C 346 -6.95 -1.59 30.45
N ALA C 347 -8.20 -1.84 30.86
CA ALA C 347 -8.54 -3.14 31.43
C ALA C 347 -8.40 -4.24 30.39
N LEU C 348 -9.08 -4.11 29.25
CA LEU C 348 -9.05 -5.13 28.21
C LEU C 348 -7.74 -5.16 27.43
N LEU C 349 -6.89 -4.15 27.57
CA LEU C 349 -5.67 -4.04 26.78
C LEU C 349 -4.65 -5.05 27.32
N GLY C 350 -4.78 -6.29 26.84
CA GLY C 350 -3.93 -7.37 27.27
C GLY C 350 -3.75 -8.43 26.20
N SER C 351 -3.89 -9.69 26.59
CA SER C 351 -3.89 -10.80 25.65
C SER C 351 -5.27 -10.97 25.04
N LEU C 352 -5.49 -12.08 24.34
CA LEU C 352 -6.77 -12.34 23.68
C LEU C 352 -7.64 -13.35 24.41
N ASP C 353 -7.05 -14.21 25.24
CA ASP C 353 -7.85 -15.07 26.09
C ASP C 353 -8.19 -14.37 27.41
N ASP C 354 -7.29 -13.50 27.87
CA ASP C 354 -7.60 -12.63 28.99
C ASP C 354 -8.73 -11.65 28.68
N LEU C 355 -8.96 -11.34 27.40
CA LEU C 355 -10.14 -10.58 27.01
C LEU C 355 -11.42 -11.36 27.31
N GLU C 356 -11.41 -12.67 27.05
CA GLU C 356 -12.53 -13.53 27.43
C GLU C 356 -12.66 -13.62 28.95
N LEU C 357 -11.53 -13.63 29.67
CA LEU C 357 -11.62 -13.64 31.13
C LEU C 357 -12.14 -12.31 31.68
N LYS C 358 -11.89 -11.22 30.97
CA LYS C 358 -12.28 -9.90 31.44
C LYS C 358 -13.71 -9.52 31.08
N LEU C 359 -14.20 -9.96 29.92
CA LEU C 359 -15.55 -9.60 29.50
C LEU C 359 -16.64 -10.31 30.31
N ASN C 360 -16.29 -11.40 31.00
CA ASN C 360 -17.17 -12.00 31.99
C ASN C 360 -16.98 -11.41 33.38
N HIS C 361 -15.84 -10.76 33.62
CA HIS C 361 -15.55 -10.13 34.90
C HIS C 361 -16.37 -8.87 35.14
N SER C 362 -16.91 -8.27 34.08
CA SER C 362 -17.78 -7.11 34.22
C SER C 362 -19.27 -7.46 34.18
N PHE C 363 -19.64 -8.57 33.56
CA PHE C 363 -21.04 -8.98 33.43
C PHE C 363 -21.40 -10.11 34.39
N ALA C 364 -20.85 -10.10 35.60
CA ALA C 364 -21.15 -11.12 36.60
C ALA C 364 -22.37 -10.72 37.44
N ARG D 124 -2.94 -41.68 -29.07
CA ARG D 124 -3.67 -42.62 -28.22
C ARG D 124 -4.25 -41.90 -27.00
N VAL D 125 -4.97 -42.66 -26.18
CA VAL D 125 -5.58 -42.13 -24.96
C VAL D 125 -5.24 -43.10 -23.83
N GLU D 126 -4.59 -42.59 -22.79
CA GLU D 126 -4.21 -43.40 -21.64
C GLU D 126 -4.93 -42.90 -20.39
N ARG D 127 -5.04 -43.79 -19.41
CA ARG D 127 -5.60 -43.45 -18.11
C ARG D 127 -4.52 -43.72 -17.06
N ILE D 128 -3.90 -42.65 -16.57
CA ILE D 128 -2.83 -42.77 -15.59
C ILE D 128 -3.45 -43.03 -14.22
N ASN D 129 -2.67 -43.63 -13.33
CA ASN D 129 -3.17 -44.06 -12.03
C ASN D 129 -2.20 -43.54 -10.97
N GLY D 130 -2.36 -44.01 -9.74
CA GLY D 130 -1.48 -43.62 -8.67
C GLY D 130 -0.12 -44.26 -8.76
N LEU D 131 -0.11 -45.56 -9.03
CA LEU D 131 1.16 -46.32 -9.20
C LEU D 131 1.45 -46.46 -10.69
N THR D 132 2.40 -45.69 -11.20
CA THR D 132 2.79 -45.68 -12.61
C THR D 132 4.21 -45.15 -12.68
N ASN D 133 4.90 -45.47 -13.76
CA ASN D 133 6.26 -45.00 -13.91
C ASN D 133 6.25 -43.51 -14.29
N LEU D 134 7.41 -42.87 -14.08
CA LEU D 134 7.49 -41.42 -14.22
C LEU D 134 7.47 -40.97 -15.67
N GLN D 135 7.98 -41.81 -16.59
CA GLN D 135 8.08 -41.41 -17.99
C GLN D 135 6.70 -41.32 -18.64
N LYS D 136 5.83 -42.29 -18.39
CA LYS D 136 4.46 -42.21 -18.90
C LYS D 136 3.67 -41.10 -18.24
N GLU D 137 4.00 -40.76 -16.99
CA GLU D 137 3.39 -39.60 -16.34
C GLU D 137 3.84 -38.30 -17.01
N LEU D 138 5.10 -38.23 -17.44
CA LEU D 138 5.62 -37.01 -18.02
C LEU D 138 5.28 -36.87 -19.50
N VAL D 139 4.99 -37.97 -20.20
CA VAL D 139 4.54 -37.89 -21.59
C VAL D 139 3.18 -37.20 -21.67
N THR D 140 2.25 -37.60 -20.79
CA THR D 140 0.88 -37.15 -20.86
C THR D 140 0.59 -35.99 -19.91
N LYS D 141 1.55 -35.09 -19.73
CA LYS D 141 1.44 -34.03 -18.73
C LYS D 141 1.22 -32.69 -19.44
N TYR D 142 -0.03 -32.24 -19.48
CA TYR D 142 -0.33 -30.92 -20.01
C TYR D 142 -1.03 -30.02 -19.00
N ASP D 143 -1.29 -30.49 -17.79
CA ASP D 143 -1.87 -29.68 -16.73
C ASP D 143 -0.81 -29.28 -15.73
N THR D 144 -1.21 -28.45 -14.78
CA THR D 144 -0.28 -27.88 -13.80
C THR D 144 -0.48 -28.52 -12.43
N LEU D 145 -1.25 -29.60 -12.42
CA LEU D 145 -1.62 -30.36 -11.24
C LEU D 145 -0.40 -31.10 -10.70
N PRO D 146 -0.41 -31.50 -9.42
CA PRO D 146 0.69 -32.30 -8.89
C PRO D 146 0.80 -33.65 -9.56
N LEU D 147 2.00 -34.23 -9.50
CA LEU D 147 2.23 -35.53 -10.10
C LEU D 147 1.54 -36.62 -9.28
N LEU D 148 0.83 -37.50 -9.98
CA LEU D 148 0.02 -38.53 -9.34
C LEU D 148 0.83 -39.77 -8.97
N ASN D 149 2.13 -39.79 -9.22
CA ASN D 149 2.96 -40.93 -8.85
C ASN D 149 3.10 -40.95 -7.33
N MET D 150 2.57 -41.99 -6.69
CA MET D 150 2.49 -41.99 -5.23
C MET D 150 3.83 -42.29 -4.58
N ASN D 151 4.72 -42.99 -5.27
CA ASN D 151 6.02 -43.27 -4.68
C ASN D 151 6.92 -42.04 -4.67
N LEU D 152 6.90 -41.26 -5.76
CA LEU D 152 7.66 -40.01 -5.80
C LEU D 152 7.09 -38.99 -4.82
N ARG D 153 5.76 -38.95 -4.71
CA ARG D 153 5.11 -38.02 -3.79
C ARG D 153 5.40 -38.40 -2.34
N LEU D 154 5.39 -39.70 -2.03
CA LEU D 154 5.75 -40.14 -0.69
C LEU D 154 7.24 -39.93 -0.42
N SER D 155 8.07 -40.00 -1.47
CA SER D 155 9.49 -39.72 -1.30
C SER D 155 9.74 -38.26 -0.97
N TYR D 156 9.02 -37.34 -1.62
CA TYR D 156 9.12 -35.93 -1.24
C TYR D 156 8.55 -35.69 0.15
N LEU D 157 7.50 -36.41 0.53
CA LEU D 157 6.94 -36.24 1.87
C LEU D 157 7.83 -36.83 2.96
N ARG D 158 8.67 -37.81 2.65
CA ARG D 158 9.44 -38.51 3.66
C ARG D 158 10.89 -38.08 3.73
N ASP D 159 11.60 -38.00 2.59
CA ASP D 159 13.03 -37.76 2.66
C ASP D 159 13.38 -36.28 2.72
N HIS D 160 12.50 -35.40 2.24
CA HIS D 160 12.84 -33.99 2.09
C HIS D 160 12.20 -33.09 3.12
N THR D 161 10.88 -33.15 3.30
CA THR D 161 10.26 -32.19 4.20
C THR D 161 10.27 -32.63 5.66
N TYR D 162 10.22 -33.93 5.94
CA TYR D 162 10.27 -34.44 7.30
C TYR D 162 11.32 -35.54 7.42
N PRO D 163 12.60 -35.19 7.42
CA PRO D 163 13.63 -36.22 7.58
C PRO D 163 13.75 -36.63 9.04
N HIS D 164 14.32 -37.83 9.23
CA HIS D 164 14.52 -38.47 10.53
C HIS D 164 13.20 -38.59 11.30
N LEU D 165 12.19 -39.14 10.63
CA LEU D 165 10.89 -39.39 11.25
C LEU D 165 10.29 -40.62 10.60
N GLN D 166 9.89 -41.59 11.41
CA GLN D 166 9.41 -42.88 10.95
C GLN D 166 7.92 -42.99 11.27
N VAL D 167 7.08 -42.53 10.35
CA VAL D 167 5.64 -42.70 10.46
C VAL D 167 5.28 -44.07 9.88
N SER D 168 4.41 -44.79 10.59
CA SER D 168 3.95 -46.09 10.14
C SER D 168 2.55 -46.33 10.66
N VAL D 169 1.59 -46.41 9.74
CA VAL D 169 0.21 -46.70 10.11
C VAL D 169 0.11 -48.14 10.56
N GLN D 170 -0.41 -48.35 11.77
CA GLN D 170 -0.46 -49.68 12.37
C GLN D 170 -1.72 -50.46 11.98
N SER D 171 -2.89 -49.82 12.05
CA SER D 171 -4.14 -50.46 11.70
C SER D 171 -5.16 -49.40 11.32
N ARG D 172 -6.19 -49.83 10.58
CA ARG D 172 -7.33 -48.97 10.29
C ARG D 172 -8.58 -49.82 10.10
N ASP D 173 -9.65 -49.44 10.78
CA ASP D 173 -10.93 -50.11 10.66
C ASP D 173 -12.00 -49.10 10.24
N ARG D 174 -13.26 -49.51 10.25
CA ARG D 174 -14.37 -48.61 9.97
C ARG D 174 -15.65 -49.18 10.58
N VAL D 175 -16.71 -48.38 10.57
CA VAL D 175 -17.97 -48.74 11.22
C VAL D 175 -19.08 -48.55 10.20
N HIS D 176 -19.87 -49.61 9.99
CA HIS D 176 -21.04 -49.65 9.10
C HIS D 176 -20.72 -49.28 7.66
N GLY D 179 -20.13 -45.26 9.94
CA GLY D 179 -19.79 -44.25 8.95
C GLY D 179 -18.46 -43.55 9.21
N ILE D 180 -17.85 -43.86 10.36
CA ILE D 180 -16.58 -43.25 10.73
C ILE D 180 -15.45 -44.21 10.43
N GLU D 181 -14.21 -43.71 10.48
CA GLU D 181 -13.04 -44.54 10.23
C GLU D 181 -12.00 -44.27 11.32
N VAL D 182 -11.70 -45.29 12.09
CA VAL D 182 -10.67 -45.20 13.12
C VAL D 182 -9.33 -45.33 12.43
N LEU D 183 -8.28 -44.80 13.06
CA LEU D 183 -6.95 -44.80 12.47
C LEU D 183 -5.92 -44.74 13.58
N VAL D 184 -5.19 -45.84 13.78
CA VAL D 184 -4.13 -45.91 14.76
C VAL D 184 -2.80 -45.78 14.03
N VAL D 185 -2.06 -44.71 14.33
CA VAL D 185 -0.75 -44.47 13.73
C VAL D 185 0.20 -44.06 14.84
N ASN D 186 1.45 -44.54 14.74
CA ASN D 186 2.46 -44.20 15.71
C ASN D 186 3.67 -43.57 15.02
N TYR D 187 4.26 -42.60 15.71
CA TYR D 187 5.41 -41.86 15.21
C TYR D 187 6.63 -42.17 16.05
N LYS D 188 7.81 -42.09 15.42
CA LYS D 188 9.08 -42.28 16.12
C LYS D 188 10.05 -41.20 15.64
N PHE D 189 10.17 -40.14 16.42
CA PHE D 189 11.06 -39.03 16.09
C PHE D 189 12.50 -39.44 16.31
N CYS D 190 13.17 -39.93 15.27
CA CYS D 190 14.46 -40.57 15.38
C CYS D 190 15.63 -39.66 14.98
N ARG D 191 15.50 -38.35 15.23
CA ARG D 191 16.59 -37.42 14.96
C ARG D 191 17.74 -37.64 15.93
N ASN D 192 17.44 -38.06 17.15
CA ASN D 192 18.46 -38.51 18.10
C ASN D 192 18.48 -40.03 18.07
N THR D 193 19.53 -40.60 17.47
CA THR D 193 19.56 -42.04 17.22
C THR D 193 19.82 -42.86 18.47
N MET D 194 20.33 -42.25 19.54
CA MET D 194 20.66 -43.01 20.74
C MET D 194 19.42 -43.41 21.52
N ASN D 195 18.55 -42.44 21.83
CA ASN D 195 17.32 -42.70 22.57
C ASN D 195 16.21 -41.82 22.03
N PRO D 196 15.58 -42.22 20.93
CA PRO D 196 14.45 -41.44 20.41
C PRO D 196 13.18 -41.75 21.19
N PHE D 197 12.25 -40.80 21.17
CA PHE D 197 10.97 -40.95 21.85
C PHE D 197 9.89 -41.21 20.81
N GLU D 198 8.96 -42.09 21.15
CA GLU D 198 7.85 -42.44 20.29
C GLU D 198 6.53 -41.94 20.88
N ILE D 199 5.50 -41.93 20.04
CA ILE D 199 4.15 -41.58 20.46
C ILE D 199 3.22 -42.36 19.56
N GLN D 200 1.96 -42.52 19.98
CA GLN D 200 1.00 -43.32 19.24
C GLN D 200 -0.37 -42.67 19.36
N PHE D 201 -1.00 -42.39 18.23
CA PHE D 201 -2.26 -41.67 18.18
C PHE D 201 -3.40 -42.63 17.86
N LYS D 202 -4.63 -42.09 17.92
CA LYS D 202 -5.83 -42.84 17.52
C LYS D 202 -6.88 -41.81 17.17
N MET D 203 -7.25 -41.73 15.89
CA MET D 203 -8.10 -40.67 15.39
C MET D 203 -9.43 -41.24 14.91
N PHE D 204 -10.46 -40.39 14.94
CA PHE D 204 -11.83 -40.78 14.59
C PHE D 204 -12.40 -39.80 13.58
N TYR D 205 -12.61 -40.26 12.36
CA TYR D 205 -13.07 -39.41 11.27
C TYR D 205 -14.57 -39.19 11.32
N LYS D 206 -15.08 -38.51 10.29
CA LYS D 206 -16.49 -38.53 9.93
C LYS D 206 -16.68 -39.01 8.50
N PHE D 207 -15.63 -38.95 7.67
CA PHE D 207 -15.42 -39.71 6.43
C PHE D 207 -16.27 -39.21 5.26
N GLU D 208 -17.16 -38.27 5.53
CA GLU D 208 -17.92 -37.49 4.55
C GLU D 208 -18.45 -36.27 5.28
N ASP D 209 -18.35 -35.10 4.65
CA ASP D 209 -18.30 -33.80 5.33
C ASP D 209 -17.30 -33.90 6.49
N SER D 210 -16.04 -34.12 6.10
CA SER D 210 -15.04 -34.78 6.94
C SER D 210 -14.60 -33.88 8.07
N THR D 211 -15.06 -34.19 9.29
CA THR D 211 -14.59 -33.56 10.51
C THR D 211 -13.79 -34.57 11.33
N LEU D 212 -13.26 -34.10 12.45
CA LEU D 212 -12.52 -34.95 13.39
C LEU D 212 -13.26 -34.98 14.71
N LEU D 213 -13.89 -36.12 15.01
CA LEU D 213 -14.70 -36.24 16.22
C LEU D 213 -13.85 -36.31 17.48
N LYS D 214 -13.06 -37.37 17.61
CA LYS D 214 -12.22 -37.57 18.79
C LYS D 214 -10.81 -37.93 18.34
N TRP D 215 -9.85 -37.65 19.22
CA TRP D 215 -8.50 -38.18 19.09
C TRP D 215 -7.93 -38.32 20.48
N GLU D 216 -7.24 -39.44 20.71
CA GLU D 216 -6.69 -39.72 22.03
C GLU D 216 -5.30 -40.32 21.87
N ILE D 217 -4.53 -40.25 22.95
CA ILE D 217 -3.14 -40.67 22.95
C ILE D 217 -3.05 -41.98 23.72
N LEU D 218 -2.50 -43.02 23.07
CA LEU D 218 -2.46 -44.34 23.69
C LEU D 218 -1.19 -44.54 24.51
N ARG D 219 -0.02 -44.36 23.89
CA ARG D 219 1.21 -44.53 24.63
C ARG D 219 2.20 -43.45 24.22
N ILE D 220 2.95 -42.96 25.21
CA ILE D 220 4.07 -42.05 25.01
C ILE D 220 5.30 -42.69 25.64
N SER D 221 6.40 -42.67 24.91
CA SER D 221 7.68 -43.06 25.49
C SER D 221 8.05 -42.07 26.58
N THR D 222 8.45 -42.59 27.75
CA THR D 222 8.55 -41.76 28.95
C THR D 222 9.79 -40.88 28.97
N ASN D 223 9.89 -39.94 28.02
CA ASN D 223 10.90 -38.91 28.02
C ASN D 223 10.35 -37.50 27.86
N VAL D 224 9.29 -37.33 27.08
CA VAL D 224 8.73 -36.02 26.77
C VAL D 224 7.37 -35.92 27.48
N ARG D 225 7.12 -36.88 28.39
CA ARG D 225 5.79 -37.11 28.92
C ARG D 225 5.29 -35.92 29.74
N LEU D 226 6.15 -35.33 30.58
CA LEU D 226 5.74 -34.12 31.28
C LEU D 226 5.82 -32.91 30.35
N LYS D 227 6.75 -32.92 29.39
CA LYS D 227 6.84 -31.81 28.45
C LYS D 227 5.66 -31.79 27.49
N ALA D 228 5.16 -32.96 27.11
CA ALA D 228 3.96 -33.09 26.30
C ALA D 228 2.74 -33.39 27.16
N LYS D 229 2.71 -32.84 28.37
CA LYS D 229 1.54 -32.94 29.24
C LYS D 229 0.66 -31.70 29.17
N GLN D 230 1.26 -30.51 29.31
CA GLN D 230 0.51 -29.27 29.15
C GLN D 230 0.26 -28.98 27.68
N LEU D 231 1.16 -29.43 26.79
CA LEU D 231 0.98 -29.22 25.36
C LEU D 231 -0.18 -30.04 24.82
N LEU D 232 -0.36 -31.26 25.31
CA LEU D 232 -1.34 -32.20 24.78
C LEU D 232 -2.72 -32.02 25.38
N ALA D 233 -3.03 -30.83 25.92
CA ALA D 233 -4.36 -30.52 26.42
C ALA D 233 -5.01 -29.40 25.63
N THR D 234 -4.43 -29.03 24.48
CA THR D 234 -5.03 -28.05 23.59
C THR D 234 -6.14 -28.63 22.74
N ARG D 235 -6.23 -29.97 22.66
CA ARG D 235 -7.16 -30.72 21.80
C ARG D 235 -6.98 -30.35 20.33
N ASN D 236 -5.75 -30.02 19.93
CA ASN D 236 -5.40 -29.66 18.56
C ASN D 236 -4.21 -30.52 18.19
N PHE D 237 -4.45 -31.59 17.43
CA PHE D 237 -3.42 -32.58 17.13
C PHE D 237 -2.36 -32.04 16.18
N GLN D 238 -2.70 -31.07 15.33
CA GLN D 238 -1.74 -30.45 14.43
C GLN D 238 -0.67 -29.71 15.20
N LYS D 239 -1.07 -28.92 16.21
CA LYS D 239 -0.11 -28.17 17.01
C LYS D 239 0.76 -29.09 17.84
N CYS D 240 0.21 -30.19 18.36
CA CYS D 240 1.03 -31.12 19.14
C CYS D 240 2.03 -31.86 18.26
N LEU D 241 1.61 -32.25 17.05
CA LEU D 241 2.53 -32.92 16.13
C LEU D 241 3.67 -32.01 15.68
N LEU D 242 3.32 -30.79 15.25
CA LEU D 242 4.34 -29.83 14.83
C LEU D 242 5.24 -29.41 15.98
N SER D 243 4.68 -29.26 17.18
CA SER D 243 5.48 -28.86 18.33
C SER D 243 6.42 -29.97 18.77
N LEU D 244 6.00 -31.23 18.66
CA LEU D 244 6.91 -32.33 19.01
C LEU D 244 8.04 -32.45 18.00
N TYR D 245 7.73 -32.29 16.70
CA TYR D 245 8.78 -32.39 15.69
C TYR D 245 9.77 -31.24 15.79
N GLU D 246 9.27 -30.00 15.95
CA GLU D 246 10.17 -28.87 16.11
C GLU D 246 10.91 -28.90 17.43
N PHE D 247 10.33 -29.52 18.47
CA PHE D 247 11.03 -29.64 19.74
C PHE D 247 12.21 -30.60 19.62
N ASP D 248 12.03 -31.72 18.93
CA ASP D 248 13.17 -32.63 18.80
C ASP D 248 14.22 -32.08 17.84
N LYS D 249 13.79 -31.30 16.84
CA LYS D 249 14.76 -30.62 15.97
C LYS D 249 15.58 -29.58 16.73
N ILE D 250 14.91 -28.82 17.60
CA ILE D 250 15.58 -27.80 18.40
C ILE D 250 16.53 -28.43 19.42
N LYS D 251 16.11 -29.56 20.00
CA LYS D 251 16.97 -30.29 20.93
C LYS D 251 18.21 -30.85 20.22
N SER D 252 18.04 -31.33 18.98
CA SER D 252 19.18 -31.82 18.22
C SER D 252 20.15 -30.69 17.87
N LYS D 253 19.61 -29.52 17.48
CA LYS D 253 20.48 -28.37 17.23
C LYS D 253 21.19 -27.89 18.48
N LYS D 254 20.53 -27.97 19.64
CA LYS D 254 21.13 -27.54 20.90
C LYS D 254 22.28 -28.46 21.29
N THR D 255 22.06 -29.78 21.21
CA THR D 255 23.14 -30.69 21.57
C THR D 255 24.26 -30.67 20.53
N GLY D 256 23.96 -30.32 19.28
CA GLY D 256 25.02 -30.12 18.31
C GLY D 256 25.88 -28.90 18.61
N ILE D 257 25.25 -27.78 18.95
CA ILE D 257 25.98 -26.56 19.30
C ILE D 257 26.81 -26.77 20.56
N PHE D 258 26.23 -27.45 21.55
CA PHE D 258 26.97 -27.70 22.79
C PHE D 258 28.10 -28.68 22.60
N GLN D 259 27.94 -29.72 21.77
CA GLN D 259 29.04 -30.64 21.51
C GLN D 259 30.14 -29.99 20.69
N ASN D 260 29.77 -29.06 19.79
CA ASN D 260 30.77 -28.26 19.09
C ASN D 260 31.54 -27.37 20.07
N LEU D 261 30.89 -26.91 21.13
CA LEU D 261 31.62 -26.15 22.14
C LEU D 261 32.43 -27.05 23.06
N ILE D 262 32.05 -28.33 23.19
CA ILE D 262 32.93 -29.29 23.86
C ILE D 262 34.22 -29.48 23.07
N ASN D 263 34.08 -29.68 21.76
CA ASN D 263 35.22 -30.14 20.95
C ASN D 263 36.28 -29.07 20.76
N LEU D 264 35.92 -27.80 20.92
CA LEU D 264 36.88 -26.71 20.76
C LEU D 264 37.39 -26.16 22.08
N LEU D 265 37.06 -26.79 23.21
CA LEU D 265 37.47 -26.26 24.51
C LEU D 265 37.94 -27.34 25.47
N LYS D 266 38.05 -28.60 25.05
CA LYS D 266 38.40 -29.67 25.97
C LYS D 266 39.89 -29.67 26.33
N ARG D 267 40.72 -28.98 25.55
CA ARG D 267 42.16 -29.02 25.79
C ARG D 267 42.65 -27.84 26.62
N LYS D 268 41.87 -26.75 26.65
CA LYS D 268 42.28 -25.57 27.40
C LYS D 268 41.56 -25.41 28.72
N THR D 269 40.30 -25.86 28.81
CA THR D 269 39.49 -25.63 30.00
C THR D 269 38.92 -26.95 30.51
N ARG D 270 38.33 -26.93 31.70
CA ARG D 270 37.47 -28.00 32.16
C ARG D 270 36.03 -27.62 31.86
N CYS D 271 35.29 -28.54 31.24
CA CYS D 271 33.98 -28.22 30.69
C CYS D 271 33.05 -29.41 30.90
N TYR D 272 32.15 -29.28 31.87
CA TYR D 272 31.17 -30.30 32.21
C TYR D 272 29.77 -29.73 32.07
N LEU D 273 28.81 -30.59 31.73
CA LEU D 273 27.43 -30.17 31.55
C LEU D 273 26.71 -30.14 32.89
N MET D 274 25.45 -29.68 32.86
CA MET D 274 24.70 -29.52 34.14
C MET D 274 23.21 -29.80 33.93
N ASN D 275 22.46 -29.86 35.03
CA ASN D 275 20.99 -30.16 35.01
C ASN D 275 20.80 -31.38 34.13
N ASN D 276 20.06 -31.21 33.02
CA ASN D 276 19.92 -32.30 32.07
C ASN D 276 20.86 -32.15 30.88
N SER D 277 20.66 -31.09 30.09
CA SER D 277 21.70 -30.61 29.18
C SER D 277 21.61 -29.10 29.02
N ASP D 278 20.81 -28.41 29.83
CA ASP D 278 20.36 -27.07 29.52
C ASP D 278 21.37 -25.98 29.83
N SER D 279 22.51 -26.30 30.45
CA SER D 279 23.47 -25.26 30.81
C SER D 279 24.87 -25.84 30.82
N LEU D 280 25.65 -25.53 29.79
CA LEU D 280 27.05 -25.89 29.72
C LEU D 280 27.87 -24.95 30.59
N ILE D 281 28.83 -25.51 31.31
CA ILE D 281 29.69 -24.75 32.22
C ILE D 281 31.14 -25.00 31.86
N VAL D 282 31.89 -23.92 31.61
CA VAL D 282 33.34 -23.97 31.39
C VAL D 282 34.02 -23.29 32.57
N GLU D 283 35.26 -23.71 32.83
CA GLU D 283 36.02 -23.16 33.94
C GLU D 283 37.50 -23.18 33.60
N ARG D 284 38.20 -22.13 34.01
CA ARG D 284 39.62 -21.97 33.70
C ARG D 284 40.34 -21.31 34.86
N VAL D 285 41.67 -21.47 34.87
CA VAL D 285 42.61 -20.86 35.82
C VAL D 285 42.27 -21.17 37.28
N THR D 293 40.17 -18.45 39.99
CA THR D 293 39.58 -19.14 38.85
C THR D 293 38.44 -18.33 38.25
N ILE D 294 37.85 -18.84 37.17
CA ILE D 294 36.76 -18.16 36.48
C ILE D 294 35.83 -19.21 35.88
N LYS D 295 34.54 -19.05 36.09
CA LYS D 295 33.53 -19.96 35.55
C LYS D 295 32.54 -19.20 34.68
N LEU D 296 31.99 -19.90 33.69
CA LEU D 296 31.01 -19.33 32.78
C LEU D 296 29.97 -20.39 32.47
N GLN D 297 28.70 -20.03 32.61
CA GLN D 297 27.58 -20.94 32.39
C GLN D 297 26.74 -20.44 31.24
N ILE D 298 26.49 -21.30 30.25
CA ILE D 298 25.77 -20.94 29.03
C ILE D 298 24.45 -21.69 29.04
N ASN D 299 23.36 -21.00 29.36
CA ASN D 299 22.05 -21.62 29.44
C ASN D 299 21.42 -21.78 28.05
N PHE D 300 20.71 -22.89 27.87
CA PHE D 300 19.96 -23.15 26.63
C PHE D 300 18.72 -23.92 27.05
N ILE D 301 17.61 -23.21 27.24
CA ILE D 301 16.39 -23.79 27.78
C ILE D 301 15.34 -23.82 26.68
N ILE D 302 14.72 -24.98 26.49
CA ILE D 302 13.64 -25.17 25.54
C ILE D 302 12.34 -25.27 26.33
N THR D 303 11.44 -24.32 26.12
CA THR D 303 10.19 -24.25 26.87
C THR D 303 9.04 -24.66 25.97
N MET D 304 8.42 -25.79 26.30
CA MET D 304 7.24 -26.25 25.57
C MET D 304 6.06 -25.30 25.84
N PRO D 305 5.20 -25.08 24.84
CA PRO D 305 4.10 -24.14 25.02
C PRO D 305 3.02 -24.70 25.92
N GLY D 306 2.07 -23.83 26.27
CA GLY D 306 0.98 -24.23 27.15
C GLY D 306 0.18 -23.03 27.61
N GLU D 307 -0.19 -23.06 28.88
CA GLU D 307 -0.98 -21.99 29.48
C GLU D 307 -0.14 -20.73 29.69
N CYS D 314 2.40 -18.27 21.06
CA CYS D 314 2.71 -19.18 19.96
C CYS D 314 2.58 -20.62 20.41
N PHE D 315 2.68 -21.55 19.44
CA PHE D 315 2.56 -22.97 19.74
C PHE D 315 3.81 -23.76 19.38
N LEU D 316 4.82 -23.11 18.88
CA LEU D 316 6.09 -23.80 18.69
C LEU D 316 6.99 -23.58 19.89
N PRO D 317 7.85 -24.54 20.24
CA PRO D 317 8.74 -24.35 21.39
C PRO D 317 9.83 -23.34 21.08
N MET D 318 10.10 -22.49 22.07
CA MET D 318 11.07 -21.41 21.92
C MET D 318 12.30 -21.70 22.77
N SER D 319 13.44 -21.20 22.30
CA SER D 319 14.70 -21.36 22.99
C SER D 319 15.09 -20.06 23.68
N LYS D 320 15.84 -20.19 24.77
CA LYS D 320 16.31 -19.03 25.51
C LYS D 320 17.80 -19.23 25.81
N ILE D 321 18.62 -18.27 25.39
CA ILE D 321 20.06 -18.32 25.67
C ILE D 321 20.39 -17.18 26.62
N SER D 322 20.93 -17.54 27.79
CA SER D 322 21.43 -16.55 28.73
C SER D 322 22.75 -17.05 29.28
N ILE D 323 23.62 -16.12 29.64
CA ILE D 323 24.92 -16.47 30.18
C ILE D 323 25.08 -15.85 31.56
N ALA D 324 26.08 -16.35 32.29
CA ALA D 324 26.37 -15.85 33.63
C ALA D 324 27.83 -16.09 33.92
N LEU D 325 28.54 -15.07 34.39
CA LEU D 325 29.96 -15.19 34.67
C LEU D 325 30.23 -15.19 36.16
N TRP D 326 31.35 -15.79 36.54
CA TRP D 326 31.84 -15.78 37.91
C TRP D 326 33.35 -15.63 37.85
N LYS D 327 33.88 -14.57 38.46
CA LYS D 327 35.31 -14.30 38.45
C LYS D 327 36.02 -14.87 39.67
N GLY D 328 35.53 -15.98 40.21
CA GLY D 328 36.09 -16.54 41.42
C GLY D 328 35.39 -16.02 42.65
N GLY D 329 35.37 -14.71 42.81
CA GLY D 329 34.73 -14.09 43.96
C GLY D 329 33.23 -14.08 43.90
N GLU D 330 32.66 -13.34 42.95
CA GLU D 330 31.22 -13.15 42.91
C GLU D 330 30.75 -13.03 41.47
N ARG D 331 29.43 -12.94 41.31
CA ARG D 331 28.81 -12.81 40.01
C ARG D 331 28.93 -11.38 39.49
N PHE D 332 28.96 -11.24 38.17
CA PHE D 332 28.98 -9.94 37.52
C PHE D 332 27.57 -9.38 37.41
N ASN D 333 27.45 -8.21 36.81
CA ASN D 333 26.16 -7.58 36.59
C ASN D 333 25.43 -8.31 35.47
N GLN D 334 24.20 -8.73 35.74
CA GLN D 334 23.45 -9.54 34.78
C GLN D 334 23.00 -8.72 33.58
N ILE D 335 22.78 -7.42 33.77
CA ILE D 335 22.27 -6.59 32.68
C ILE D 335 23.36 -6.33 31.65
N ASP D 336 24.59 -6.08 32.11
CA ASP D 336 25.70 -5.86 31.19
C ASP D 336 26.07 -7.13 30.44
N LEU D 337 26.00 -8.28 31.12
CA LEU D 337 26.25 -9.55 30.45
C LEU D 337 25.15 -9.89 29.47
N ASP D 338 23.90 -9.53 29.79
CA ASP D 338 22.80 -9.74 28.85
C ASP D 338 22.95 -8.86 27.63
N GLU D 339 23.42 -7.62 27.81
CA GLU D 339 23.65 -6.73 26.67
C GLU D 339 24.81 -7.21 25.80
N ILE D 340 25.88 -7.72 26.44
CA ILE D 340 27.02 -8.24 25.69
C ILE D 340 26.64 -9.49 24.91
N CYS D 341 25.87 -10.39 25.54
CA CYS D 341 25.42 -11.61 24.86
C CYS D 341 24.46 -11.31 23.73
N TYR D 342 23.54 -10.35 23.95
CA TYR D 342 22.59 -9.95 22.92
C TYR D 342 23.29 -9.31 21.73
N GLY D 343 24.30 -8.47 22.00
CA GLY D 343 25.05 -7.88 20.90
C GLY D 343 25.90 -8.89 20.14
N LEU D 344 26.58 -9.78 20.86
CA LEU D 344 27.45 -10.76 20.21
C LEU D 344 26.69 -11.86 19.51
N ILE D 345 25.42 -12.08 19.83
CA ILE D 345 24.60 -13.05 19.11
C ILE D 345 23.82 -12.39 17.98
N LYS D 346 23.36 -11.15 18.19
CA LYS D 346 22.71 -10.40 17.12
C LYS D 346 23.69 -10.03 16.01
N GLU D 347 24.97 -9.91 16.33
CA GLU D 347 25.97 -9.48 15.35
C GLU D 347 26.62 -10.67 14.64
N TYR D 348 26.93 -11.74 15.38
CA TYR D 348 27.69 -12.84 14.81
C TYR D 348 26.79 -14.02 14.44
N GLY D 349 26.03 -14.53 15.40
CA GLY D 349 25.27 -15.75 15.19
C GLY D 349 25.12 -16.50 16.49
N VAL D 350 24.76 -17.77 16.39
CA VAL D 350 24.58 -18.63 17.54
C VAL D 350 25.69 -19.66 17.67
N LYS D 351 26.08 -20.28 16.54
CA LYS D 351 27.16 -21.27 16.59
C LYS D 351 28.51 -20.58 16.74
N THR D 352 28.72 -19.48 16.02
CA THR D 352 29.96 -18.71 16.11
C THR D 352 29.85 -17.55 17.10
N GLY D 353 28.67 -17.28 17.62
CA GLY D 353 28.49 -16.20 18.55
C GLY D 353 28.98 -16.53 19.95
N LEU D 354 28.72 -17.76 20.40
CA LEU D 354 29.12 -18.17 21.74
C LEU D 354 30.62 -18.42 21.84
N LYS D 355 31.26 -18.77 20.73
CA LYS D 355 32.71 -18.93 20.73
C LYS D 355 33.42 -17.62 20.99
N GLU D 356 32.86 -16.51 20.49
CA GLU D 356 33.38 -15.19 20.85
C GLU D 356 33.18 -14.89 22.33
N ILE D 357 32.09 -15.38 22.93
CA ILE D 357 31.86 -15.16 24.35
C ILE D 357 32.86 -15.94 25.19
N CYS D 358 33.20 -17.16 24.77
CA CYS D 358 34.26 -17.89 25.45
C CYS D 358 35.63 -17.25 25.23
N ASN D 359 35.84 -16.62 24.06
CA ASN D 359 37.09 -15.91 23.82
C ASN D 359 37.23 -14.67 24.70
N VAL D 360 36.11 -13.99 24.97
CA VAL D 360 36.16 -12.85 25.89
C VAL D 360 36.30 -13.32 27.33
N CYS D 361 35.67 -14.45 27.70
CA CYS D 361 35.78 -14.90 29.08
C CYS D 361 37.13 -15.53 29.38
N LEU D 362 37.87 -15.97 28.36
CA LEU D 362 39.28 -16.30 28.55
C LEU D 362 40.07 -15.06 28.97
N PHE D 363 40.17 -14.09 28.06
CA PHE D 363 40.87 -12.81 28.16
C PHE D 363 42.29 -12.94 28.70
N PRO D 364 43.04 -13.95 28.28
CA PRO D 364 44.48 -13.96 28.61
C PRO D 364 45.26 -13.13 27.61
N ASP D 365 44.88 -13.22 26.34
CA ASP D 365 45.49 -12.44 25.28
C ASP D 365 44.67 -11.19 24.95
N MET D 366 43.42 -11.37 24.55
CA MET D 366 42.56 -10.26 24.16
C MET D 366 41.09 -10.67 24.21
N SER E 161 -35.66 58.08 -23.20
CA SER E 161 -35.81 59.32 -22.43
C SER E 161 -36.57 59.05 -21.13
N ILE E 162 -36.46 57.82 -20.62
CA ILE E 162 -37.11 57.48 -19.36
C ILE E 162 -36.07 57.18 -18.28
N LEU E 163 -34.94 56.58 -18.67
CA LEU E 163 -33.87 56.31 -17.72
C LEU E 163 -33.21 57.60 -17.26
N ARG E 164 -33.11 58.58 -18.16
CA ARG E 164 -32.62 59.90 -17.79
C ARG E 164 -33.57 60.58 -16.81
N LEU E 165 -34.88 60.34 -16.97
CA LEU E 165 -35.86 60.89 -16.04
C LEU E 165 -35.76 60.22 -14.67
N LEU E 166 -35.47 58.91 -14.66
CA LEU E 166 -35.31 58.20 -13.39
C LEU E 166 -34.04 58.65 -12.66
N GLU E 167 -32.96 58.85 -13.41
CA GLU E 167 -31.72 59.34 -12.80
C GLU E 167 -31.88 60.77 -12.30
N THR E 168 -32.61 61.60 -13.05
CA THR E 168 -32.86 62.97 -12.62
C THR E 168 -33.77 63.01 -11.40
N ASN E 169 -34.70 62.07 -11.30
CA ASN E 169 -35.57 62.01 -10.12
C ASN E 169 -34.81 61.55 -8.88
N THR E 170 -33.90 60.57 -9.05
CA THR E 170 -33.08 60.13 -7.94
C THR E 170 -32.14 61.23 -7.46
N VAL E 171 -31.53 61.94 -8.41
CA VAL E 171 -30.68 63.08 -8.06
C VAL E 171 -31.50 64.23 -7.46
N SER E 172 -32.77 64.35 -7.86
CA SER E 172 -33.64 65.38 -7.29
C SER E 172 -33.97 65.07 -5.85
N ALA E 173 -34.25 63.81 -5.54
CA ALA E 173 -34.50 63.40 -4.16
C ALA E 173 -33.25 63.59 -3.30
N LEU E 174 -32.08 63.22 -3.84
CA LEU E 174 -30.83 63.37 -3.10
C LEU E 174 -30.49 64.84 -2.88
N ASP E 175 -30.73 65.70 -3.87
CA ASP E 175 -30.41 67.12 -3.72
C ASP E 175 -31.41 67.81 -2.83
N SER E 176 -32.67 67.36 -2.83
CA SER E 176 -33.65 67.91 -1.90
C SER E 176 -33.31 67.54 -0.46
N VAL E 177 -32.82 66.32 -0.23
CA VAL E 177 -32.35 65.93 1.10
C VAL E 177 -31.12 66.71 1.50
N PHE E 178 -30.20 66.96 0.55
CA PHE E 178 -28.98 67.69 0.87
C PHE E 178 -29.25 69.16 1.11
N GLU E 179 -30.30 69.70 0.48
CA GLU E 179 -30.69 71.09 0.74
C GLU E 179 -31.46 71.20 2.04
N LYS E 180 -32.23 70.18 2.40
CA LYS E 180 -32.93 70.17 3.68
C LYS E 180 -31.95 69.98 4.83
N TYR E 181 -30.81 69.35 4.56
CA TYR E 181 -29.77 69.20 5.58
C TYR E 181 -29.15 70.55 5.96
N GLU E 182 -29.16 71.51 5.03
CA GLU E 182 -28.73 72.86 5.38
C GLU E 182 -29.91 73.72 5.83
N LYS E 183 -31.12 73.36 5.41
CA LYS E 183 -32.31 74.08 5.85
C LYS E 183 -32.65 73.75 7.29
N GLU E 184 -32.12 72.64 7.81
CA GLU E 184 -32.31 72.31 9.23
C GLU E 184 -31.58 73.28 10.14
N MET E 185 -30.58 74.00 9.62
CA MET E 185 -29.92 75.03 10.41
C MET E 185 -30.20 76.42 9.86
N ASN E 186 -30.77 76.48 8.64
CA ASN E 186 -31.04 77.79 8.04
C ASN E 186 -32.48 78.22 8.27
N GLN E 187 -33.20 77.53 9.16
CA GLN E 187 -34.60 77.89 9.40
C GLN E 187 -34.76 78.62 10.73
N MET E 188 -33.67 79.11 11.31
CA MET E 188 -33.75 79.76 12.61
C MET E 188 -34.12 81.24 12.47
N THR E 189 -34.10 81.76 11.25
CA THR E 189 -34.43 83.16 11.04
C THR E 189 -35.93 83.42 11.19
N HIS E 190 -36.74 82.71 10.42
CA HIS E 190 -38.20 82.86 10.51
C HIS E 190 -38.75 82.16 11.74
N ASN E 193 -43.12 78.25 12.51
CA ASN E 193 -41.70 78.23 12.18
C ASN E 193 -41.24 76.82 11.79
N ASN E 194 -41.38 75.88 12.72
CA ASN E 194 -40.99 74.51 12.45
C ASN E 194 -41.99 73.84 11.52
N GLU E 195 -43.24 74.27 11.56
CA GLU E 195 -44.23 73.78 10.59
C GLU E 195 -44.25 74.67 9.35
N VAL E 196 -43.45 75.75 9.36
CA VAL E 196 -43.35 76.62 8.19
C VAL E 196 -42.21 76.17 7.28
N LYS E 197 -41.61 75.01 7.57
CA LYS E 197 -40.58 74.48 6.72
C LYS E 197 -40.97 73.10 6.19
N ARG E 198 -41.71 72.34 7.00
CA ARG E 198 -42.17 71.03 6.56
C ARG E 198 -43.38 71.13 5.66
N ILE E 199 -44.06 72.28 5.69
CA ILE E 199 -45.18 72.51 4.78
C ILE E 199 -44.75 73.36 3.58
N TYR E 200 -43.63 74.05 3.71
CA TYR E 200 -43.13 74.87 2.60
C TYR E 200 -42.15 74.07 1.75
N SER E 201 -41.77 72.88 2.21
CA SER E 201 -40.88 72.03 1.43
C SER E 201 -41.59 71.46 0.21
N LYS E 202 -42.92 71.30 0.31
CA LYS E 202 -43.68 70.74 -0.81
C LYS E 202 -43.83 71.75 -1.94
N LYS E 203 -43.65 73.03 -1.64
CA LYS E 203 -43.70 74.05 -2.67
C LYS E 203 -42.46 73.98 -3.56
N GLU E 204 -41.27 73.95 -2.95
CA GLU E 204 -40.03 73.93 -3.72
C GLU E 204 -39.80 72.56 -4.36
N ARG E 205 -40.37 71.50 -3.76
CA ARG E 205 -40.28 70.18 -4.36
C ARG E 205 -41.16 70.09 -5.61
N LEU E 206 -42.25 70.85 -5.63
CA LEU E 206 -43.09 70.91 -6.82
C LEU E 206 -42.45 71.78 -7.89
N LEU E 207 -41.58 72.70 -7.48
CA LEU E 207 -40.84 73.52 -8.44
C LEU E 207 -39.81 72.67 -9.19
N GLU E 208 -39.22 71.69 -8.50
CA GLU E 208 -38.35 70.74 -9.18
C GLU E 208 -39.16 69.68 -9.91
N ILE E 209 -40.41 69.48 -9.48
CA ILE E 209 -41.28 68.52 -10.16
C ILE E 209 -41.89 69.13 -11.41
N ILE E 210 -41.91 70.46 -11.49
CA ILE E 210 -42.38 71.13 -12.70
C ILE E 210 -41.23 71.42 -13.64
N LEU E 211 -40.02 71.55 -13.09
CA LEU E 211 -38.84 71.76 -13.94
C LEU E 211 -38.40 70.44 -14.56
N THR E 212 -38.63 69.32 -13.88
CA THR E 212 -38.38 68.02 -14.48
C THR E 212 -39.48 67.67 -15.47
N LYS E 213 -40.67 68.22 -15.27
CA LYS E 213 -41.76 68.02 -16.22
C LYS E 213 -41.49 68.76 -17.53
N ILE E 214 -40.95 69.98 -17.42
CA ILE E 214 -40.58 70.73 -18.61
C ILE E 214 -39.35 70.13 -19.29
N LYS E 215 -38.49 69.48 -18.51
CA LYS E 215 -37.32 68.83 -19.08
C LYS E 215 -37.69 67.49 -19.70
N LYS E 216 -38.85 66.95 -19.32
CA LYS E 216 -39.31 65.69 -19.91
C LYS E 216 -39.83 65.90 -21.32
N LYS E 217 -40.28 67.11 -21.62
CA LYS E 217 -40.77 67.42 -22.97
C LYS E 217 -39.66 67.94 -23.85
N LEU E 218 -38.49 68.20 -23.27
CA LEU E 218 -37.36 68.69 -24.05
C LEU E 218 -36.50 67.55 -24.56
N ARG E 219 -36.99 66.32 -24.44
CA ARG E 219 -36.26 65.15 -24.91
C ARG E 219 -37.22 64.07 -25.40
N GLU E 229 -31.39 56.01 -26.47
CA GLU E 229 -31.82 55.94 -25.08
C GLU E 229 -31.64 54.53 -24.53
N ARG E 230 -30.44 54.24 -24.02
CA ARG E 230 -30.16 52.93 -23.45
C ARG E 230 -30.47 52.92 -21.96
N ASP E 231 -30.72 51.73 -21.42
CA ASP E 231 -31.10 51.54 -20.01
C ASP E 231 -29.83 51.33 -19.19
N LEU E 232 -29.02 52.38 -19.07
CA LEU E 232 -27.78 52.35 -18.31
C LEU E 232 -27.97 53.08 -16.99
N ASP E 233 -28.09 52.32 -15.90
CA ASP E 233 -28.30 52.91 -14.59
C ASP E 233 -27.00 52.97 -13.81
N ILE E 234 -26.95 53.86 -12.81
CA ILE E 234 -25.74 54.04 -12.03
C ILE E 234 -25.70 53.02 -10.88
N GLU E 235 -26.85 52.69 -10.31
CA GLU E 235 -26.90 51.86 -9.11
C GLU E 235 -26.58 50.41 -9.43
N TYR E 236 -27.07 49.91 -10.56
CA TYR E 236 -26.79 48.52 -10.95
C TYR E 236 -25.33 48.32 -11.28
N ILE E 237 -24.72 49.28 -12.00
CA ILE E 237 -23.32 49.13 -12.37
C ILE E 237 -22.41 49.37 -11.15
N TYR E 238 -22.90 50.15 -10.18
CA TYR E 238 -22.17 50.31 -8.93
C TYR E 238 -22.23 49.04 -8.10
N SER E 239 -23.37 48.34 -8.13
CA SER E 239 -23.49 47.06 -7.46
C SER E 239 -22.60 46.00 -8.13
N LYS E 240 -22.47 46.07 -9.46
CA LYS E 240 -21.58 45.15 -10.16
C LYS E 240 -20.12 45.44 -9.83
N ARG E 241 -19.78 46.72 -9.63
CA ARG E 241 -18.44 47.09 -9.18
C ARG E 241 -18.18 46.55 -7.77
N GLN E 242 -19.17 46.67 -6.88
CA GLN E 242 -19.01 46.16 -5.52
C GLN E 242 -18.86 44.64 -5.50
N PHE E 243 -19.59 43.95 -6.38
CA PHE E 243 -19.48 42.49 -6.46
C PHE E 243 -18.12 42.06 -6.99
N ILE E 244 -17.62 42.76 -8.03
CA ILE E 244 -16.31 42.46 -8.59
C ILE E 244 -15.21 42.72 -7.57
N GLN E 245 -15.35 43.82 -6.80
CA GLN E 245 -14.35 44.15 -5.79
C GLN E 245 -14.36 43.16 -4.64
N ASN E 246 -15.54 42.66 -4.26
CA ASN E 246 -15.63 41.67 -3.18
C ASN E 246 -15.02 40.34 -3.61
N ARG E 247 -15.29 39.90 -4.85
CA ARG E 247 -14.67 38.67 -5.33
C ARG E 247 -13.16 38.83 -5.51
N TYR E 248 -12.71 40.03 -5.87
CA TYR E 248 -11.28 40.30 -5.97
C TYR E 248 -10.61 40.20 -4.60
N SER E 249 -11.25 40.76 -3.56
CA SER E 249 -10.68 40.68 -2.23
C SER E 249 -10.69 39.25 -1.69
N GLN E 250 -11.71 38.47 -2.05
CA GLN E 250 -11.76 37.07 -1.62
C GLN E 250 -10.64 36.25 -2.26
N GLU E 251 -10.43 36.40 -3.57
CA GLU E 251 -9.37 35.64 -4.22
C GLU E 251 -7.98 36.13 -3.80
N LEU E 252 -7.87 37.41 -3.45
CA LEU E 252 -6.59 37.94 -2.98
C LEU E 252 -6.26 37.40 -1.59
N GLN E 253 -7.27 37.29 -0.72
CA GLN E 253 -7.06 36.69 0.59
C GLN E 253 -6.75 35.19 0.48
N ASN E 254 -7.37 34.51 -0.48
CA ASN E 254 -7.03 33.10 -0.73
C ASN E 254 -5.59 32.95 -1.19
N ASN E 255 -5.10 33.88 -2.00
CA ASN E 255 -3.70 33.83 -2.42
C ASN E 255 -2.75 34.10 -1.25
N GLU E 256 -3.15 34.97 -0.33
CA GLU E 256 -2.31 35.20 0.85
C GLU E 256 -2.26 33.96 1.75
N ARG E 257 -3.40 33.27 1.90
CA ARG E 257 -3.42 32.05 2.70
C ARG E 257 -2.59 30.93 2.07
N LEU E 258 -2.65 30.80 0.75
CA LEU E 258 -1.84 29.79 0.08
C LEU E 258 -0.36 30.15 0.10
N GLU E 259 -0.03 31.45 0.11
CA GLU E 259 1.36 31.87 0.29
C GLU E 259 1.88 31.48 1.67
N ALA E 260 1.05 31.64 2.70
CA ALA E 260 1.45 31.23 4.05
C ALA E 260 1.65 29.71 4.14
N ILE E 261 0.76 28.94 3.50
CA ILE E 261 0.88 27.48 3.50
C ILE E 261 2.16 27.04 2.77
N LEU E 262 2.46 27.68 1.63
CA LEU E 262 3.67 27.34 0.89
C LEU E 262 4.93 27.71 1.65
N SER E 263 4.90 28.83 2.39
CA SER E 263 6.06 29.19 3.20
C SER E 263 6.29 28.20 4.34
N ARG E 264 5.20 27.73 4.97
CA ARG E 264 5.32 26.73 6.02
C ARG E 264 5.87 25.40 5.50
N GLU E 265 5.37 24.95 4.34
CA GLU E 265 5.87 23.69 3.78
C GLU E 265 7.31 23.82 3.28
N GLN E 266 7.70 25.00 2.80
CA GLN E 266 9.09 25.19 2.39
C GLN E 266 10.03 25.17 3.58
N ASN E 267 9.60 25.75 4.71
CA ASN E 267 10.40 25.69 5.93
C ASN E 267 10.52 24.25 6.45
N LEU E 268 9.43 23.48 6.36
CA LEU E 268 9.47 22.07 6.77
C LEU E 268 10.40 21.25 5.87
N LEU E 269 10.39 21.53 4.57
CA LEU E 269 11.28 20.83 3.64
C LEU E 269 12.75 21.17 3.92
N GLU E 270 13.03 22.44 4.25
CA GLU E 270 14.40 22.81 4.57
C GLU E 270 14.87 22.17 5.87
N GLU E 271 13.98 22.07 6.87
CA GLU E 271 14.36 21.41 8.12
C GLU E 271 14.60 19.92 7.92
N THR E 272 13.79 19.27 7.07
CA THR E 272 13.99 17.85 6.80
C THR E 272 15.30 17.62 6.03
N ARG E 273 15.62 18.50 5.08
CA ARG E 273 16.85 18.33 4.30
C ARG E 273 18.08 18.59 5.14
N LYS E 274 18.03 19.58 6.04
CA LYS E 274 19.19 19.81 6.90
C LYS E 274 19.34 18.70 7.95
N LEU E 275 18.23 18.09 8.37
CA LEU E 275 18.32 16.93 9.27
C LEU E 275 18.98 15.75 8.57
N CYS E 276 18.59 15.48 7.32
CA CYS E 276 19.19 14.37 6.58
C CYS E 276 20.69 14.61 6.32
N MET E 277 21.05 15.84 5.94
CA MET E 277 22.46 16.13 5.66
C MET E 277 23.30 16.10 6.94
N ASN E 278 22.74 16.60 8.05
CA ASN E 278 23.44 16.57 9.33
C ASN E 278 23.65 15.13 9.81
N LEU E 279 22.65 14.26 9.62
CA LEU E 279 22.81 12.89 10.08
C LEU E 279 23.76 12.12 9.18
N LYS E 280 23.82 12.45 7.88
CA LYS E 280 24.80 11.83 7.00
C LYS E 280 26.23 12.25 7.38
N THR E 281 26.42 13.53 7.68
CA THR E 281 27.73 14.02 8.11
C THR E 281 28.14 13.40 9.46
N ASN E 282 27.18 13.26 10.38
CA ASN E 282 27.48 12.63 11.67
C ASN E 282 27.77 11.15 11.51
N ASN E 283 27.11 10.47 10.56
CA ASN E 283 27.42 9.07 10.27
C ASN E 283 28.84 8.92 9.74
N LYS E 284 29.25 9.79 8.81
CA LYS E 284 30.60 9.71 8.28
C LYS E 284 31.65 10.04 9.34
N LYS E 285 31.35 11.01 10.22
CA LYS E 285 32.28 11.36 11.28
C LYS E 285 32.41 10.26 12.32
N ARG E 286 31.29 9.61 12.66
CA ARG E 286 31.34 8.52 13.64
C ARG E 286 32.03 7.28 13.06
N LEU E 287 31.83 7.00 11.77
CA LEU E 287 32.52 5.89 11.14
C LEU E 287 34.01 6.18 11.01
N THR E 288 34.38 7.45 10.81
CA THR E 288 35.79 7.80 10.73
C THR E 288 36.48 7.72 12.10
N GLU E 289 35.82 8.19 13.16
CA GLU E 289 36.43 8.10 14.47
C GLU E 289 36.38 6.68 15.04
N LYS E 290 35.50 5.82 14.51
CA LYS E 290 35.47 4.43 14.95
C LYS E 290 36.70 3.64 14.51
N LEU E 291 37.40 4.09 13.47
CA LEU E 291 38.64 3.45 13.06
C LEU E 291 39.77 3.73 14.04
N ILE E 292 39.80 4.94 14.61
CA ILE E 292 40.91 5.35 15.47
C ILE E 292 40.86 4.62 16.81
N GLN E 293 39.66 4.41 17.35
CA GLN E 293 39.51 3.78 18.66
C GLN E 293 39.84 2.29 18.61
N LYS E 294 39.93 1.68 19.78
CA LYS E 294 40.41 0.31 19.91
C LYS E 294 39.24 -0.67 19.84
N ASP E 295 39.04 -1.28 18.67
CA ASP E 295 38.15 -2.43 18.50
C ASP E 295 38.95 -3.47 17.73
N LEU E 296 39.79 -4.23 18.44
CA LEU E 296 40.72 -5.15 17.73
C LEU E 296 40.28 -6.62 17.75
N HIS E 297 40.03 -7.20 18.94
CA HIS E 297 39.77 -8.64 18.95
C HIS E 297 38.31 -9.03 18.64
N PRO E 298 37.29 -8.61 19.41
CA PRO E 298 35.99 -9.29 19.23
C PRO E 298 35.09 -8.69 18.17
N VAL E 299 35.33 -7.46 17.72
CA VAL E 299 34.44 -6.80 16.79
C VAL E 299 35.03 -6.69 15.38
N LEU E 300 36.36 -6.61 15.27
CA LEU E 300 37.02 -6.48 13.98
C LEU E 300 37.13 -7.80 13.22
N ASN E 301 36.58 -8.89 13.75
CA ASN E 301 36.54 -10.14 12.99
C ASN E 301 35.49 -10.11 11.90
N LYS E 302 34.55 -9.16 11.95
CA LYS E 302 33.54 -8.98 10.92
C LYS E 302 33.57 -7.57 10.33
N ALA E 303 33.84 -6.57 11.15
CA ALA E 303 33.89 -5.19 10.68
C ALA E 303 35.15 -4.92 9.87
N ASP E 320 27.22 -12.21 5.74
CA ASP E 320 27.15 -13.51 6.38
C ASP E 320 27.22 -13.37 7.90
N GLY E 321 27.34 -12.13 8.37
CA GLY E 321 27.41 -11.86 9.79
C GLY E 321 26.07 -11.66 10.48
N PRO E 322 25.30 -10.65 10.08
CA PRO E 322 23.99 -10.43 10.73
C PRO E 322 22.85 -11.10 10.00
N VAL E 323 23.16 -11.95 9.02
CA VAL E 323 22.13 -12.64 8.26
C VAL E 323 22.05 -14.12 8.62
N THR E 324 23.02 -14.66 9.35
CA THR E 324 22.88 -16.02 9.86
C THR E 324 22.20 -16.04 11.22
N PHE E 325 22.16 -14.91 11.93
CA PHE E 325 21.40 -14.84 13.16
C PHE E 325 19.90 -14.92 12.87
N ARG E 326 19.43 -14.29 11.79
CA ARG E 326 18.02 -14.39 11.44
C ARG E 326 17.66 -15.81 11.02
N ASN E 327 18.60 -16.52 10.38
CA ASN E 327 18.38 -17.93 10.04
C ASN E 327 18.31 -18.78 11.31
N ASP E 328 19.22 -18.55 12.25
CA ASP E 328 19.23 -19.37 13.47
C ASP E 328 18.26 -18.82 14.52
N SER E 329 17.54 -17.75 14.21
CA SER E 329 16.51 -17.25 15.10
C SER E 329 15.12 -17.62 14.61
N HIS E 330 14.93 -17.74 13.30
CA HIS E 330 13.72 -18.34 12.77
C HIS E 330 13.86 -19.85 12.60
N GLU E 331 15.01 -20.41 12.97
CA GLU E 331 15.21 -21.86 12.99
C GLU E 331 15.04 -22.44 14.38
N LEU E 332 15.49 -21.73 15.41
CA LEU E 332 15.41 -22.21 16.78
C LEU E 332 14.31 -21.55 17.59
N ASN E 333 13.58 -20.60 17.00
CA ASN E 333 12.63 -19.71 17.68
C ASN E 333 13.28 -19.04 18.89
N LEU E 334 14.34 -18.29 18.60
CA LEU E 334 15.21 -17.77 19.65
C LEU E 334 14.58 -16.55 20.30
N MET E 335 14.50 -16.55 21.63
CA MET E 335 14.06 -15.40 22.40
C MET E 335 15.23 -15.01 23.30
N LEU E 336 16.04 -14.07 22.83
CA LEU E 336 17.15 -13.57 23.63
C LEU E 336 16.62 -12.66 24.75
N ASN E 337 17.50 -12.37 25.69
CA ASN E 337 17.17 -11.47 26.78
C ASN E 337 17.12 -10.05 26.22
N ASP E 338 15.91 -9.55 25.99
CA ASP E 338 15.71 -8.28 25.30
C ASP E 338 16.18 -7.13 26.18
N PRO E 339 17.12 -6.31 25.72
CA PRO E 339 17.58 -5.18 26.53
C PRO E 339 16.53 -4.08 26.63
N ILE E 340 16.76 -3.20 27.60
CA ILE E 340 15.84 -2.09 27.85
C ILE E 340 15.97 -1.08 26.73
N LYS E 341 14.84 -0.44 26.37
CA LYS E 341 14.80 0.48 25.25
C LYS E 341 15.64 1.73 25.53
N SER E 342 16.01 2.41 24.43
CA SER E 342 16.92 3.54 24.51
C SER E 342 16.24 4.75 25.15
N THR E 343 16.92 5.38 26.10
CA THR E 343 16.38 6.49 26.87
C THR E 343 17.12 7.81 26.65
N ALA E 344 18.20 7.80 25.87
CA ALA E 344 19.03 8.97 25.53
C ALA E 344 19.59 9.63 26.80
N ASP E 345 20.47 8.87 27.46
CA ASP E 345 21.16 9.24 28.70
C ASP E 345 20.16 9.53 29.83
N VAL E 346 19.28 8.56 30.06
CA VAL E 346 18.53 8.43 31.30
C VAL E 346 18.79 7.01 31.76
N ARG E 347 19.74 6.85 32.70
CA ARG E 347 20.26 5.53 33.01
C ARG E 347 19.25 4.71 33.80
N LEU E 348 19.53 3.41 33.91
CA LEU E 348 18.61 2.49 34.55
C LEU E 348 18.68 2.67 36.06
N ASP E 349 17.84 3.54 36.59
CA ASP E 349 17.75 3.76 38.03
C ASP E 349 17.03 2.58 38.65
N LYS E 350 17.79 1.56 39.05
CA LYS E 350 17.20 0.34 39.57
C LYS E 350 16.50 0.55 40.91
N GLU E 351 16.92 1.56 41.67
CA GLU E 351 16.26 1.88 42.94
C GLU E 351 14.85 2.39 42.72
N GLU E 352 14.65 3.28 41.75
CA GLU E 352 13.32 3.83 41.51
C GLU E 352 12.42 2.82 40.80
N VAL E 353 13.00 1.96 39.96
CA VAL E 353 12.22 0.90 39.32
C VAL E 353 11.78 -0.13 40.37
N LEU E 354 12.68 -0.50 41.28
CA LEU E 354 12.33 -1.43 42.34
C LEU E 354 11.35 -0.81 43.33
N SER E 355 11.42 0.51 43.55
CA SER E 355 10.45 1.16 44.42
C SER E 355 9.12 1.41 43.73
N LEU E 356 9.10 1.39 42.40
CA LEU E 356 7.85 1.55 41.68
C LEU E 356 7.08 0.24 41.56
N LEU E 357 7.75 -0.88 41.75
CA LEU E 357 7.10 -2.20 41.80
C LEU E 357 7.44 -2.82 43.15
N PRO E 358 6.60 -2.62 44.17
CA PRO E 358 6.92 -3.16 45.50
C PRO E 358 6.76 -4.66 45.67
N SER E 359 6.36 -5.39 44.62
CA SER E 359 6.18 -6.83 44.75
C SER E 359 7.41 -7.61 44.31
N LEU E 360 8.37 -6.96 43.65
CA LEU E 360 9.56 -7.65 43.16
C LEU E 360 10.45 -8.11 44.31
N LYS E 361 10.50 -7.35 45.41
CA LYS E 361 11.30 -7.77 46.56
C LYS E 361 10.68 -8.99 47.24
N GLU E 362 9.35 -9.01 47.36
CA GLU E 362 8.67 -10.17 47.93
C GLU E 362 8.82 -11.39 47.03
N TYR E 363 8.76 -11.20 45.71
CA TYR E 363 8.99 -12.29 44.78
C TYR E 363 10.43 -12.80 44.88
N THR E 364 11.38 -11.89 45.09
CA THR E 364 12.78 -12.27 45.23
C THR E 364 13.01 -13.12 46.48
N LYS E 365 12.47 -12.68 47.62
CA LYS E 365 12.68 -13.45 48.84
C LYS E 365 11.90 -14.76 48.84
N LYS E 366 10.73 -14.79 48.18
CA LYS E 366 9.98 -16.03 48.06
C LYS E 366 10.70 -17.02 47.16
N SER E 367 11.30 -16.54 46.07
CA SER E 367 12.10 -17.40 45.20
C SER E 367 13.36 -17.87 45.90
N LYS E 368 13.92 -17.06 46.79
CA LYS E 368 15.10 -17.47 47.54
C LYS E 368 14.77 -18.59 48.53
N GLU E 369 13.65 -18.46 49.25
CA GLU E 369 13.22 -19.54 50.15
C GLU E 369 12.83 -20.80 49.38
N LEU E 370 12.22 -20.63 48.21
CA LEU E 370 11.87 -21.79 47.38
C LEU E 370 13.12 -22.51 46.87
N LYS E 371 14.12 -21.75 46.41
CA LYS E 371 15.36 -22.35 45.93
C LYS E 371 16.13 -23.02 47.07
N GLU E 372 16.08 -22.46 48.28
CA GLU E 372 16.75 -23.10 49.41
C GLU E 372 16.04 -24.39 49.82
N THR E 373 14.69 -24.39 49.77
CA THR E 373 13.93 -25.59 50.08
C THR E 373 14.20 -26.70 49.07
N MET E 374 14.18 -26.36 47.78
CA MET E 374 14.47 -27.35 46.74
C MET E 374 15.90 -27.83 46.77
N GLY E 375 16.85 -26.95 47.15
CA GLY E 375 18.23 -27.38 47.29
C GLY E 375 18.44 -28.32 48.46
N GLN E 376 17.76 -28.07 49.58
CA GLN E 376 17.82 -28.99 50.72
C GLN E 376 17.18 -30.33 50.38
N MET E 377 16.10 -30.32 49.59
CA MET E 377 15.49 -31.58 49.18
C MET E 377 16.35 -32.33 48.17
N ILE E 378 17.05 -31.61 47.29
CA ILE E 378 17.89 -32.26 46.29
C ILE E 378 19.15 -32.85 46.95
N SER E 379 19.80 -32.09 47.83
CA SER E 379 21.04 -32.55 48.45
C SER E 379 20.81 -33.69 49.43
N ASP E 380 19.62 -33.77 50.03
CA ASP E 380 19.29 -34.89 50.89
C ASP E 380 19.00 -36.17 50.12
N SER E 381 18.72 -36.06 48.82
CA SER E 381 18.40 -37.22 48.00
C SER E 381 19.63 -37.81 47.31
N HIS E 382 20.73 -37.06 47.26
CA HIS E 382 21.99 -37.44 46.60
C HIS E 382 21.77 -37.76 45.12
N GLU E 383 21.15 -36.81 44.43
CA GLU E 383 20.90 -36.99 43.00
C GLU E 383 22.19 -36.89 42.19
N GLU E 384 23.10 -36.02 42.61
CA GLU E 384 24.39 -35.89 41.92
C GLU E 384 25.40 -36.93 42.37
N GLU E 385 25.06 -37.75 43.36
CA GLU E 385 26.01 -38.72 43.87
C GLU E 385 25.83 -40.09 43.20
N ILE E 386 24.64 -40.66 43.30
CA ILE E 386 24.43 -42.02 42.79
C ILE E 386 24.30 -42.06 41.28
N LYS E 387 23.90 -40.97 40.64
CA LYS E 387 23.85 -40.90 39.19
C LYS E 387 25.22 -40.68 38.57
N GLU E 388 26.21 -40.24 39.35
CA GLU E 388 27.56 -40.07 38.87
C GLU E 388 28.42 -41.31 39.00
N VAL E 389 28.29 -42.06 40.11
CA VAL E 389 29.07 -43.28 40.28
C VAL E 389 28.53 -44.42 39.40
N PHE E 390 27.25 -44.37 39.03
CA PHE E 390 26.65 -45.44 38.24
C PHE E 390 27.15 -45.43 36.80
N VAL E 391 27.34 -44.24 36.23
CA VAL E 391 27.82 -44.12 34.86
C VAL E 391 29.21 -43.49 34.85
N SER F 131 -21.76 57.71 -27.87
CA SER F 131 -21.34 58.85 -27.07
C SER F 131 -22.53 59.72 -26.68
N VAL F 132 -23.65 59.06 -26.36
CA VAL F 132 -24.84 59.77 -25.93
C VAL F 132 -24.70 60.36 -24.53
N THR F 133 -23.75 59.86 -23.74
CA THR F 133 -23.54 60.39 -22.40
C THR F 133 -22.97 61.81 -22.45
N THR F 134 -22.07 62.08 -23.39
CA THR F 134 -21.52 63.42 -23.53
C THR F 134 -22.57 64.41 -24.04
N ILE F 135 -23.43 63.98 -24.96
CA ILE F 135 -24.49 64.85 -25.45
C ILE F 135 -25.53 65.11 -24.39
N ASP F 136 -25.85 64.10 -23.58
CA ASP F 136 -26.77 64.31 -22.46
C ASP F 136 -26.15 65.21 -21.39
N VAL F 137 -24.84 65.10 -21.19
CA VAL F 137 -24.14 66.00 -20.26
C VAL F 137 -24.18 67.43 -20.76
N LEU F 138 -23.95 67.64 -22.06
CA LEU F 138 -23.99 68.98 -22.63
C LEU F 138 -25.39 69.58 -22.57
N SER F 139 -26.41 68.77 -22.87
CA SER F 139 -27.79 69.27 -22.85
C SER F 139 -28.24 69.59 -21.43
N SER F 140 -27.96 68.70 -20.47
CA SER F 140 -28.36 68.93 -19.10
C SER F 140 -27.58 70.08 -18.48
N LEU F 141 -26.29 70.21 -18.83
CA LEU F 141 -25.48 71.31 -18.33
C LEU F 141 -25.95 72.65 -18.89
N PHE F 142 -26.32 72.68 -20.17
CA PHE F 142 -26.80 73.93 -20.77
C PHE F 142 -28.15 74.33 -20.20
N ILE F 143 -29.07 73.37 -20.04
CA ILE F 143 -30.40 73.67 -19.50
C ILE F 143 -30.31 74.12 -18.04
N ASN F 144 -29.61 73.35 -17.21
CA ASN F 144 -29.45 73.72 -15.80
C ASN F 144 -28.59 74.96 -15.61
N LEU F 145 -27.68 75.26 -16.54
CA LEU F 145 -26.86 76.47 -16.41
C LEU F 145 -27.66 77.70 -16.77
N PHE F 146 -28.51 77.61 -17.80
CA PHE F 146 -29.43 78.70 -18.11
C PHE F 146 -30.42 78.93 -16.97
N GLU F 147 -30.96 77.85 -16.39
CA GLU F 147 -31.88 77.99 -15.27
C GLU F 147 -31.20 78.54 -14.03
N ASN F 148 -29.96 78.14 -13.78
CA ASN F 148 -29.23 78.63 -12.62
C ASN F 148 -28.80 80.08 -12.81
N ASP F 149 -28.48 80.49 -14.04
CA ASP F 149 -28.18 81.89 -14.29
C ASP F 149 -29.43 82.76 -14.15
N LEU F 150 -30.58 82.22 -14.56
CA LEU F 150 -31.84 82.93 -14.33
C LEU F 150 -32.17 83.04 -12.85
N ILE F 151 -31.90 81.99 -12.07
CA ILE F 151 -32.16 82.04 -10.63
C ILE F 151 -31.17 82.97 -9.93
N PRO F 152 -29.93 83.05 -10.43
CA PRO F 152 -28.95 83.96 -9.86
C PRO F 152 -29.28 85.41 -10.18
N GLN F 153 -29.79 85.67 -11.40
CA GLN F 153 -30.24 87.02 -11.73
C GLN F 153 -31.50 87.40 -10.96
N ALA F 154 -32.37 86.41 -10.68
CA ALA F 154 -33.55 86.67 -9.87
C ALA F 154 -33.17 86.92 -8.41
N LEU F 155 -32.10 86.27 -7.93
CA LEU F 155 -31.65 86.45 -6.56
C LEU F 155 -31.00 87.80 -6.33
N LYS F 156 -30.55 88.49 -7.38
CA LYS F 156 -29.94 89.80 -7.24
C LYS F 156 -30.26 90.68 -8.45
N PHE F 166 -38.31 85.78 4.73
CA PHE F 166 -37.81 85.35 3.42
C PHE F 166 -37.46 86.55 2.57
N ARG F 167 -36.68 87.47 3.13
CA ARG F 167 -36.26 88.67 2.41
C ARG F 167 -35.27 88.32 1.29
N LYS F 168 -34.25 87.52 1.61
CA LYS F 168 -33.33 87.04 0.59
C LYS F 168 -32.98 85.57 0.79
N LEU F 169 -33.49 84.94 1.85
CA LEU F 169 -33.11 83.57 2.16
C LEU F 169 -34.00 82.54 1.48
N LEU F 170 -34.89 82.96 0.59
CA LEU F 170 -35.80 82.03 -0.07
C LEU F 170 -35.33 81.69 -1.48
N TYR F 171 -34.77 82.67 -2.18
CA TYR F 171 -34.41 82.49 -3.58
C TYR F 171 -33.20 81.58 -3.76
N LYS F 172 -32.20 81.69 -2.89
CA LYS F 172 -30.94 80.96 -3.03
C LYS F 172 -31.09 79.46 -2.74
N LEU F 173 -32.20 79.04 -2.15
CA LEU F 173 -32.44 77.62 -1.91
C LEU F 173 -32.65 76.87 -3.22
N ASP F 174 -33.46 77.43 -4.12
CA ASP F 174 -33.62 76.86 -5.45
C ASP F 174 -32.35 76.98 -6.28
N LEU F 175 -31.54 78.02 -6.06
CA LEU F 175 -30.25 78.14 -6.73
C LEU F 175 -29.31 77.02 -6.31
N ARG F 176 -29.24 76.74 -5.01
CA ARG F 176 -28.42 75.64 -4.52
C ARG F 176 -28.94 74.29 -5.00
N LEU F 177 -30.27 74.15 -5.11
CA LEU F 177 -30.85 72.92 -5.62
C LEU F 177 -30.50 72.69 -7.08
N PHE F 178 -30.55 73.76 -7.89
CA PHE F 178 -30.21 73.64 -9.31
C PHE F 178 -28.73 73.36 -9.50
N GLN F 179 -27.88 74.00 -8.70
CA GLN F 179 -26.44 73.74 -8.78
C GLN F 179 -26.11 72.32 -8.35
N THR F 180 -26.82 71.81 -7.33
CA THR F 180 -26.62 70.44 -6.89
C THR F 180 -27.09 69.44 -7.95
N ILE F 181 -28.17 69.76 -8.65
CA ILE F 181 -28.67 68.89 -9.72
C ILE F 181 -27.66 68.82 -10.87
N SER F 182 -27.13 69.97 -11.29
CA SER F 182 -26.18 69.99 -12.39
C SER F 182 -24.88 69.28 -12.02
N ASP F 183 -24.37 69.54 -10.80
CA ASP F 183 -23.14 68.93 -10.34
C ASP F 183 -23.29 67.43 -10.18
N GLN F 184 -24.38 66.97 -9.57
CA GLN F 184 -24.57 65.55 -9.36
C GLN F 184 -24.89 64.82 -10.66
N MET F 185 -25.47 65.50 -11.64
CA MET F 185 -25.76 64.82 -12.90
C MET F 185 -24.50 64.64 -13.73
N THR F 186 -23.65 65.67 -13.81
CA THR F 186 -22.39 65.49 -14.53
C THR F 186 -21.45 64.55 -13.76
N ARG F 187 -21.56 64.52 -12.43
CA ARG F 187 -20.79 63.58 -11.64
C ARG F 187 -21.27 62.15 -11.87
N ASP F 188 -22.57 61.96 -12.04
CA ASP F 188 -23.10 60.62 -12.29
C ASP F 188 -22.69 60.11 -13.67
N LEU F 189 -22.64 60.99 -14.67
CA LEU F 189 -22.19 60.56 -15.99
C LEU F 189 -20.70 60.21 -16.01
N LYS F 190 -19.87 61.06 -15.38
CA LYS F 190 -18.46 60.75 -15.23
C LYS F 190 -18.25 59.49 -14.42
N ASP F 191 -19.12 59.25 -13.43
CA ASP F 191 -19.02 58.06 -12.60
C ASP F 191 -19.38 56.82 -13.39
N ILE F 192 -20.34 56.91 -14.32
CA ILE F 192 -20.71 55.75 -15.15
C ILE F 192 -19.55 55.38 -16.07
N LEU F 193 -18.90 56.39 -16.67
CA LEU F 193 -17.75 56.10 -17.53
C LEU F 193 -16.57 55.52 -16.75
N ASP F 194 -16.26 56.12 -15.60
CA ASP F 194 -15.13 55.66 -14.80
C ASP F 194 -15.40 54.28 -14.20
N ILE F 195 -16.66 53.99 -13.85
CA ILE F 195 -17.02 52.70 -13.30
C ILE F 195 -16.91 51.61 -14.37
N ASN F 196 -17.28 51.94 -15.62
CA ASN F 196 -17.12 50.98 -16.71
C ASN F 196 -15.66 50.61 -16.96
N VAL F 197 -14.78 51.63 -17.07
CA VAL F 197 -13.37 51.32 -17.34
C VAL F 197 -12.71 50.67 -16.11
N SER F 198 -13.17 51.01 -14.90
CA SER F 198 -12.60 50.43 -13.70
C SER F 198 -13.03 48.98 -13.54
N ASN F 199 -14.26 48.64 -13.95
CA ASN F 199 -14.70 47.26 -13.86
C ASN F 199 -13.98 46.39 -14.87
N ASN F 200 -13.67 46.94 -16.06
CA ASN F 200 -12.88 46.17 -17.01
C ASN F 200 -11.46 45.92 -16.49
N GLU F 201 -10.85 46.94 -15.88
CA GLU F 201 -9.51 46.77 -15.33
C GLU F 201 -9.49 45.80 -14.14
N LEU F 202 -10.53 45.85 -13.30
CA LEU F 202 -10.61 44.96 -12.15
C LEU F 202 -10.86 43.52 -12.58
N CYS F 203 -11.62 43.32 -13.66
CA CYS F 203 -11.80 41.96 -14.18
C CYS F 203 -10.50 41.40 -14.74
N TYR F 204 -9.70 42.25 -15.39
CA TYR F 204 -8.39 41.80 -15.88
C TYR F 204 -7.46 41.44 -14.72
N GLN F 205 -7.43 42.25 -13.67
CA GLN F 205 -6.54 41.97 -12.54
C GLN F 205 -7.04 40.78 -11.73
N LEU F 206 -8.35 40.55 -11.71
CA LEU F 206 -8.89 39.35 -11.07
C LEU F 206 -8.51 38.09 -11.83
N LYS F 207 -8.46 38.19 -13.17
CA LYS F 207 -7.95 37.07 -13.96
C LYS F 207 -6.48 36.80 -13.66
N GLN F 208 -5.70 37.86 -13.46
CA GLN F 208 -4.29 37.68 -13.07
C GLN F 208 -4.15 37.01 -11.71
N VAL F 209 -5.01 37.37 -10.75
CA VAL F 209 -4.95 36.79 -9.42
C VAL F 209 -5.39 35.32 -9.45
N LEU F 210 -6.36 34.98 -10.31
CA LEU F 210 -6.73 33.58 -10.47
C LEU F 210 -5.60 32.76 -11.11
N ALA F 211 -4.84 33.38 -12.03
CA ALA F 211 -3.67 32.71 -12.58
C ALA F 211 -2.61 32.47 -11.51
N ARG F 212 -2.40 33.43 -10.62
CA ARG F 212 -1.44 33.24 -9.54
C ARG F 212 -1.94 32.21 -8.53
N LYS F 213 -3.26 32.08 -8.39
CA LYS F 213 -3.83 31.04 -7.53
C LYS F 213 -3.54 29.65 -8.07
N GLU F 214 -3.69 29.46 -9.39
CA GLU F 214 -3.33 28.18 -10.00
C GLU F 214 -1.84 27.89 -9.88
N ASP F 215 -1.01 28.93 -10.02
CA ASP F 215 0.44 28.79 -9.86
C ASP F 215 0.79 28.34 -8.44
N LEU F 216 0.15 28.95 -7.43
CA LEU F 216 0.43 28.59 -6.04
C LEU F 216 -0.08 27.19 -5.71
N ASN F 217 -1.18 26.77 -6.35
CA ASN F 217 -1.68 25.42 -6.17
C ASN F 217 -0.69 24.39 -6.67
N GLN F 218 -0.16 24.60 -7.88
CA GLN F 218 0.84 23.67 -8.42
C GLN F 218 2.13 23.67 -7.60
N GLN F 219 2.52 24.83 -7.08
CA GLN F 219 3.73 24.92 -6.26
C GLN F 219 3.57 24.17 -4.94
N ILE F 220 2.40 24.33 -4.29
CA ILE F 220 2.13 23.64 -3.02
C ILE F 220 2.11 22.13 -3.23
N ILE F 221 1.50 21.68 -4.33
CA ILE F 221 1.40 20.24 -4.60
C ILE F 221 2.77 19.64 -4.88
N SER F 222 3.62 20.36 -5.63
CA SER F 222 4.96 19.85 -5.94
C SER F 222 5.86 19.84 -4.70
N VAL F 223 5.74 20.86 -3.83
CA VAL F 223 6.55 20.89 -2.62
C VAL F 223 6.14 19.79 -1.65
N ARG F 224 4.83 19.55 -1.53
CA ARG F 224 4.35 18.47 -0.67
C ARG F 224 4.75 17.09 -1.21
N ASN F 225 4.79 16.96 -2.55
CA ASN F 225 5.22 15.70 -3.15
C ASN F 225 6.71 15.45 -2.90
N GLU F 226 7.54 16.49 -2.98
CA GLU F 226 8.96 16.29 -2.70
C GLU F 226 9.21 16.03 -1.21
N ILE F 227 8.37 16.62 -0.34
CA ILE F 227 8.48 16.36 1.09
C ILE F 227 8.14 14.89 1.39
N GLN F 228 7.06 14.40 0.79
CA GLN F 228 6.66 13.02 1.04
C GLN F 228 7.61 12.01 0.39
N GLU F 229 8.23 12.35 -0.74
CA GLU F 229 9.22 11.48 -1.33
C GLU F 229 10.60 11.64 -0.71
N LEU F 230 10.78 12.59 0.19
CA LEU F 230 12.04 12.70 0.92
C LEU F 230 12.08 11.86 2.19
N LYS F 231 11.00 11.87 2.98
CA LYS F 231 10.96 11.11 4.23
C LYS F 231 10.78 9.60 4.02
N ALA F 232 10.18 9.19 2.92
CA ALA F 232 9.90 7.78 2.65
C ALA F 232 10.80 7.27 1.53
N GLY F 233 12.06 7.72 1.51
CA GLY F 233 13.01 7.33 0.51
C GLY F 233 14.00 6.31 1.05
N LYS F 234 14.75 5.71 0.13
CA LYS F 234 15.70 4.67 0.52
C LYS F 234 16.93 5.26 1.19
N ASP F 235 17.32 6.48 0.83
CA ASP F 235 18.57 7.05 1.33
C ASP F 235 18.46 7.44 2.80
N TRP F 236 17.34 8.09 3.17
CA TRP F 236 17.15 8.55 4.56
C TRP F 236 16.99 7.37 5.50
N HIS F 237 16.23 6.35 5.09
CA HIS F 237 16.09 5.14 5.88
C HIS F 237 17.41 4.36 5.95
N ASP F 238 18.19 4.39 4.88
CA ASP F 238 19.48 3.69 4.86
C ASP F 238 20.46 4.34 5.84
N LEU F 239 20.54 5.67 5.84
CA LEU F 239 21.43 6.33 6.80
C LEU F 239 20.88 6.23 8.23
N GLN F 240 19.56 6.10 8.39
CA GLN F 240 19.00 5.84 9.71
C GLN F 240 19.44 4.49 10.26
N ASN F 241 19.36 3.43 9.43
CA ASN F 241 19.80 2.12 9.89
C ASN F 241 21.32 2.04 10.04
N GLU F 242 22.08 2.81 9.25
CA GLU F 242 23.51 2.86 9.45
C GLU F 242 23.88 3.54 10.75
N GLN F 243 23.13 4.60 11.13
CA GLN F 243 23.33 5.23 12.42
C GLN F 243 22.98 4.29 13.57
N ALA F 244 21.91 3.51 13.41
CA ALA F 244 21.53 2.53 14.43
C ALA F 244 22.59 1.43 14.58
N LYS F 245 23.14 0.95 13.46
CA LYS F 245 24.18 -0.07 13.53
C LYS F 245 25.48 0.45 14.12
N LEU F 246 25.84 1.71 13.81
CA LEU F 246 27.04 2.30 14.42
C LEU F 246 26.85 2.51 15.91
N ASN F 247 25.65 2.91 16.35
CA ASN F 247 25.40 3.06 17.78
C ASN F 247 25.44 1.72 18.50
N ASP F 248 24.91 0.67 17.86
CA ASP F 248 24.96 -0.67 18.44
C ASP F 248 26.40 -1.18 18.57
N LYS F 249 27.22 -0.96 17.53
CA LYS F 249 28.61 -1.39 17.58
C LYS F 249 29.42 -0.61 18.61
N VAL F 250 29.17 0.70 18.74
CA VAL F 250 29.86 1.52 19.73
C VAL F 250 29.51 1.08 21.15
N LYS F 251 28.22 0.84 21.41
CA LYS F 251 27.80 0.42 22.75
C LYS F 251 28.31 -0.99 23.07
N LEU F 252 28.33 -1.88 22.08
CA LEU F 252 28.82 -3.24 22.31
C LEU F 252 30.32 -3.24 22.58
N ASN F 253 31.09 -2.43 21.84
CA ASN F 253 32.53 -2.39 22.07
C ASN F 253 32.87 -1.69 23.38
N LYS F 254 32.07 -0.70 23.78
CA LYS F 254 32.27 -0.07 25.08
C LYS F 254 32.01 -1.05 26.22
N ARG F 255 30.94 -1.83 26.12
CA ARG F 255 30.67 -2.84 27.13
C ARG F 255 31.70 -3.95 27.15
N LEU F 256 32.23 -4.33 25.97
CA LEU F 256 33.27 -5.35 25.92
C LEU F 256 34.58 -4.85 26.52
N ASN F 257 34.92 -3.58 26.28
CA ASN F 257 36.12 -3.00 26.87
C ASN F 257 35.99 -2.87 28.38
N ASP F 258 34.79 -2.51 28.87
CA ASP F 258 34.60 -2.43 30.32
C ASP F 258 34.60 -3.82 30.96
N LEU F 259 34.13 -4.84 30.22
CA LEU F 259 34.18 -6.21 30.73
C LEU F 259 35.62 -6.71 30.81
N THR F 260 36.42 -6.48 29.77
CA THR F 260 37.81 -6.90 29.81
C THR F 260 38.62 -6.05 30.79
N SER F 261 38.15 -4.85 31.10
CA SER F 261 38.75 -4.06 32.17
C SER F 261 38.48 -4.67 33.54
N THR F 262 37.20 -4.95 33.84
CA THR F 262 36.87 -5.46 35.17
C THR F 262 37.27 -6.92 35.36
N LEU F 263 37.62 -7.63 34.27
CA LEU F 263 38.32 -8.90 34.44
C LEU F 263 39.70 -8.71 35.08
N LEU F 264 40.52 -7.85 34.51
CA LEU F 264 41.93 -7.75 34.92
C LEU F 264 42.25 -6.42 35.58
N GLY F 265 42.00 -5.29 34.92
CA GLY F 265 42.37 -3.99 35.46
C GLY F 265 41.29 -3.39 36.34
N LYS F 266 40.95 -2.14 36.08
CA LYS F 266 39.92 -1.45 36.85
C LYS F 266 39.24 -0.37 36.02
N ASP F 277 32.21 -5.21 38.58
CA ASP F 277 30.85 -5.04 39.05
C ASP F 277 30.41 -6.22 39.91
N SER F 278 29.20 -6.14 40.45
CA SER F 278 28.66 -7.18 41.31
C SER F 278 27.15 -7.14 41.24
N GLU F 279 26.51 -8.04 41.99
CA GLU F 279 25.06 -8.16 42.03
C GLU F 279 24.59 -8.14 43.47
N ASP F 280 23.52 -7.38 43.73
CA ASP F 280 22.94 -7.30 45.06
C ASP F 280 21.43 -7.42 45.07
N ASP F 281 20.75 -7.30 43.93
CA ASP F 281 19.30 -7.37 43.83
C ASP F 281 18.93 -8.14 42.57
N SER F 282 17.68 -8.53 42.47
CA SER F 282 17.14 -9.24 41.32
C SER F 282 16.15 -8.32 40.63
N ILE F 283 16.57 -7.72 39.52
CA ILE F 283 15.69 -6.86 38.73
C ILE F 283 15.49 -7.56 37.39
N ARG F 284 16.48 -8.33 36.96
CA ARG F 284 16.35 -9.19 35.79
C ARG F 284 17.28 -10.38 36.00
N ASP F 285 16.73 -11.49 36.50
CA ASP F 285 17.52 -12.66 36.83
C ASP F 285 16.92 -13.89 36.16
N ASP F 286 17.74 -14.92 35.99
CA ASP F 286 17.31 -16.14 35.32
C ASP F 286 17.84 -17.41 35.99
N SER F 287 18.32 -17.32 37.23
CA SER F 287 18.88 -18.47 37.94
C SER F 287 17.83 -19.24 38.74
N ASN F 288 16.56 -18.94 38.52
CA ASN F 288 15.48 -19.61 39.22
C ASN F 288 14.76 -20.67 38.41
N ILE F 289 14.60 -20.46 37.09
CA ILE F 289 13.90 -21.44 36.27
C ILE F 289 14.75 -22.69 36.08
N LEU F 290 16.08 -22.57 36.20
CA LEU F 290 16.96 -23.73 36.04
C LEU F 290 16.82 -24.68 37.22
N ASP F 291 16.76 -24.15 38.44
CA ASP F 291 16.62 -25.00 39.62
C ASP F 291 15.26 -25.66 39.67
N ILE F 292 14.22 -24.97 39.20
CA ILE F 292 12.88 -25.55 39.18
C ILE F 292 12.79 -26.61 38.09
N ALA F 293 13.44 -26.39 36.94
CA ALA F 293 13.46 -27.42 35.91
C ALA F 293 14.25 -28.65 36.37
N HIS F 294 15.33 -28.44 37.11
CA HIS F 294 16.09 -29.56 37.67
C HIS F 294 15.29 -30.31 38.72
N PHE F 295 14.51 -29.59 39.52
CA PHE F 295 13.66 -30.24 40.52
C PHE F 295 12.51 -31.01 39.88
N VAL F 296 11.91 -30.47 38.83
CA VAL F 296 10.84 -31.17 38.13
C VAL F 296 11.36 -32.42 37.44
N ASP F 297 12.53 -32.31 36.79
CA ASP F 297 13.13 -33.49 36.19
C ASP F 297 13.72 -34.45 37.22
N LEU F 298 13.84 -34.03 38.48
CA LEU F 298 14.17 -34.97 39.55
C LEU F 298 12.94 -35.73 40.02
N MET F 299 11.86 -35.01 40.34
CA MET F 299 10.66 -35.61 40.93
C MET F 299 9.58 -35.90 39.88
N ASP F 300 9.99 -36.27 38.68
CA ASP F 300 9.03 -36.70 37.67
C ASP F 300 8.46 -38.06 38.05
N PRO F 301 7.13 -38.22 38.15
CA PRO F 301 6.57 -39.54 38.48
C PRO F 301 6.64 -40.54 37.34
N TYR F 302 6.95 -40.11 36.12
CA TYR F 302 7.05 -41.00 34.97
C TYR F 302 8.47 -41.43 34.66
N ASN F 303 9.42 -40.49 34.62
CA ASN F 303 10.82 -40.83 34.36
C ASN F 303 11.68 -40.66 35.61
N GLY F 304 11.75 -39.43 36.14
CA GLY F 304 12.37 -39.09 37.43
C GLY F 304 13.73 -39.65 37.75
N LEU F 305 13.92 -40.01 39.02
CA LEU F 305 15.07 -40.77 39.46
C LEU F 305 14.66 -41.96 40.32
N LEU F 306 13.48 -41.88 40.94
CA LEU F 306 12.95 -43.06 41.63
C LEU F 306 12.43 -44.08 40.64
N LYS F 307 12.01 -43.64 39.45
CA LYS F 307 11.48 -44.57 38.46
C LYS F 307 12.55 -45.11 37.53
N LYS F 308 13.68 -44.40 37.41
CA LYS F 308 14.79 -44.94 36.63
C LYS F 308 15.42 -46.12 37.35
N ILE F 309 15.42 -46.11 38.69
CA ILE F 309 15.84 -47.27 39.45
C ILE F 309 14.74 -48.33 39.44
N ASN F 310 13.48 -47.91 39.37
CA ASN F 310 12.37 -48.85 39.35
C ASN F 310 12.29 -49.61 38.04
N LYS F 311 12.89 -49.07 36.97
CA LYS F 311 13.00 -49.83 35.73
C LYS F 311 14.37 -50.49 35.63
N ILE F 312 15.04 -50.70 36.77
CA ILE F 312 16.31 -51.41 36.77
C ILE F 312 16.24 -52.62 37.68
N ASN F 313 15.70 -52.44 38.89
CA ASN F 313 15.55 -53.55 39.84
C ASN F 313 14.56 -54.60 39.36
N GLU F 314 13.49 -54.18 38.68
CA GLU F 314 12.60 -55.14 38.04
C GLU F 314 13.26 -55.75 36.81
N ASN F 315 14.17 -55.02 36.18
CA ASN F 315 14.91 -55.55 35.04
C ASN F 315 16.15 -56.32 35.48
N LEU F 316 16.49 -56.24 36.76
CA LEU F 316 17.60 -57.05 37.27
C LEU F 316 17.13 -58.47 37.57
N SER F 317 15.92 -58.61 38.11
CA SER F 317 15.37 -59.94 38.37
C SER F 317 14.86 -60.59 37.09
N ASN F 318 14.65 -59.81 36.03
CA ASN F 318 14.22 -60.34 34.75
C ASN F 318 15.36 -60.99 33.97
N GLU F 319 16.61 -60.77 34.37
CA GLU F 319 17.72 -61.43 33.69
C GLU F 319 18.10 -62.72 34.39
N LEU F 320 17.40 -63.07 35.47
CA LEU F 320 17.68 -64.29 36.21
C LEU F 320 17.18 -65.52 35.46
N THR G 2 -7.50 39.39 7.59
CA THR G 2 -8.63 38.84 6.86
C THR G 2 -9.44 39.94 6.18
N ASP G 3 -9.38 39.96 4.84
CA ASP G 3 -10.05 40.94 3.98
C ASP G 3 -9.60 42.37 4.33
N THR G 4 -8.32 42.63 4.14
CA THR G 4 -7.76 43.95 4.37
C THR G 4 -7.79 44.83 3.12
N TYR G 5 -7.82 44.22 1.93
CA TYR G 5 -7.90 45.00 0.70
C TYR G 5 -9.23 45.72 0.58
N ASN G 6 -10.31 45.05 0.96
CA ASN G 6 -11.63 45.66 0.91
C ASN G 6 -11.74 46.80 1.91
N SER G 7 -11.09 46.66 3.07
CA SER G 7 -11.08 47.74 4.05
C SER G 7 -10.26 48.93 3.57
N ILE G 8 -9.14 48.67 2.90
CA ILE G 8 -8.31 49.75 2.35
C ILE G 8 -9.08 50.50 1.27
N SER G 9 -9.71 49.77 0.34
CA SER G 9 -10.45 50.39 -0.74
C SER G 9 -11.70 51.13 -0.23
N ASN G 10 -12.34 50.60 0.81
CA ASN G 10 -13.48 51.29 1.40
C ASN G 10 -13.05 52.54 2.14
N PHE G 11 -11.86 52.52 2.76
CA PHE G 11 -11.31 53.74 3.36
C PHE G 11 -11.03 54.80 2.31
N ILE G 12 -10.41 54.39 1.20
CA ILE G 12 -10.06 55.32 0.12
C ILE G 12 -11.32 55.92 -0.50
N GLU G 13 -12.32 55.09 -0.78
CA GLU G 13 -13.54 55.57 -1.39
C GLU G 13 -14.40 56.39 -0.44
N ASN G 14 -14.83 55.81 0.69
CA ASN G 14 -15.82 56.45 1.54
C ASN G 14 -15.24 57.30 2.66
N GLU G 15 -13.94 57.57 2.67
CA GLU G 15 -13.40 58.49 3.67
C GLU G 15 -12.46 59.53 3.08
N LEU G 16 -11.83 59.27 1.94
CA LEU G 16 -10.89 60.21 1.35
C LEU G 16 -11.51 60.98 0.20
N THR G 17 -12.15 60.30 -0.76
CA THR G 17 -12.73 61.01 -1.89
C THR G 17 -14.09 61.60 -1.55
N ALA G 18 -14.83 60.97 -0.63
CA ALA G 18 -16.17 61.46 -0.30
C ALA G 18 -16.12 62.73 0.55
N LEU G 19 -15.00 62.98 1.21
CA LEU G 19 -14.86 64.19 2.01
C LEU G 19 -14.20 65.32 1.22
N LEU G 20 -13.38 64.99 0.22
CA LEU G 20 -12.71 65.99 -0.61
C LEU G 20 -13.55 66.43 -1.81
N SER G 21 -14.80 66.00 -1.89
CA SER G 21 -15.66 66.31 -3.03
C SER G 21 -16.94 67.03 -2.64
N SER G 22 -17.56 66.62 -1.52
CA SER G 22 -18.88 67.11 -1.14
C SER G 22 -18.85 68.53 -0.62
N ASP G 23 -18.12 68.78 0.48
CA ASP G 23 -18.14 70.09 1.11
C ASP G 23 -16.77 70.74 1.13
N ASP G 24 -15.75 70.09 0.58
CA ASP G 24 -14.41 70.67 0.47
C ASP G 24 -14.26 71.54 -0.77
N TYR G 25 -15.30 71.64 -1.60
CA TYR G 25 -15.26 72.43 -2.81
C TYR G 25 -16.27 73.58 -2.84
N LEU G 26 -17.55 73.31 -2.61
CA LEU G 26 -18.59 74.31 -2.76
C LEU G 26 -19.16 74.84 -1.45
N MET G 27 -18.90 74.18 -0.31
CA MET G 27 -19.40 74.68 0.96
C MET G 27 -18.36 75.51 1.71
N ASP G 28 -17.42 76.13 1.01
CA ASP G 28 -16.42 76.99 1.63
C ASP G 28 -16.91 78.42 1.81
N ASP G 29 -18.18 78.71 1.52
CA ASP G 29 -18.73 80.04 1.59
C ASP G 29 -19.32 80.37 2.96
N LEU G 30 -18.91 79.67 4.02
CA LEU G 30 -19.33 80.06 5.36
C LEU G 30 -18.66 81.35 5.82
N ALA G 31 -17.45 81.62 5.31
CA ALA G 31 -16.76 82.87 5.57
C ALA G 31 -17.01 83.91 4.48
N GLY G 32 -17.91 83.64 3.54
CA GLY G 32 -18.21 84.57 2.46
C GLY G 32 -19.66 85.06 2.55
N PRO G 35 -19.81 86.16 -2.86
CA PRO G 35 -21.07 85.60 -3.33
C PRO G 35 -20.90 84.25 -4.02
N ASN G 36 -21.98 83.76 -4.63
CA ASN G 36 -21.99 82.40 -5.17
C ASN G 36 -21.15 82.27 -6.43
N GLU G 37 -20.92 83.38 -7.15
CA GLU G 37 -20.24 83.32 -8.44
C GLU G 37 -18.76 82.98 -8.28
N VAL G 38 -18.10 83.58 -7.29
CA VAL G 38 -16.68 83.31 -7.09
C VAL G 38 -16.46 81.91 -6.52
N CYS G 39 -17.39 81.42 -5.68
CA CYS G 39 -17.28 80.06 -5.16
C CYS G 39 -17.52 79.04 -6.27
N ARG G 40 -18.46 79.32 -7.18
CA ARG G 40 -18.67 78.42 -8.30
C ARG G 40 -17.52 78.49 -9.30
N LEU G 41 -16.86 79.65 -9.42
CA LEU G 41 -15.70 79.76 -10.30
C LEU G 41 -14.53 78.95 -9.75
N LEU G 42 -14.27 79.05 -8.44
CA LEU G 42 -13.16 78.29 -7.86
C LEU G 42 -13.47 76.80 -7.83
N LYS G 43 -14.72 76.42 -7.58
CA LYS G 43 -15.09 75.01 -7.62
C LYS G 43 -15.01 74.46 -9.04
N ALA G 44 -15.36 75.26 -10.04
CA ALA G 44 -15.24 74.83 -11.42
C ALA G 44 -13.78 74.65 -11.82
N GLN G 45 -12.90 75.56 -11.38
CA GLN G 45 -11.48 75.41 -11.66
C GLN G 45 -10.89 74.20 -10.95
N VAL G 46 -11.34 73.93 -9.72
CA VAL G 46 -10.82 72.81 -8.94
C VAL G 46 -11.22 71.48 -9.57
N ILE G 47 -12.50 71.32 -9.93
CA ILE G 47 -12.90 70.06 -10.56
C ILE G 47 -12.42 70.00 -12.01
N GLU G 48 -12.08 71.15 -12.60
CA GLU G 48 -11.55 71.15 -13.98
C GLU G 48 -10.12 70.63 -14.01
N LYS G 49 -9.22 71.29 -13.29
CA LYS G 49 -7.81 70.90 -13.35
C LYS G 49 -7.44 69.89 -12.25
N ARG G 50 -8.25 68.84 -12.13
CA ARG G 50 -7.93 67.73 -11.24
C ARG G 50 -8.36 66.38 -11.77
N LYS G 51 -8.90 66.30 -12.99
CA LYS G 51 -9.72 65.14 -13.36
C LYS G 51 -8.91 63.95 -13.83
N ASP G 52 -7.89 63.57 -13.07
CA ASP G 52 -7.32 62.24 -13.14
C ASP G 52 -6.95 61.66 -11.79
N ALA G 53 -6.82 62.49 -10.75
CA ALA G 53 -6.32 62.02 -9.45
C ALA G 53 -7.41 61.32 -8.66
N MET G 54 -8.60 61.91 -8.60
CA MET G 54 -9.71 61.34 -7.85
C MET G 54 -10.65 60.53 -8.73
N SER G 55 -10.12 59.86 -9.73
CA SER G 55 -10.93 59.00 -10.59
C SER G 55 -11.32 57.72 -9.85
N ARG G 56 -12.19 56.95 -10.47
CA ARG G 56 -12.57 55.65 -9.92
C ARG G 56 -11.66 54.53 -10.39
N GLY G 57 -10.59 54.85 -11.11
CA GLY G 57 -9.68 53.83 -11.60
C GLY G 57 -8.25 54.07 -11.16
N LYS G 58 -7.92 55.30 -10.77
CA LYS G 58 -6.61 55.56 -10.20
C LYS G 58 -6.56 55.12 -8.75
N GLN G 59 -7.66 55.31 -8.02
CA GLN G 59 -7.68 54.90 -6.62
C GLN G 59 -7.73 53.38 -6.45
N ASP G 60 -8.15 52.65 -7.48
CA ASP G 60 -7.97 51.20 -7.48
C ASP G 60 -6.49 50.83 -7.55
N LEU G 61 -5.72 51.56 -8.36
CA LEU G 61 -4.28 51.33 -8.42
C LEU G 61 -3.60 51.74 -7.12
N LEU G 62 -4.08 52.81 -6.48
CA LEU G 62 -3.49 53.22 -5.21
C LEU G 62 -3.84 52.24 -4.10
N SER G 63 -5.05 51.67 -4.14
CA SER G 63 -5.42 50.63 -3.19
C SER G 63 -4.59 49.37 -3.41
N LYS G 64 -4.29 49.03 -4.66
CA LYS G 64 -3.41 47.89 -4.92
C LYS G 64 -1.98 48.16 -4.45
N GLU G 65 -1.52 49.41 -4.55
CA GLU G 65 -0.18 49.75 -4.06
C GLU G 65 -0.13 49.71 -2.53
N ILE G 66 -1.19 50.16 -1.86
CA ILE G 66 -1.24 50.08 -0.40
C ILE G 66 -1.32 48.62 0.05
N TYR G 67 -2.04 47.78 -0.71
CA TYR G 67 -2.06 46.36 -0.40
C TYR G 67 -0.70 45.72 -0.62
N ASP G 68 0.05 46.18 -1.63
CA ASP G 68 1.38 45.64 -1.88
C ASP G 68 2.34 46.01 -0.77
N ASN G 69 2.24 47.25 -0.27
CA ASN G 69 3.06 47.67 0.88
C ASN G 69 2.71 46.87 2.14
N GLU G 70 1.41 46.68 2.39
CA GLU G 70 1.03 45.94 3.60
C GLU G 70 1.30 44.45 3.48
N SER G 71 1.31 43.91 2.26
CA SER G 71 1.70 42.51 2.07
C SER G 71 3.21 42.33 2.24
N GLU G 72 4.00 43.31 1.77
CA GLU G 72 5.44 43.25 1.98
C GLU G 72 5.80 43.44 3.45
N LEU G 73 4.96 44.16 4.20
CA LEU G 73 5.20 44.24 5.64
C LEU G 73 4.66 43.02 6.38
N ARG G 74 3.62 42.38 5.87
CA ARG G 74 3.09 41.16 6.46
C ARG G 74 4.02 39.98 6.22
N ALA G 75 4.78 39.99 5.13
CA ALA G 75 5.72 38.91 4.83
C ALA G 75 6.84 38.84 5.88
N SER G 76 7.39 39.99 6.28
CA SER G 76 8.42 40.01 7.31
C SER G 76 7.89 39.55 8.65
N GLN G 77 6.66 39.97 8.99
CA GLN G 77 6.03 39.53 10.23
C GLN G 77 5.70 38.04 10.23
N SER G 78 5.38 37.47 9.07
CA SER G 78 5.09 36.03 9.02
C SER G 78 6.37 35.22 9.06
N GLN G 79 7.43 35.69 8.42
CA GLN G 79 8.71 34.97 8.48
C GLN G 79 9.45 35.23 9.79
N GLN G 80 9.04 36.21 10.58
CA GLN G 80 9.60 36.42 11.91
C GLN G 80 8.72 35.85 13.02
N ILE G 81 7.45 35.56 12.73
CA ILE G 81 6.56 34.96 13.72
C ILE G 81 6.75 33.45 13.82
N MET G 82 7.49 32.84 12.88
CA MET G 82 7.82 31.42 12.98
C MET G 82 9.19 31.20 13.60
N GLU G 83 10.00 32.25 13.73
CA GLU G 83 11.31 32.17 14.35
C GLU G 83 11.29 32.74 15.77
N LEU G 84 10.18 32.55 16.47
CA LEU G 84 10.04 32.95 17.86
C LEU G 84 10.64 31.85 18.75
N VAL G 85 10.47 31.99 20.07
CA VAL G 85 10.78 30.87 20.96
C VAL G 85 9.80 29.74 20.69
N GLY G 86 10.31 28.66 20.08
CA GLY G 86 9.48 27.60 19.55
C GLY G 86 8.73 26.78 20.58
N ASP G 87 9.45 26.34 21.62
CA ASP G 87 8.90 25.64 22.79
C ASP G 87 8.19 24.34 22.39
N ILE G 88 8.96 23.45 21.77
CA ILE G 88 8.55 22.10 21.33
C ILE G 88 7.33 22.20 20.42
N PRO G 89 7.49 22.58 19.15
CA PRO G 89 6.33 22.68 18.25
C PRO G 89 5.79 21.33 17.80
N LYS G 90 4.85 21.34 16.85
CA LYS G 90 4.27 20.11 16.34
C LYS G 90 5.24 19.42 15.38
N TYR G 91 4.75 18.36 14.72
CA TYR G 91 5.47 17.52 13.72
C TYR G 91 6.79 16.92 14.25
N SER G 92 7.04 16.99 15.55
CA SER G 92 8.23 16.47 16.21
C SER G 92 7.87 15.64 17.42
N LEU G 93 6.70 15.85 18.00
CA LEU G 93 6.15 14.93 18.97
C LEU G 93 5.60 13.69 18.26
N GLY G 94 5.26 12.68 19.06
CA GLY G 94 4.63 11.50 18.53
C GLY G 94 3.19 11.75 18.11
N SER G 95 2.57 10.69 17.60
CA SER G 95 1.17 10.80 17.19
C SER G 95 0.27 10.92 18.41
N GLU G 96 0.47 10.05 19.40
CA GLU G 96 -0.43 10.03 20.55
C GLU G 96 -0.21 11.22 21.47
N LEU G 97 0.99 11.80 21.49
CA LEU G 97 1.22 13.01 22.26
C LEU G 97 0.44 14.20 21.69
N ARG G 98 0.54 14.41 20.38
CA ARG G 98 -0.21 15.50 19.77
C ARG G 98 -1.69 15.17 19.60
N ASN G 99 -2.09 13.92 19.82
CA ASN G 99 -3.52 13.63 19.97
C ASN G 99 -3.98 13.86 21.40
N ARG G 100 -3.09 13.73 22.38
CA ARG G 100 -3.42 14.10 23.75
C ARG G 100 -3.47 15.61 23.92
N VAL G 101 -2.77 16.34 23.04
CA VAL G 101 -2.82 17.80 23.07
C VAL G 101 -4.20 18.31 22.68
N GLU G 102 -4.72 17.84 21.55
CA GLU G 102 -5.99 18.32 21.02
C GLU G 102 -7.20 17.73 21.74
N GLY G 103 -7.03 16.68 22.52
CA GLY G 103 -8.13 16.04 23.20
C GLY G 103 -8.89 15.09 22.30
N GLU G 104 -9.76 14.29 22.94
CA GLU G 104 -10.55 13.19 22.38
C GLU G 104 -9.63 12.21 21.64
N PRO G 105 -8.86 11.38 22.35
CA PRO G 105 -8.02 10.41 21.63
C PRO G 105 -8.81 9.25 21.07
N GLN G 106 -9.84 8.79 21.78
CA GLN G 106 -10.82 7.77 21.43
C GLN G 106 -10.25 6.35 21.33
N SER G 107 -8.94 6.17 21.47
CA SER G 107 -8.33 4.83 21.42
C SER G 107 -7.02 4.90 22.19
N THR G 108 -7.02 4.39 23.42
CA THR G 108 -5.82 4.42 24.24
C THR G 108 -4.99 3.18 24.01
N SER G 109 -3.68 3.36 23.91
CA SER G 109 -2.75 2.25 23.70
C SER G 109 -1.61 2.40 24.70
N ILE G 110 -0.75 1.39 24.78
CA ILE G 110 0.39 1.47 25.68
C ILE G 110 1.70 1.42 24.89
N GLU G 111 1.72 0.67 23.79
CA GLU G 111 2.93 0.56 22.97
C GLU G 111 3.21 1.86 22.22
N ARG G 112 2.17 2.47 21.65
CA ARG G 112 2.34 3.75 20.96
C ARG G 112 2.65 4.87 21.94
N LEU G 113 2.08 4.83 23.14
CA LEU G 113 2.41 5.82 24.16
C LEU G 113 3.85 5.67 24.64
N ILE G 114 4.34 4.43 24.73
CA ILE G 114 5.73 4.22 25.12
C ILE G 114 6.67 4.71 24.02
N GLU G 115 6.36 4.40 22.76
CA GLU G 115 7.17 4.86 21.64
C GLU G 115 7.10 6.37 21.43
N ASP G 116 6.06 7.03 21.92
CA ASP G 116 5.99 8.49 21.85
C ASP G 116 6.68 9.16 23.04
N VAL G 117 6.59 8.56 24.24
CA VAL G 117 7.24 9.15 25.41
C VAL G 117 8.75 8.97 25.33
N LEU G 118 9.21 7.86 24.77
CA LEU G 118 10.65 7.65 24.59
C LEU G 118 11.24 8.39 23.39
N LYS G 119 10.51 9.37 22.84
CA LYS G 119 10.93 10.10 21.66
C LYS G 119 10.92 11.61 21.86
N LEU G 120 10.25 12.12 22.90
CA LEU G 120 10.15 13.55 23.14
C LEU G 120 11.50 14.10 23.61
N PRO G 121 11.89 15.29 23.13
CA PRO G 121 13.25 15.78 23.35
C PRO G 121 13.43 16.36 24.75
N GLN G 122 14.66 16.75 25.03
CA GLN G 122 15.06 17.28 26.33
C GLN G 122 15.48 18.74 26.19
N MET G 123 15.65 19.40 27.34
CA MET G 123 16.06 20.80 27.36
C MET G 123 17.28 21.01 28.24
N ASP G 136 9.72 30.69 33.23
CA ASP G 136 9.76 29.65 32.22
C ASP G 136 10.78 28.58 32.61
N LEU G 137 11.84 28.99 33.31
CA LEU G 137 12.90 28.06 33.69
C LEU G 137 12.43 27.07 34.74
N LYS G 138 11.52 27.47 35.63
CA LYS G 138 10.92 26.52 36.56
C LYS G 138 9.98 25.56 35.82
N VAL G 139 9.32 26.03 34.76
CA VAL G 139 8.48 25.15 33.95
C VAL G 139 9.38 24.23 33.12
N LEU G 140 10.55 24.70 32.73
CA LEU G 140 11.54 23.87 32.04
C LEU G 140 12.03 22.74 32.96
N SER G 141 12.35 23.08 34.21
CA SER G 141 12.77 22.06 35.17
C SER G 141 11.64 21.09 35.49
N GLU G 142 10.40 21.58 35.55
CA GLU G 142 9.25 20.71 35.79
C GLU G 142 9.03 19.75 34.62
N TYR G 143 9.20 20.24 33.39
CA TYR G 143 9.08 19.37 32.22
C TYR G 143 10.21 18.35 32.17
N SER G 144 11.42 18.74 32.58
CA SER G 144 12.54 17.80 32.59
C SER G 144 12.32 16.70 33.63
N ASN G 145 11.83 17.07 34.82
CA ASN G 145 11.53 16.08 35.85
C ASN G 145 10.39 15.16 35.41
N LEU G 146 9.41 15.71 34.68
CA LEU G 146 8.30 14.88 34.21
C LEU G 146 8.76 13.93 33.10
N ARG G 147 9.66 14.37 32.23
CA ARG G 147 10.22 13.50 31.20
C ARG G 147 11.02 12.37 31.83
N LYS G 148 11.82 12.68 32.84
CA LYS G 148 12.58 11.66 33.57
C LYS G 148 11.64 10.65 34.25
N ASP G 149 10.56 11.16 34.86
CA ASP G 149 9.62 10.27 35.54
C ASP G 149 8.89 9.36 34.57
N LEU G 150 8.48 9.90 33.41
CA LEU G 150 7.77 9.09 32.43
C LEU G 150 8.67 8.05 31.77
N ILE G 151 9.95 8.40 31.55
CA ILE G 151 10.91 7.44 31.01
C ILE G 151 11.16 6.32 32.03
N LEU G 152 11.19 6.67 33.32
CA LEU G 152 11.29 5.65 34.36
C LEU G 152 10.05 4.77 34.43
N LYS G 153 8.87 5.34 34.16
CA LYS G 153 7.64 4.55 34.06
C LYS G 153 7.72 3.53 32.94
N CYS G 154 8.22 3.93 31.78
CA CYS G 154 8.33 3.00 30.65
C CYS G 154 9.38 1.92 30.91
N GLN G 155 10.49 2.29 31.56
CA GLN G 155 11.52 1.32 31.92
C GLN G 155 10.98 0.27 32.89
N ALA G 156 10.29 0.72 33.95
CA ALA G 156 9.71 -0.19 34.91
C ALA G 156 8.60 -1.03 34.30
N LEU G 157 7.88 -0.48 33.32
CA LEU G 157 6.84 -1.24 32.62
C LEU G 157 7.44 -2.39 31.83
N GLN G 158 8.54 -2.15 31.12
CA GLN G 158 9.17 -3.22 30.35
C GLN G 158 9.79 -4.28 31.26
N ILE G 159 10.43 -3.85 32.35
CA ILE G 159 11.03 -4.80 33.29
C ILE G 159 9.95 -5.65 33.97
N GLY G 160 8.83 -5.02 34.34
CA GLY G 160 7.74 -5.76 34.95
C GLY G 160 7.06 -6.72 33.99
N GLU G 161 6.96 -6.34 32.72
CA GLU G 161 6.37 -7.24 31.73
C GLU G 161 7.25 -8.47 31.49
N SER G 162 8.57 -8.27 31.42
CA SER G 162 9.47 -9.40 31.25
C SER G 162 9.47 -10.32 32.46
N LYS G 163 9.47 -9.73 33.67
CA LYS G 163 9.42 -10.54 34.88
C LYS G 163 8.07 -11.25 35.03
N LEU G 164 6.99 -10.64 34.52
CA LEU G 164 5.69 -11.30 34.56
C LEU G 164 5.64 -12.49 33.61
N SER G 165 6.26 -12.38 32.43
CA SER G 165 6.33 -13.52 31.53
C SER G 165 7.17 -14.65 32.12
N ASP G 166 8.27 -14.29 32.80
CA ASP G 166 9.11 -15.31 33.43
C ASP G 166 8.38 -16.01 34.58
N ILE G 167 7.66 -15.25 35.41
CA ILE G 167 6.97 -15.87 36.53
C ILE G 167 5.74 -16.66 36.04
N LEU G 168 5.19 -16.28 34.88
CA LEU G 168 4.08 -17.04 34.32
C LEU G 168 4.56 -18.39 33.80
N SER G 169 5.72 -18.42 33.14
CA SER G 169 6.30 -19.70 32.71
C SER G 169 6.70 -20.55 33.90
N GLN G 170 7.16 -19.91 34.98
CA GLN G 170 7.52 -20.61 36.21
C GLN G 170 6.30 -21.29 36.84
N THR G 171 5.19 -20.54 37.02
CA THR G 171 3.96 -21.16 37.51
C THR G 171 3.38 -22.19 36.56
N ASN G 172 3.61 -22.05 35.26
CA ASN G 172 3.17 -23.08 34.32
C ASN G 172 3.88 -24.40 34.55
N SER G 173 5.21 -24.35 34.76
CA SER G 173 5.94 -25.58 35.05
C SER G 173 5.58 -26.16 36.41
N ILE G 174 5.34 -25.30 37.40
CA ILE G 174 4.93 -25.75 38.73
C ILE G 174 3.57 -26.45 38.69
N ASN G 175 2.60 -25.83 38.00
CA ASN G 175 1.28 -26.44 37.88
C ASN G 175 1.31 -27.70 37.05
N SER G 176 2.22 -27.79 36.07
CA SER G 176 2.38 -29.02 35.32
C SER G 176 2.91 -30.15 36.20
N LEU G 177 3.86 -29.83 37.09
CA LEU G 177 4.36 -30.85 38.03
C LEU G 177 3.27 -31.32 38.99
N THR G 178 2.48 -30.37 39.52
CA THR G 178 1.45 -30.76 40.49
C THR G 178 0.31 -31.55 39.83
N THR G 179 -0.08 -31.17 38.61
CA THR G 179 -1.09 -31.91 37.88
C THR G 179 -0.58 -33.30 37.50
N SER G 180 0.70 -33.40 37.13
CA SER G 180 1.30 -34.68 36.78
C SER G 180 1.34 -35.63 37.98
N ILE G 181 1.75 -35.13 39.15
CA ILE G 181 1.78 -36.01 40.31
C ILE G 181 0.38 -36.33 40.84
N LYS G 182 -0.59 -35.41 40.66
CA LYS G 182 -1.96 -35.72 41.04
C LYS G 182 -2.59 -36.77 40.13
N GLU G 183 -2.24 -36.77 38.84
CA GLU G 183 -2.77 -37.77 37.94
C GLU G 183 -2.07 -39.11 38.14
N ALA G 184 -0.76 -39.09 38.36
CA ALA G 184 -0.01 -40.34 38.51
C ALA G 184 -0.23 -40.98 39.86
N SER G 185 -0.65 -40.20 40.86
CA SER G 185 -0.92 -40.78 42.17
C SER G 185 -2.41 -41.12 42.33
N GLU G 186 -3.29 -40.15 42.04
CA GLU G 186 -4.75 -40.28 42.14
C GLU G 186 -5.19 -40.66 43.56
N ASP G 187 -4.48 -40.14 44.55
CA ASP G 187 -4.76 -40.44 45.95
C ASP G 187 -4.81 -39.21 46.85
N ASP G 188 -4.54 -38.01 46.31
CA ASP G 188 -4.50 -36.74 47.04
C ASP G 188 -3.51 -36.78 48.22
N ASP G 189 -2.26 -37.10 47.91
CA ASP G 189 -1.18 -37.21 48.89
C ASP G 189 0.06 -36.49 48.40
N ILE G 190 -0.12 -35.24 47.95
CA ILE G 190 0.98 -34.50 47.33
C ILE G 190 1.99 -34.06 48.38
N SER G 191 1.52 -33.68 49.58
CA SER G 191 2.44 -33.28 50.64
C SER G 191 3.15 -34.49 51.23
N GLU G 192 2.48 -35.64 51.26
CA GLU G 192 3.13 -36.86 51.73
C GLU G 192 4.04 -37.46 50.67
N TYR G 193 3.92 -37.02 49.42
CA TYR G 193 4.77 -37.53 48.36
C TYR G 193 6.19 -36.97 48.48
N PHE G 194 6.30 -35.65 48.66
CA PHE G 194 7.61 -35.02 48.78
C PHE G 194 8.29 -35.34 50.11
N ALA G 195 7.53 -35.45 51.19
CA ALA G 195 8.12 -35.72 52.50
C ALA G 195 8.63 -37.16 52.61
N THR G 196 7.95 -38.10 51.96
CA THR G 196 8.36 -39.49 51.96
C THR G 196 9.01 -39.91 50.65
N TYR G 197 9.45 -38.95 49.83
CA TYR G 197 10.24 -39.27 48.65
C TYR G 197 11.59 -39.84 49.05
N ASN G 198 12.15 -39.35 50.16
CA ASN G 198 13.38 -39.92 50.70
C ASN G 198 13.13 -41.33 51.21
N GLY G 199 11.93 -41.57 51.76
CA GLY G 199 11.60 -42.90 52.26
C GLY G 199 11.42 -43.93 51.16
N LYS G 200 10.90 -43.51 50.01
CA LYS G 200 10.78 -44.44 48.89
C LYS G 200 12.12 -44.67 48.19
N LEU G 201 13.11 -43.83 48.47
CA LEU G 201 14.40 -43.97 47.81
C LEU G 201 15.38 -44.74 48.67
N VAL G 202 15.22 -44.69 50.00
CA VAL G 202 16.11 -45.44 50.87
C VAL G 202 15.74 -46.93 50.85
N VAL G 203 14.47 -47.24 50.56
CA VAL G 203 14.09 -48.64 50.42
C VAL G 203 14.35 -49.14 49.01
N ALA G 204 14.60 -48.23 48.06
CA ALA G 204 14.87 -48.64 46.69
C ALA G 204 16.34 -49.04 46.51
N LEU G 205 17.25 -48.21 47.01
CA LEU G 205 18.67 -48.51 46.83
C LEU G 205 19.13 -49.61 47.79
N GLU G 206 18.41 -49.82 48.89
CA GLU G 206 18.72 -50.95 49.76
C GLU G 206 18.26 -52.26 49.13
N GLU G 207 17.12 -52.24 48.43
CA GLU G 207 16.65 -53.44 47.75
C GLU G 207 17.43 -53.70 46.48
N MET G 208 17.95 -52.65 45.85
CA MET G 208 18.74 -52.83 44.64
C MET G 208 20.12 -53.40 44.95
N LYS G 209 20.60 -53.23 46.18
CA LYS G 209 21.88 -53.83 46.56
C LYS G 209 21.74 -55.33 46.76
N LEU G 210 20.53 -55.81 47.05
CA LEU G 210 20.29 -57.24 47.14
C LEU G 210 20.30 -57.88 45.76
N LEU G 211 19.91 -57.13 44.73
CA LEU G 211 19.98 -57.64 43.36
C LEU G 211 21.42 -57.66 42.86
N LEU G 212 22.24 -56.71 43.31
CA LEU G 212 23.65 -56.73 42.94
C LEU G 212 24.40 -57.84 43.67
N GLU G 213 23.97 -58.16 44.89
CA GLU G 213 24.56 -59.28 45.62
C GLU G 213 24.12 -60.60 45.02
N GLU G 214 22.93 -60.64 44.40
CA GLU G 214 22.48 -61.85 43.74
C GLU G 214 23.04 -61.97 42.33
N ALA G 215 23.72 -60.92 41.84
CA ALA G 215 24.32 -60.99 40.52
C ALA G 215 25.83 -60.88 40.57
N VAL G 216 26.41 -60.92 41.78
CA VAL G 216 27.87 -60.79 41.89
C VAL G 216 28.54 -62.14 41.72
N LYS G 217 28.16 -63.12 42.54
CA LYS G 217 28.80 -64.44 42.53
C LYS G 217 27.78 -65.57 42.44
N THR G 218 26.72 -65.37 41.66
CA THR G 218 25.73 -66.42 41.41
C THR G 218 25.66 -66.80 39.94
N PHE G 219 25.63 -65.82 39.04
CA PHE G 219 25.68 -66.09 37.61
C PHE G 219 27.07 -66.51 37.13
N GLY G 220 28.10 -65.79 37.59
CA GLY G 220 29.52 -66.05 37.31
C GLY G 220 29.82 -66.08 35.81
N ASN G 221 29.24 -65.14 35.06
CA ASN G 221 29.43 -65.08 33.62
C ASN G 221 30.47 -64.03 33.28
N SER G 222 30.88 -64.00 32.01
CA SER G 222 31.79 -62.97 31.52
C SER G 222 31.36 -62.36 30.19
N PRO G 223 30.38 -62.94 29.49
CA PRO G 223 29.87 -62.39 28.25
C PRO G 223 28.50 -61.72 28.41
N GLU G 224 27.63 -62.28 29.26
CA GLU G 224 26.35 -61.64 29.51
C GLU G 224 26.48 -60.54 30.55
N LYS G 225 27.64 -60.48 31.23
CA LYS G 225 27.90 -59.38 32.17
C LYS G 225 28.04 -58.06 31.44
N ARG G 226 28.58 -58.09 30.23
CA ARG G 226 28.66 -56.88 29.41
C ARG G 226 27.27 -56.42 28.98
N GLU G 227 26.38 -57.36 28.66
CA GLU G 227 25.02 -57.02 28.29
C GLU G 227 24.25 -56.47 29.50
N LYS G 228 24.48 -57.03 30.68
CA LYS G 228 23.83 -56.53 31.89
C LYS G 228 24.34 -55.13 32.26
N ILE G 229 25.64 -54.90 32.09
CA ILE G 229 26.20 -53.58 32.36
C ILE G 229 25.71 -52.54 31.36
N LYS G 230 25.56 -52.94 30.08
CA LYS G 230 25.02 -52.04 29.08
C LYS G 230 23.55 -51.74 29.32
N LYS G 231 22.79 -52.74 29.77
CA LYS G 231 21.37 -52.52 30.09
C LYS G 231 21.22 -51.61 31.30
N ILE G 232 22.06 -51.77 32.31
CA ILE G 232 22.02 -50.89 33.47
C ILE G 232 22.42 -49.46 33.11
N LEU G 233 23.50 -49.30 32.32
CA LEU G 233 23.98 -47.96 32.00
C LEU G 233 23.14 -47.29 30.92
N SER G 234 22.29 -48.06 30.23
CA SER G 234 21.37 -47.47 29.26
C SER G 234 19.95 -47.35 29.78
N GLU G 235 19.66 -47.94 30.93
CA GLU G 235 18.40 -47.67 31.62
C GLU G 235 18.53 -46.61 32.69
N LEU G 236 19.74 -46.39 33.22
CA LEU G 236 19.96 -45.30 34.16
C LEU G 236 20.31 -44.00 33.47
N LYS G 237 20.45 -43.99 32.15
CA LYS G 237 20.78 -42.80 31.40
C LYS G 237 19.89 -42.56 30.19
N LYS G 238 19.23 -43.60 29.69
CA LYS G 238 18.35 -43.47 28.53
C LYS G 238 17.09 -44.30 28.70
N SER H 3 3.26 53.51 2.96
CA SER H 3 1.82 53.49 3.15
C SER H 3 1.28 54.90 3.34
N GLU H 4 1.64 55.52 4.46
CA GLU H 4 1.22 56.89 4.74
C GLU H 4 1.85 57.88 3.77
N GLN H 5 3.04 57.56 3.26
CA GLN H 5 3.71 58.42 2.29
C GLN H 5 3.02 58.42 0.93
N LEU H 6 2.11 57.47 0.68
CA LEU H 6 1.27 57.53 -0.51
C LEU H 6 -0.02 58.28 -0.25
N LEU H 7 -0.59 58.11 0.95
CA LEU H 7 -1.86 58.75 1.27
C LEU H 7 -1.70 60.26 1.45
N HIS H 8 -0.57 60.70 2.02
CA HIS H 8 -0.31 62.13 2.12
C HIS H 8 -0.13 62.77 0.75
N ASN H 9 0.51 62.07 -0.19
CA ASN H 9 0.61 62.58 -1.55
C ASN H 9 -0.74 62.63 -2.24
N TYR H 10 -1.57 61.59 -2.04
CA TYR H 10 -2.90 61.55 -2.65
C TYR H 10 -3.82 62.61 -2.08
N VAL H 11 -3.63 62.97 -0.81
CA VAL H 11 -4.52 63.96 -0.20
C VAL H 11 -4.04 65.38 -0.51
N SER H 12 -2.75 65.66 -0.30
CA SER H 12 -2.26 67.02 -0.50
C SER H 12 -2.06 67.33 -1.99
N ASP H 13 -2.12 66.32 -2.86
CA ASP H 13 -2.10 66.59 -4.29
C ASP H 13 -3.50 66.88 -4.82
N SER H 14 -4.52 66.71 -3.98
CA SER H 14 -5.89 67.00 -4.37
C SER H 14 -6.52 67.90 -3.32
N LEU H 15 -6.24 69.20 -3.46
CA LEU H 15 -6.79 70.23 -2.59
C LEU H 15 -6.86 71.52 -3.37
N LEU H 16 -7.01 72.63 -2.64
CA LEU H 16 -6.89 73.94 -3.27
C LEU H 16 -5.47 74.48 -3.16
N THR H 17 -4.49 73.61 -2.92
CA THR H 17 -3.09 74.02 -2.91
C THR H 17 -2.38 73.68 -4.22
N THR H 18 -3.11 73.34 -5.27
CA THR H 18 -2.50 72.91 -6.52
C THR H 18 -2.71 73.91 -7.65
N LEU H 19 -3.79 74.67 -7.64
CA LEU H 19 -4.06 75.63 -8.71
C LEU H 19 -4.17 77.05 -8.23
N ILE H 20 -4.15 77.28 -6.92
CA ILE H 20 -4.38 78.61 -6.37
C ILE H 20 -3.07 79.36 -6.18
N SER H 21 -1.95 78.65 -5.98
CA SER H 21 -0.66 79.30 -5.86
C SER H 21 -0.12 79.79 -7.21
N PHE H 22 -0.81 79.47 -8.30
CA PHE H 22 -0.38 79.95 -9.61
C PHE H 22 -1.08 81.25 -9.98
N GLN H 23 -2.39 81.34 -9.73
CA GLN H 23 -3.16 82.53 -10.08
C GLN H 23 -3.09 83.61 -9.01
N GLU H 24 -2.30 83.42 -7.96
CA GLU H 24 -2.18 84.43 -6.91
C GLU H 24 -1.30 85.59 -7.38
N GLU H 36 -6.14 94.62 -4.21
CA GLU H 36 -4.96 94.46 -3.37
C GLU H 36 -5.26 93.61 -2.14
N GLN H 37 -5.51 94.28 -1.02
CA GLN H 37 -5.78 93.58 0.23
C GLN H 37 -7.20 93.04 0.29
N GLN H 38 -8.12 93.59 -0.52
CA GLN H 38 -9.50 93.11 -0.50
C GLN H 38 -9.62 91.74 -1.14
N LEU H 39 -8.70 91.40 -2.05
CA LEU H 39 -8.66 90.05 -2.59
C LEU H 39 -7.56 89.22 -1.93
N GLN H 40 -6.93 89.75 -0.89
CA GLN H 40 -5.87 89.03 -0.21
C GLN H 40 -6.39 88.36 1.06
N HIS H 41 -7.49 88.89 1.62
CA HIS H 41 -8.07 88.28 2.81
C HIS H 41 -8.85 87.02 2.47
N TRP H 42 -9.17 86.81 1.19
CA TRP H 42 -9.90 85.62 0.80
C TRP H 42 -8.96 84.41 0.71
N TYR H 43 -7.96 84.48 -0.18
CA TYR H 43 -7.13 83.32 -0.44
C TYR H 43 -6.07 83.08 0.62
N GLU H 44 -5.95 83.96 1.60
CA GLU H 44 -5.16 83.64 2.78
C GLU H 44 -5.97 82.80 3.76
N LEU H 45 -7.22 83.19 4.00
CA LEU H 45 -8.09 82.41 4.86
C LEU H 45 -8.58 81.15 4.16
N LEU H 46 -8.50 81.10 2.83
CA LEU H 46 -8.90 79.92 2.08
C LEU H 46 -7.95 78.76 2.32
N GLN H 47 -6.65 78.99 2.07
CA GLN H 47 -5.67 77.93 2.26
C GLN H 47 -5.42 77.63 3.73
N ALA H 48 -5.68 78.60 4.61
CA ALA H 48 -5.59 78.34 6.04
C ALA H 48 -6.72 77.43 6.49
N ARG H 49 -7.92 77.60 5.91
CA ARG H 49 -9.00 76.66 6.18
C ARG H 49 -8.93 75.45 5.27
N ASP H 50 -8.06 75.49 4.27
CA ASP H 50 -7.70 74.27 3.54
C ASP H 50 -6.51 73.60 4.18
N ALA H 51 -6.00 74.18 5.26
CA ALA H 51 -4.99 73.50 6.06
C ALA H 51 -5.62 72.80 7.26
N ARG H 52 -6.86 73.17 7.58
CA ARG H 52 -7.58 72.50 8.66
C ARG H 52 -8.04 71.12 8.25
N VAL H 53 -8.28 70.93 6.96
CA VAL H 53 -8.75 69.64 6.47
C VAL H 53 -7.59 68.64 6.40
N THR H 54 -6.39 69.11 6.04
CA THR H 54 -5.27 68.19 5.90
C THR H 54 -4.62 67.90 7.25
N SER H 55 -5.04 68.61 8.30
CA SER H 55 -4.57 68.30 9.64
C SER H 55 -5.41 67.22 10.30
N GLU H 56 -6.73 67.34 10.20
CA GLU H 56 -7.62 66.38 10.87
C GLU H 56 -7.68 65.07 10.08
N LEU H 57 -7.32 65.10 8.80
CA LEU H 57 -7.38 63.88 8.00
C LEU H 57 -6.04 63.15 8.01
N GLU H 58 -4.95 63.87 8.26
CA GLU H 58 -3.66 63.19 8.43
C GLU H 58 -3.63 62.41 9.73
N ALA H 59 -4.38 62.86 10.73
CA ALA H 59 -4.56 62.05 11.94
C ALA H 59 -5.52 60.90 11.69
N ARG H 60 -6.37 61.01 10.65
CA ARG H 60 -7.29 59.93 10.34
C ARG H 60 -6.59 58.79 9.60
N ILE H 61 -5.70 59.13 8.67
CA ILE H 61 -5.00 58.10 7.92
C ILE H 61 -3.92 57.46 8.77
N LYS H 62 -3.43 58.19 9.79
CA LYS H 62 -2.43 57.64 10.68
C LYS H 62 -3.06 56.66 11.66
N GLN H 63 -4.21 57.03 12.23
CA GLN H 63 -4.87 56.18 13.22
C GLN H 63 -5.49 54.94 12.57
N PHE H 64 -5.77 55.00 11.28
CA PHE H 64 -6.36 53.85 10.59
C PHE H 64 -5.35 52.72 10.43
N PHE H 65 -4.10 53.06 10.11
CA PHE H 65 -3.11 52.02 9.87
C PHE H 65 -2.64 51.37 11.16
N ILE H 66 -2.70 52.11 12.27
CA ILE H 66 -2.46 51.49 13.57
C ILE H 66 -3.60 50.56 13.94
N THR H 67 -4.83 50.94 13.57
CA THR H 67 -5.96 50.06 13.74
C THR H 67 -5.88 48.86 12.78
N LEU H 68 -5.38 49.10 11.57
CA LEU H 68 -5.30 48.03 10.58
C LEU H 68 -4.21 47.02 10.92
N ARG H 69 -3.02 47.49 11.27
CA ARG H 69 -1.90 46.58 11.48
C ARG H 69 -2.04 45.81 12.79
N SER H 70 -2.65 46.40 13.81
CA SER H 70 -2.91 45.65 15.03
C SER H 70 -3.99 44.61 14.84
N ARG H 71 -4.92 44.85 13.91
CA ARG H 71 -5.90 43.84 13.56
C ARG H 71 -5.27 42.75 12.71
N LEU H 72 -4.16 43.06 12.05
CA LEU H 72 -3.47 42.05 11.26
C LEU H 72 -2.43 41.30 12.10
N LEU H 73 -1.81 41.99 13.06
CA LEU H 73 -0.79 41.36 13.89
C LEU H 73 -1.42 40.40 14.90
N ARG H 74 -2.57 40.77 15.46
CA ARG H 74 -3.24 39.88 16.40
C ARG H 74 -3.92 38.72 15.68
N PHE H 75 -4.14 38.84 14.38
CA PHE H 75 -4.60 37.69 13.60
C PHE H 75 -3.45 36.74 13.33
N LEU H 76 -2.27 37.27 13.00
CA LEU H 76 -1.12 36.43 12.70
C LEU H 76 -0.58 35.74 13.94
N GLU H 77 -0.73 36.39 15.11
CA GLU H 77 -0.35 35.74 16.36
C GLU H 77 -1.36 34.70 16.79
N SER H 78 -2.58 34.78 16.25
CA SER H 78 -3.60 33.79 16.57
C SER H 78 -3.59 32.65 15.55
N GLU H 79 -2.70 32.72 14.56
CA GLU H 79 -2.61 31.64 13.58
C GLU H 79 -1.38 30.78 13.81
N GLN H 80 -0.33 31.37 14.41
CA GLN H 80 0.89 30.61 14.67
C GLN H 80 0.71 29.70 15.89
N LEU H 81 -0.10 30.14 16.86
CA LEU H 81 -0.33 29.33 18.06
C LEU H 81 -1.34 28.22 17.84
N SER H 82 -1.84 28.05 16.61
CA SER H 82 -2.58 26.84 16.27
C SER H 82 -1.66 25.79 15.67
N HIS H 83 -0.37 26.10 15.55
CA HIS H 83 0.62 25.17 15.01
C HIS H 83 1.80 25.02 15.96
N SER H 84 1.89 25.85 16.99
CA SER H 84 2.94 25.79 17.99
C SER H 84 2.33 25.33 19.32
N LEU H 85 3.17 24.80 20.19
CA LEU H 85 2.72 24.25 21.46
C LEU H 85 3.29 25.05 22.63
N SER H 86 2.58 24.97 23.75
CA SER H 86 2.97 25.66 24.97
C SER H 86 3.64 24.66 25.91
N LEU H 87 3.98 25.13 27.11
CA LEU H 87 4.54 24.29 28.15
C LEU H 87 3.55 24.13 29.31
N GLU H 88 2.26 24.20 29.02
CA GLU H 88 1.23 23.98 30.02
C GLU H 88 0.21 22.95 29.62
N THR H 89 -0.17 22.91 28.34
CA THR H 89 -1.06 21.85 27.86
C THR H 89 -0.31 20.54 27.70
N LEU H 90 0.97 20.61 27.29
CA LEU H 90 1.79 19.42 27.20
C LEU H 90 2.05 18.81 28.57
N ILE H 91 2.17 19.65 29.60
CA ILE H 91 2.36 19.16 30.96
C ILE H 91 1.08 18.48 31.47
N ASP H 92 -0.09 19.01 31.10
CA ASP H 92 -1.35 18.38 31.49
C ASP H 92 -1.55 17.04 30.78
N ALA H 93 -1.21 16.99 29.50
CA ALA H 93 -1.28 15.73 28.76
C ALA H 93 -0.30 14.71 29.31
N LEU H 94 0.90 15.16 29.72
CA LEU H 94 1.86 14.24 30.31
C LEU H 94 1.45 13.80 31.70
N TYR H 95 0.72 14.65 32.44
CA TYR H 95 0.12 14.20 33.70
C TYR H 95 -0.92 13.12 33.47
N LYS H 96 -1.73 13.26 32.42
CA LYS H 96 -2.70 12.22 32.08
C LYS H 96 -2.02 10.92 31.68
N ILE H 97 -0.94 11.02 30.89
CA ILE H 97 -0.19 9.83 30.49
C ILE H 97 0.52 9.21 31.69
N ASN H 98 0.97 10.03 32.65
CA ASN H 98 1.57 9.51 33.87
C ASN H 98 0.56 8.77 34.72
N ASP H 99 -0.68 9.27 34.78
CA ASP H 99 -1.74 8.54 35.49
C ASP H 99 -2.07 7.23 34.79
N LEU H 100 -2.08 7.23 33.46
CA LEU H 100 -2.30 6.00 32.68
C LEU H 100 -1.23 4.95 32.96
N LEU H 101 0.04 5.38 32.95
CA LEU H 101 1.12 4.43 33.18
C LEU H 101 1.18 3.98 34.64
N GLN H 102 0.76 4.83 35.58
CA GLN H 102 0.67 4.41 36.97
C GLN H 102 -0.42 3.37 37.18
N GLN H 103 -1.56 3.53 36.47
CA GLN H 103 -2.62 2.52 36.53
C GLN H 103 -2.16 1.21 35.91
N ARG H 104 -1.41 1.28 34.80
CA ARG H 104 -0.87 0.07 34.18
C ARG H 104 0.12 -0.64 35.08
N LEU H 105 0.98 0.11 35.76
CA LEU H 105 1.92 -0.48 36.70
C LEU H 105 1.21 -1.05 37.92
N GLN H 106 0.07 -0.45 38.31
CA GLN H 106 -0.70 -0.98 39.42
C GLN H 106 -1.33 -2.34 39.09
N ILE H 107 -1.92 -2.46 37.89
CA ILE H 107 -2.52 -3.75 37.55
C ILE H 107 -1.45 -4.80 37.26
N LEU H 108 -0.27 -4.37 36.77
CA LEU H 108 0.84 -5.30 36.59
C LEU H 108 1.36 -5.80 37.94
N ASP H 109 1.43 -4.91 38.93
CA ASP H 109 1.85 -5.32 40.27
C ASP H 109 0.81 -6.22 40.92
N ASP H 110 -0.48 -6.02 40.62
CA ASP H 110 -1.50 -6.93 41.12
C ASP H 110 -1.33 -8.34 40.54
N ALA H 111 -1.00 -8.42 39.24
CA ALA H 111 -0.76 -9.73 38.64
C ALA H 111 0.49 -10.40 39.20
N ILE H 112 1.53 -9.62 39.49
CA ILE H 112 2.75 -10.16 40.11
C ILE H 112 2.45 -10.64 41.52
N GLN H 113 1.57 -9.93 42.24
CA GLN H 113 1.18 -10.35 43.58
C GLN H 113 0.40 -11.67 43.56
N GLU H 114 -0.47 -11.83 42.57
CA GLU H 114 -1.18 -13.11 42.41
C GLU H 114 -0.22 -14.26 42.10
N LYS H 115 0.77 -14.01 41.25
CA LYS H 115 1.70 -15.09 40.89
C LYS H 115 2.64 -15.43 42.04
N THR H 116 3.06 -14.45 42.82
CA THR H 116 3.89 -14.80 43.97
C THR H 116 3.07 -15.38 45.11
N SER H 117 1.75 -15.14 45.16
CA SER H 117 0.90 -15.88 46.09
C SER H 117 0.79 -17.33 45.67
N GLU H 118 0.74 -17.59 44.36
CA GLU H 118 0.80 -18.98 43.88
C GLU H 118 2.13 -19.64 44.22
N LEU H 119 3.23 -18.88 44.12
CA LEU H 119 4.54 -19.39 44.53
C LEU H 119 4.60 -19.68 46.03
N ALA H 120 3.98 -18.82 46.85
CA ALA H 120 3.92 -19.06 48.28
C ALA H 120 3.05 -20.27 48.61
N GLU H 121 2.00 -20.50 47.82
CA GLU H 121 1.19 -21.70 47.99
C GLU H 121 1.97 -22.96 47.61
N PHE H 122 2.89 -22.84 46.66
CA PHE H 122 3.72 -23.99 46.30
C PHE H 122 4.86 -24.19 47.29
N GLU H 123 5.29 -23.12 47.98
CA GLU H 123 6.54 -23.15 48.74
C GLU H 123 6.46 -24.05 49.98
N ASN H 124 5.31 -24.09 50.65
CA ASN H 124 5.14 -24.92 51.82
C ASN H 124 4.71 -26.35 51.47
N MET H 125 4.35 -26.60 50.22
CA MET H 125 4.00 -27.94 49.77
C MET H 125 5.20 -28.87 49.65
N VAL H 126 6.37 -28.34 49.33
CA VAL H 126 7.56 -29.13 49.07
C VAL H 126 8.58 -29.06 50.19
N ARG H 127 8.22 -28.52 51.35
CA ARG H 127 9.16 -28.49 52.45
C ARG H 127 9.10 -29.80 53.22
N SER H 128 10.21 -30.15 53.87
CA SER H 128 10.30 -31.34 54.71
C SER H 128 11.20 -31.01 55.90
N PRO H 129 10.66 -30.40 56.95
CA PRO H 129 11.50 -30.07 58.12
C PRO H 129 11.85 -31.32 58.92
N SER H 130 13.09 -31.76 58.78
CA SER H 130 13.54 -33.01 59.39
C SER H 130 15.06 -32.96 59.51
N ALA H 131 15.67 -34.11 59.78
CA ALA H 131 17.11 -34.28 59.89
C ALA H 131 17.64 -35.26 58.87
N GLY H 132 17.26 -35.11 57.61
CA GLY H 132 17.48 -36.12 56.58
C GLY H 132 18.89 -36.30 56.05
N ASP H 133 19.90 -35.89 56.82
CA ASP H 133 21.28 -36.20 56.48
C ASP H 133 21.65 -37.63 56.87
N ASN H 134 20.87 -38.24 57.76
CA ASN H 134 21.11 -39.64 58.13
C ASN H 134 20.72 -40.57 57.00
N ALA H 135 19.55 -40.33 56.39
CA ALA H 135 19.15 -41.12 55.22
C ALA H 135 20.02 -40.78 54.01
N ILE H 136 20.53 -39.55 53.96
CA ILE H 136 21.51 -39.19 52.94
C ILE H 136 22.81 -39.96 53.12
N PRO H 137 23.25 -40.15 54.37
CA PRO H 137 24.43 -40.96 54.64
C PRO H 137 24.17 -42.43 54.35
N GLY H 138 22.94 -42.89 54.57
CA GLY H 138 22.57 -44.26 54.22
C GLY H 138 22.57 -44.45 52.70
N LEU H 139 22.12 -43.43 51.96
CA LEU H 139 22.17 -43.49 50.51
C LEU H 139 23.62 -43.46 50.01
N LEU H 140 24.49 -42.72 50.69
CA LEU H 140 25.91 -42.70 50.31
C LEU H 140 26.58 -44.04 50.61
N GLN H 141 26.23 -44.68 51.72
CA GLN H 141 26.75 -46.01 52.04
C GLN H 141 26.22 -47.05 51.06
N ILE H 142 24.96 -46.91 50.64
CA ILE H 142 24.42 -47.82 49.63
C ILE H 142 25.07 -47.58 48.28
N ILE H 143 25.45 -46.34 47.98
CA ILE H 143 26.20 -46.04 46.77
C ILE H 143 27.58 -46.67 46.79
N GLN H 144 28.25 -46.61 47.95
CA GLN H 144 29.56 -47.24 48.09
C GLN H 144 29.45 -48.77 47.96
N SER H 145 28.40 -49.36 48.55
CA SER H 145 28.21 -50.80 48.44
C SER H 145 27.86 -51.21 47.01
N TYR H 146 27.08 -50.38 46.30
CA TYR H 146 26.74 -50.68 44.91
C TYR H 146 27.96 -50.55 44.00
N ILE H 147 28.81 -49.56 44.27
CA ILE H 147 30.06 -49.43 43.51
C ILE H 147 31.01 -50.59 43.80
N ASN H 148 31.02 -51.07 45.04
CA ASN H 148 31.84 -52.23 45.38
C ASN H 148 31.31 -53.50 44.71
N LEU H 149 29.99 -53.65 44.63
CA LEU H 149 29.41 -54.82 43.97
C LEU H 149 29.48 -54.72 42.46
N LEU H 150 29.60 -53.52 41.90
CA LEU H 150 29.65 -53.36 40.45
C LEU H 150 31.07 -53.44 39.91
N GLU H 151 32.01 -52.76 40.57
CA GLU H 151 33.39 -52.74 40.10
C GLU H 151 34.11 -54.07 40.29
N GLU H 152 33.67 -54.90 41.23
CA GLU H 152 34.26 -56.21 41.45
C GLU H 152 33.54 -57.32 40.70
N ASN H 153 32.87 -57.00 39.59
CA ASN H 153 32.16 -58.01 38.81
C ASN H 153 32.77 -58.14 37.42
#